data_5C54
#
_entry.id   5C54
#
_cell.length_a   80.506
_cell.length_b   96.285
_cell.length_c   163.288
_cell.angle_alpha   90.000
_cell.angle_beta   92.330
_cell.angle_gamma   90.000
#
_symmetry.space_group_name_H-M   'P 1 21 1'
#
loop_
_entity.id
_entity.type
_entity.pdbx_description
1 polymer 'Dihydrodipicolinate synthase/N-acetylneuraminate lyase'
2 non-polymer GLYCEROL
3 water water
#
_entity_poly.entity_id   1
_entity_poly.type   'polypeptide(L)'
_entity_poly.pdbx_seq_one_letter_code
;MASATFTGVIPPVMTPLHADGSVDVESLRKLVDHLINGGVDGLFALGSSGEAAFLTRAQRKLALTTIIEHTAGRVPVTAG
VIETTTARVIELVEDALEAGAEGLVATAPFYTRTHDVEIEEHFRKIHAAAPELPLFAYNIPVSVHSNLNPVMLLTLAKDG
VLAGTKDSSGNDGAIRSLIEARDDAGLTEQFKILTGSETTVDFAYLAGADGVVPGLGNVDPAAYAALAKLCLDGKWAEAA
ALQKRINHLFHIVFVGDTSHMSGSSAGLGGFKTALAHLGIIESNAMAVPHQSLSDEETARIHAIVDEFLYTA
;
_entity_poly.pdbx_strand_id   A,B,C,D,E,F,G,H
#
loop_
_chem_comp.id
_chem_comp.type
_chem_comp.name
_chem_comp.formula
GOL non-polymer GLYCEROL 'C3 H8 O3'
#
# COMPACT_ATOMS: atom_id res chain seq x y z
N SER A 3 -10.94 -45.19 -57.19
CA SER A 3 -10.03 -44.50 -56.30
C SER A 3 -10.76 -43.99 -55.04
N ALA A 4 -10.28 -44.43 -53.87
CA ALA A 4 -10.92 -44.11 -52.59
C ALA A 4 -10.98 -42.61 -52.33
N THR A 5 -11.98 -42.20 -51.55
CA THR A 5 -12.13 -40.78 -51.21
C THR A 5 -12.01 -40.61 -49.70
N PHE A 6 -11.14 -39.71 -49.27
CA PHE A 6 -10.88 -39.57 -47.85
C PHE A 6 -11.54 -38.31 -47.32
N THR A 7 -12.79 -38.48 -46.90
CA THR A 7 -13.54 -37.46 -46.20
C THR A 7 -14.18 -38.06 -44.96
N GLY A 8 -14.76 -37.21 -44.11
CA GLY A 8 -15.39 -37.66 -42.89
C GLY A 8 -14.42 -37.86 -41.73
N VAL A 9 -14.79 -38.76 -40.83
CA VAL A 9 -14.01 -38.99 -39.62
C VAL A 9 -12.98 -40.09 -39.87
N ILE A 10 -11.71 -39.71 -39.83
CA ILE A 10 -10.62 -40.61 -40.20
C ILE A 10 -9.53 -40.56 -39.13
N PRO A 11 -9.64 -41.39 -38.09
CA PRO A 11 -8.64 -41.26 -37.01
C PRO A 11 -7.26 -41.72 -37.41
N PRO A 12 -6.23 -41.12 -36.79
CA PRO A 12 -4.86 -41.62 -36.96
C PRO A 12 -4.66 -42.80 -36.01
N VAL A 13 -4.77 -44.00 -36.56
CA VAL A 13 -4.79 -45.23 -35.75
C VAL A 13 -3.53 -45.33 -34.90
N MET A 14 -3.70 -45.61 -33.61
CA MET A 14 -2.53 -45.80 -32.74
C MET A 14 -1.88 -47.14 -32.99
N THR A 15 -0.67 -47.29 -32.45
CA THR A 15 0.01 -48.58 -32.49
C THR A 15 0.16 -49.13 -31.08
N PRO A 16 -0.69 -50.10 -30.71
CA PRO A 16 -0.51 -50.82 -29.44
C PRO A 16 0.79 -51.62 -29.46
N LEU A 17 1.44 -51.70 -28.31
CA LEU A 17 2.76 -52.34 -28.20
C LEU A 17 2.81 -53.33 -27.06
N HIS A 18 3.70 -54.31 -27.18
CA HIS A 18 4.07 -55.16 -26.05
C HIS A 18 5.11 -54.43 -25.20
N ALA A 19 5.39 -54.96 -24.00
CA ALA A 19 6.36 -54.31 -23.12
C ALA A 19 7.75 -54.24 -23.73
N ASP A 20 8.08 -55.18 -24.62
CA ASP A 20 9.41 -55.18 -25.23
C ASP A 20 9.48 -54.25 -26.45
N GLY A 21 8.39 -53.53 -26.71
CA GLY A 21 8.38 -52.55 -27.79
C GLY A 21 7.90 -53.05 -29.14
N SER A 22 7.61 -54.34 -29.26
CA SER A 22 7.15 -54.88 -30.53
C SER A 22 5.67 -54.54 -30.74
N VAL A 23 5.23 -54.58 -31.99
CA VAL A 23 3.85 -54.28 -32.32
C VAL A 23 2.92 -55.37 -31.77
N ASP A 24 1.92 -54.94 -31.01
CA ASP A 24 0.91 -55.84 -30.44
C ASP A 24 -0.17 -56.02 -31.50
N VAL A 25 -0.01 -57.05 -32.31
CA VAL A 25 -0.87 -57.25 -33.48
C VAL A 25 -2.31 -57.54 -33.07
N GLU A 26 -2.47 -58.33 -32.01
CA GLU A 26 -3.80 -58.72 -31.55
C GLU A 26 -4.58 -57.49 -31.07
N SER A 27 -3.92 -56.62 -30.32
CA SER A 27 -4.55 -55.40 -29.84
C SER A 27 -4.81 -54.42 -30.97
N LEU A 28 -3.93 -54.39 -31.97
CA LEU A 28 -4.11 -53.51 -33.13
C LEU A 28 -5.36 -53.92 -33.91
N ARG A 29 -5.60 -55.22 -34.00
CA ARG A 29 -6.81 -55.69 -34.67
C ARG A 29 -8.05 -55.26 -33.91
N LYS A 30 -8.02 -55.39 -32.59
CA LYS A 30 -9.13 -54.99 -31.75
C LYS A 30 -9.38 -53.49 -31.88
N LEU A 31 -8.30 -52.71 -31.99
CA LEU A 31 -8.45 -51.26 -32.14
C LEU A 31 -9.10 -50.91 -33.48
N VAL A 32 -8.65 -51.57 -34.55
CA VAL A 32 -9.26 -51.36 -35.85
C VAL A 32 -10.77 -51.64 -35.81
N ASP A 33 -11.16 -52.75 -35.18
CA ASP A 33 -12.58 -53.04 -35.03
C ASP A 33 -13.31 -51.98 -34.20
N HIS A 34 -12.65 -51.51 -33.15
CA HIS A 34 -13.19 -50.48 -32.28
C HIS A 34 -13.52 -49.23 -33.10
N LEU A 35 -12.60 -48.83 -33.97
CA LEU A 35 -12.78 -47.63 -34.77
C LEU A 35 -13.88 -47.81 -35.81
N ILE A 36 -13.82 -48.91 -36.54
CA ILE A 36 -14.78 -49.15 -37.63
C ILE A 36 -16.19 -49.32 -37.06
N ASN A 37 -16.34 -50.15 -36.03
CA ASN A 37 -17.66 -50.34 -35.41
C ASN A 37 -18.11 -49.12 -34.62
N GLY A 38 -17.17 -48.20 -34.42
CA GLY A 38 -17.48 -46.94 -33.75
C GLY A 38 -18.04 -45.93 -34.72
N GLY A 39 -18.01 -46.26 -36.01
CA GLY A 39 -18.59 -45.41 -37.03
C GLY A 39 -17.66 -44.53 -37.86
N VAL A 40 -16.36 -44.77 -37.82
CA VAL A 40 -15.46 -43.92 -38.60
C VAL A 40 -15.62 -44.14 -40.10
N ASP A 41 -15.16 -43.17 -40.88
CA ASP A 41 -15.32 -43.22 -42.34
C ASP A 41 -14.06 -43.70 -43.09
N GLY A 42 -12.96 -43.81 -42.37
CA GLY A 42 -11.70 -44.23 -42.94
C GLY A 42 -10.66 -44.33 -41.84
N LEU A 43 -9.47 -44.81 -42.19
CA LEU A 43 -8.38 -44.94 -41.23
C LEU A 43 -7.10 -44.36 -41.79
N PHE A 44 -6.39 -43.62 -40.96
CA PHE A 44 -5.09 -43.09 -41.30
C PHE A 44 -4.05 -43.91 -40.52
N ALA A 45 -3.36 -44.80 -41.23
CA ALA A 45 -2.30 -45.62 -40.64
C ALA A 45 -0.95 -44.92 -40.73
N LEU A 46 -0.13 -45.09 -39.68
CA LEU A 46 1.25 -44.59 -39.62
C LEU A 46 1.29 -43.07 -39.64
N GLY A 47 0.37 -42.47 -38.90
CA GLY A 47 0.38 -41.03 -38.69
C GLY A 47 1.16 -40.75 -37.41
N SER A 48 1.25 -39.48 -37.05
CA SER A 48 2.02 -39.10 -35.87
C SER A 48 1.55 -39.84 -34.62
N SER A 49 0.23 -39.90 -34.43
CA SER A 49 -0.36 -40.55 -33.25
C SER A 49 -0.29 -42.07 -33.30
N GLY A 50 0.09 -42.60 -34.45
CA GLY A 50 0.41 -44.01 -34.56
C GLY A 50 1.85 -44.28 -34.17
N GLU A 51 2.51 -43.27 -33.63
CA GLU A 51 3.93 -43.36 -33.25
C GLU A 51 4.81 -43.73 -34.45
N ALA A 52 4.45 -43.25 -35.63
CA ALA A 52 5.24 -43.52 -36.82
C ALA A 52 6.71 -43.13 -36.64
N ALA A 53 6.96 -42.02 -35.94
CA ALA A 53 8.33 -41.53 -35.79
C ALA A 53 9.14 -42.44 -34.86
N PHE A 54 8.44 -43.34 -34.18
CA PHE A 54 9.03 -44.21 -33.18
C PHE A 54 9.23 -45.63 -33.68
N LEU A 55 8.46 -46.01 -34.70
CA LEU A 55 8.52 -47.36 -35.23
C LEU A 55 9.55 -47.47 -36.32
N THR A 56 10.26 -48.60 -36.37
CA THR A 56 11.17 -48.85 -37.46
C THR A 56 10.41 -49.09 -38.75
N ARG A 57 11.12 -49.07 -39.87
CA ARG A 57 10.49 -49.31 -41.16
C ARG A 57 9.77 -50.65 -41.16
N ALA A 58 10.43 -51.68 -40.62
CA ALA A 58 9.84 -53.01 -40.56
C ALA A 58 8.59 -53.03 -39.68
N GLN A 59 8.63 -52.32 -38.55
CA GLN A 59 7.47 -52.27 -37.68
C GLN A 59 6.32 -51.52 -38.33
N ARG A 60 6.64 -50.45 -39.04
CA ARG A 60 5.62 -49.70 -39.78
C ARG A 60 4.92 -50.61 -40.78
N LYS A 61 5.70 -51.41 -41.49
CA LYS A 61 5.14 -52.32 -42.47
C LYS A 61 4.18 -53.30 -41.81
N LEU A 62 4.56 -53.82 -40.65
CA LEU A 62 3.74 -54.78 -39.93
C LEU A 62 2.42 -54.13 -39.47
N ALA A 63 2.51 -52.93 -38.90
CA ALA A 63 1.31 -52.26 -38.43
C ALA A 63 0.39 -51.94 -39.60
N LEU A 64 0.96 -51.45 -40.70
CA LEU A 64 0.15 -51.08 -41.87
C LEU A 64 -0.58 -52.28 -42.42
N THR A 65 0.15 -53.38 -42.59
CA THR A 65 -0.42 -54.61 -43.16
CA THR A 65 -0.46 -54.57 -43.18
C THR A 65 -1.49 -55.16 -42.24
N THR A 66 -1.22 -55.13 -40.93
CA THR A 66 -2.20 -55.58 -39.94
C THR A 66 -3.51 -54.81 -40.08
N ILE A 67 -3.40 -53.50 -40.20
CA ILE A 67 -4.58 -52.63 -40.31
C ILE A 67 -5.35 -52.88 -41.60
N ILE A 68 -4.63 -52.92 -42.71
CA ILE A 68 -5.28 -53.11 -44.02
C ILE A 68 -5.95 -54.48 -44.07
N GLU A 69 -5.23 -55.52 -43.65
CA GLU A 69 -5.79 -56.87 -43.71
C GLU A 69 -7.01 -57.02 -42.79
N HIS A 70 -6.95 -56.49 -41.57
CA HIS A 70 -8.08 -56.63 -40.67
C HIS A 70 -9.25 -55.72 -41.06
N THR A 71 -8.95 -54.57 -41.66
CA THR A 71 -10.02 -53.68 -42.09
C THR A 71 -10.91 -54.38 -43.13
N ALA A 72 -10.26 -55.13 -44.01
CA ALA A 72 -10.95 -56.02 -44.95
C ALA A 72 -11.97 -55.25 -45.79
N GLY A 73 -11.54 -54.08 -46.26
CA GLY A 73 -12.34 -53.29 -47.17
C GLY A 73 -13.49 -52.52 -46.55
N ARG A 74 -13.65 -52.59 -45.24
CA ARG A 74 -14.82 -51.98 -44.61
C ARG A 74 -14.81 -50.45 -44.74
N VAL A 75 -13.63 -49.86 -44.60
CA VAL A 75 -13.39 -48.43 -44.83
C VAL A 75 -12.05 -48.30 -45.53
N PRO A 76 -11.83 -47.17 -46.24
CA PRO A 76 -10.53 -47.01 -46.89
C PRO A 76 -9.43 -46.67 -45.90
N VAL A 77 -8.22 -47.10 -46.21
CA VAL A 77 -7.06 -46.87 -45.35
C VAL A 77 -6.01 -46.06 -46.10
N THR A 78 -5.58 -44.95 -45.52
CA THR A 78 -4.51 -44.17 -46.13
C THR A 78 -3.26 -44.37 -45.27
N ALA A 79 -2.09 -44.34 -45.89
CA ALA A 79 -0.83 -44.67 -45.21
C ALA A 79 0.10 -43.46 -45.12
N GLY A 80 0.57 -43.19 -43.92
CA GLY A 80 1.57 -42.15 -43.76
C GLY A 80 2.89 -42.61 -44.34
N VAL A 81 3.62 -41.69 -44.95
CA VAL A 81 4.97 -41.97 -45.45
C VAL A 81 5.92 -40.90 -44.91
N ILE A 82 5.92 -40.77 -43.60
CA ILE A 82 6.70 -39.76 -42.90
C ILE A 82 8.20 -40.11 -42.84
N GLU A 83 9.01 -39.28 -43.47
CA GLU A 83 10.46 -39.40 -43.44
C GLU A 83 11.08 -38.06 -43.80
N THR A 84 12.39 -37.94 -43.59
CA THR A 84 13.01 -36.63 -43.66
C THR A 84 13.01 -36.03 -45.05
N THR A 85 13.30 -36.83 -46.08
CA THR A 85 13.42 -36.30 -47.43
C THR A 85 12.89 -37.27 -48.48
N THR A 86 12.90 -36.82 -49.73
CA THR A 86 12.14 -37.45 -50.79
C THR A 86 12.49 -38.92 -51.06
N ALA A 87 13.78 -39.25 -51.19
CA ALA A 87 14.19 -40.62 -51.47
C ALA A 87 13.73 -41.57 -50.37
N ARG A 88 13.81 -41.12 -49.13
CA ARG A 88 13.40 -41.94 -48.00
C ARG A 88 11.87 -42.08 -47.92
N VAL A 89 11.14 -41.02 -48.26
CA VAL A 89 9.68 -41.09 -48.33
C VAL A 89 9.26 -42.09 -49.42
N ILE A 90 9.96 -42.08 -50.55
CA ILE A 90 9.54 -42.90 -51.68
C ILE A 90 9.73 -44.40 -51.38
N GLU A 91 10.74 -44.75 -50.56
CA GLU A 91 10.85 -46.12 -50.08
C GLU A 91 9.60 -46.53 -49.34
N LEU A 92 9.03 -45.60 -48.57
CA LEU A 92 7.84 -45.89 -47.79
C LEU A 92 6.59 -45.96 -48.68
N VAL A 93 6.60 -45.20 -49.76
CA VAL A 93 5.52 -45.26 -50.73
C VAL A 93 5.51 -46.67 -51.35
N GLU A 94 6.69 -47.18 -51.67
CA GLU A 94 6.79 -48.53 -52.22
C GLU A 94 6.24 -49.56 -51.24
N ASP A 95 6.58 -49.43 -49.96
CA ASP A 95 6.01 -50.29 -48.93
C ASP A 95 4.50 -50.19 -48.88
N ALA A 96 3.99 -48.97 -48.97
CA ALA A 96 2.56 -48.71 -48.88
C ALA A 96 1.81 -49.36 -50.03
N LEU A 97 2.36 -49.23 -51.23
CA LEU A 97 1.76 -49.86 -52.42
C LEU A 97 1.76 -51.38 -52.26
N GLU A 98 2.88 -51.93 -51.81
CA GLU A 98 3.01 -53.36 -51.54
C GLU A 98 1.93 -53.87 -50.59
N ALA A 99 1.60 -53.04 -49.59
CA ALA A 99 0.62 -53.41 -48.56
C ALA A 99 -0.83 -53.20 -49.00
N GLY A 100 -1.00 -52.49 -50.12
CA GLY A 100 -2.33 -52.23 -50.66
C GLY A 100 -2.98 -51.00 -50.06
N ALA A 101 -2.18 -50.01 -49.69
CA ALA A 101 -2.73 -48.76 -49.17
C ALA A 101 -3.60 -48.08 -50.23
N GLU A 102 -4.60 -47.34 -49.79
CA GLU A 102 -5.52 -46.67 -50.73
C GLU A 102 -5.31 -45.16 -50.82
N GLY A 103 -4.34 -44.65 -50.05
CA GLY A 103 -3.96 -43.26 -50.12
C GLY A 103 -2.62 -43.08 -49.44
N LEU A 104 -2.06 -41.89 -49.59
CA LEU A 104 -0.77 -41.56 -48.97
C LEU A 104 -0.87 -40.24 -48.21
N VAL A 105 -0.09 -40.10 -47.15
CA VAL A 105 -0.04 -38.86 -46.39
C VAL A 105 1.42 -38.52 -46.16
N ALA A 106 1.85 -37.37 -46.67
CA ALA A 106 3.24 -36.97 -46.56
C ALA A 106 3.38 -35.55 -46.03
N THR A 107 4.48 -35.31 -45.32
CA THR A 107 4.82 -33.98 -44.85
C THR A 107 5.87 -33.33 -45.74
N ALA A 108 6.16 -32.06 -45.49
CA ALA A 108 7.32 -31.39 -46.04
C ALA A 108 8.60 -32.10 -45.57
N PRO A 109 9.72 -31.86 -46.26
CA PRO A 109 10.99 -32.36 -45.74
C PRO A 109 11.26 -31.81 -44.35
N PHE A 110 12.00 -32.56 -43.54
CA PHE A 110 12.40 -32.03 -42.25
C PHE A 110 13.79 -32.53 -41.89
N TYR A 111 14.26 -32.11 -40.71
CA TYR A 111 15.66 -32.13 -40.30
C TYR A 111 16.47 -31.18 -41.21
N THR A 112 16.53 -31.47 -42.51
CA THR A 112 17.20 -30.54 -43.40
C THR A 112 16.47 -29.20 -43.44
N ARG A 113 17.22 -28.14 -43.66
CA ARG A 113 16.61 -26.87 -44.04
C ARG A 113 15.86 -27.08 -45.36
N THR A 114 14.77 -26.35 -45.55
CA THR A 114 14.05 -26.49 -46.80
C THR A 114 13.55 -25.13 -47.29
N HIS A 115 12.66 -25.15 -48.27
CA HIS A 115 12.23 -23.94 -48.98
C HIS A 115 10.97 -24.32 -49.74
N ASP A 116 10.04 -23.38 -49.94
CA ASP A 116 8.80 -23.70 -50.65
C ASP A 116 9.05 -24.38 -52.00
N VAL A 117 10.10 -23.97 -52.71
CA VAL A 117 10.43 -24.57 -54.00
C VAL A 117 10.75 -26.06 -53.83
N GLU A 118 11.49 -26.37 -52.78
CA GLU A 118 11.92 -27.74 -52.56
C GLU A 118 10.78 -28.58 -51.99
N ILE A 119 9.91 -27.97 -51.19
CA ILE A 119 8.72 -28.64 -50.70
C ILE A 119 7.82 -29.04 -51.87
N GLU A 120 7.66 -28.11 -52.82
CA GLU A 120 6.82 -28.39 -53.98
C GLU A 120 7.38 -29.56 -54.81
N GLU A 121 8.68 -29.55 -55.06
CA GLU A 121 9.33 -30.62 -55.82
C GLU A 121 9.19 -31.95 -55.10
N HIS A 122 9.39 -31.91 -53.78
CA HIS A 122 9.19 -33.06 -52.90
C HIS A 122 7.81 -33.71 -53.12
N PHE A 123 6.74 -32.92 -53.06
CA PHE A 123 5.41 -33.50 -53.24
C PHE A 123 5.19 -34.01 -54.67
N ARG A 124 5.71 -33.29 -55.65
CA ARG A 124 5.55 -33.73 -57.05
C ARG A 124 6.21 -35.10 -57.26
N LYS A 125 7.38 -35.27 -56.66
CA LYS A 125 8.12 -36.51 -56.88
C LYS A 125 7.53 -37.68 -56.08
N ILE A 126 6.96 -37.39 -54.92
CA ILE A 126 6.21 -38.40 -54.19
C ILE A 126 4.98 -38.84 -54.99
N HIS A 127 4.27 -37.87 -55.56
CA HIS A 127 3.09 -38.18 -56.35
C HIS A 127 3.45 -39.07 -57.53
N ALA A 128 4.58 -38.79 -58.15
CA ALA A 128 5.00 -39.54 -59.33
C ALA A 128 5.33 -41.01 -59.01
N ALA A 129 5.66 -41.30 -57.75
CA ALA A 129 5.97 -42.67 -57.33
C ALA A 129 4.71 -43.53 -57.16
N ALA A 130 3.56 -42.87 -57.05
CA ALA A 130 2.28 -43.56 -56.88
C ALA A 130 1.17 -42.67 -57.39
N PRO A 131 1.11 -42.46 -58.71
CA PRO A 131 0.21 -41.46 -59.31
C PRO A 131 -1.27 -41.79 -59.20
N GLU A 132 -1.62 -43.05 -58.95
CA GLU A 132 -3.02 -43.44 -58.85
C GLU A 132 -3.57 -43.32 -57.44
N LEU A 133 -2.71 -43.08 -56.46
CA LEU A 133 -3.15 -42.94 -55.08
C LEU A 133 -3.37 -41.48 -54.70
N PRO A 134 -4.46 -41.19 -53.98
CA PRO A 134 -4.65 -39.82 -53.49
C PRO A 134 -3.56 -39.46 -52.49
N LEU A 135 -2.80 -38.39 -52.78
CA LEU A 135 -1.74 -37.92 -51.90
C LEU A 135 -2.24 -36.72 -51.10
N PHE A 136 -2.22 -36.84 -49.77
CA PHE A 136 -2.59 -35.73 -48.91
C PHE A 136 -1.35 -35.12 -48.28
N ALA A 137 -1.29 -33.79 -48.27
CA ALA A 137 -0.22 -33.05 -47.62
C ALA A 137 -0.56 -32.82 -46.14
N TYR A 138 0.36 -33.21 -45.28
CA TYR A 138 0.17 -33.20 -43.83
C TYR A 138 0.84 -31.96 -43.26
N ASN A 139 0.06 -30.96 -42.90
CA ASN A 139 0.61 -29.72 -42.34
C ASN A 139 0.73 -29.86 -40.83
N ILE A 140 1.97 -30.02 -40.35
CA ILE A 140 2.17 -30.23 -38.92
C ILE A 140 3.46 -29.51 -38.49
N PRO A 141 3.39 -28.18 -38.39
CA PRO A 141 4.56 -27.35 -38.09
C PRO A 141 5.26 -27.73 -36.76
N VAL A 142 4.52 -28.23 -35.76
CA VAL A 142 5.16 -28.56 -34.47
C VAL A 142 6.20 -29.68 -34.65
N SER A 143 6.04 -30.49 -35.69
CA SER A 143 6.95 -31.60 -35.91
C SER A 143 7.93 -31.37 -37.07
N VAL A 144 7.52 -30.63 -38.09
CA VAL A 144 8.30 -30.43 -39.32
CA VAL A 144 8.43 -30.47 -39.23
C VAL A 144 9.00 -29.07 -39.40
N HIS A 145 8.43 -28.09 -38.72
CA HIS A 145 9.02 -26.79 -38.64
C HIS A 145 9.09 -26.08 -39.97
N SER A 146 8.14 -26.42 -40.81
CA SER A 146 7.73 -25.63 -41.93
C SER A 146 6.21 -25.51 -41.88
N ASN A 147 5.69 -24.43 -42.46
CA ASN A 147 4.26 -24.28 -42.69
C ASN A 147 3.96 -24.47 -44.16
N LEU A 148 2.99 -25.30 -44.51
CA LEU A 148 2.72 -25.53 -45.93
C LEU A 148 2.02 -24.32 -46.55
N ASN A 149 2.64 -23.77 -47.58
CA ASN A 149 2.12 -22.58 -48.24
C ASN A 149 0.79 -22.92 -48.90
N PRO A 150 -0.29 -22.22 -48.52
CA PRO A 150 -1.60 -22.54 -49.08
C PRO A 150 -1.67 -22.29 -50.59
N VAL A 151 -0.94 -21.31 -51.10
CA VAL A 151 -0.91 -21.07 -52.55
C VAL A 151 -0.28 -22.26 -53.27
N MET A 152 0.83 -22.76 -52.73
CA MET A 152 1.46 -23.96 -53.27
C MET A 152 0.52 -25.16 -53.24
N LEU A 153 -0.20 -25.35 -52.13
CA LEU A 153 -1.12 -26.49 -52.03
C LEU A 153 -2.17 -26.43 -53.14
N LEU A 154 -2.72 -25.25 -53.39
CA LEU A 154 -3.80 -25.15 -54.38
C LEU A 154 -3.25 -25.33 -55.80
N THR A 155 -2.01 -24.89 -56.02
CA THR A 155 -1.33 -25.11 -57.29
C THR A 155 -1.17 -26.60 -57.53
N LEU A 156 -0.76 -27.33 -56.50
CA LEU A 156 -0.58 -28.77 -56.64
C LEU A 156 -1.93 -29.49 -56.77
N ALA A 157 -2.98 -28.95 -56.13
CA ALA A 157 -4.32 -29.48 -56.30
C ALA A 157 -4.78 -29.34 -57.77
N LYS A 158 -4.57 -28.16 -58.32
CA LYS A 158 -4.98 -27.88 -59.71
C LYS A 158 -4.25 -28.83 -60.64
N ASP A 159 -2.98 -29.10 -60.34
CA ASP A 159 -2.16 -29.97 -61.17
C ASP A 159 -2.44 -31.46 -60.95
N GLY A 160 -3.32 -31.79 -60.01
CA GLY A 160 -3.66 -33.18 -59.73
C GLY A 160 -2.63 -33.93 -58.91
N VAL A 161 -1.68 -33.20 -58.33
CA VAL A 161 -0.60 -33.77 -57.54
C VAL A 161 -1.08 -34.10 -56.13
N LEU A 162 -1.83 -33.18 -55.54
CA LEU A 162 -2.42 -33.37 -54.22
C LEU A 162 -3.93 -33.58 -54.26
N ALA A 163 -4.43 -34.55 -53.51
CA ALA A 163 -5.86 -34.81 -53.38
C ALA A 163 -6.48 -34.10 -52.18
N GLY A 164 -5.64 -33.59 -51.29
CA GLY A 164 -6.15 -32.96 -50.10
C GLY A 164 -5.06 -32.58 -49.13
N THR A 165 -5.47 -32.07 -47.98
CA THR A 165 -4.53 -31.78 -46.90
C THR A 165 -5.14 -32.18 -45.56
N LYS A 166 -4.28 -32.66 -44.66
CA LYS A 166 -4.67 -32.83 -43.27
CA LYS A 166 -4.66 -32.81 -43.26
C LYS A 166 -3.94 -31.72 -42.52
N ASP A 167 -4.69 -30.79 -41.93
CA ASP A 167 -4.05 -29.66 -41.28
C ASP A 167 -4.11 -29.73 -39.76
N SER A 168 -2.92 -29.92 -39.19
CA SER A 168 -2.75 -30.02 -37.75
C SER A 168 -1.99 -28.83 -37.19
N SER A 169 -2.06 -27.69 -37.88
CA SER A 169 -1.42 -26.47 -37.40
C SER A 169 -2.08 -25.88 -36.15
N GLY A 170 -3.34 -26.22 -35.90
CA GLY A 170 -4.06 -25.66 -34.79
C GLY A 170 -4.56 -24.25 -35.06
N ASN A 171 -4.37 -23.78 -36.28
CA ASN A 171 -4.75 -22.42 -36.65
C ASN A 171 -6.04 -22.44 -37.46
N ASP A 172 -7.17 -22.26 -36.80
CA ASP A 172 -8.45 -22.39 -37.49
C ASP A 172 -8.72 -21.23 -38.44
N GLY A 173 -8.23 -20.05 -38.12
CA GLY A 173 -8.30 -18.95 -39.08
C GLY A 173 -7.57 -19.28 -40.38
N ALA A 174 -6.40 -19.90 -40.28
CA ALA A 174 -5.65 -20.25 -41.48
C ALA A 174 -6.35 -21.36 -42.25
N ILE A 175 -6.92 -22.34 -41.54
CA ILE A 175 -7.62 -23.42 -42.22
C ILE A 175 -8.82 -22.85 -42.96
N ARG A 176 -9.54 -21.95 -42.29
CA ARG A 176 -10.69 -21.32 -42.90
C ARG A 176 -10.31 -20.56 -44.16
N SER A 177 -9.22 -19.81 -44.08
CA SER A 177 -8.74 -19.06 -45.24
C SER A 177 -8.39 -20.00 -46.40
N LEU A 178 -7.84 -21.17 -46.08
CA LEU A 178 -7.51 -22.12 -47.14
C LEU A 178 -8.77 -22.68 -47.80
N ILE A 179 -9.78 -23.00 -46.98
CA ILE A 179 -11.05 -23.47 -47.52
C ILE A 179 -11.65 -22.42 -48.46
N GLU A 180 -11.66 -21.15 -48.00
CA GLU A 180 -12.21 -20.06 -48.81
C GLU A 180 -11.44 -19.90 -50.11
N ALA A 181 -10.10 -19.94 -50.03
CA ALA A 181 -9.28 -19.85 -51.23
C ALA A 181 -9.57 -21.00 -52.19
N ARG A 182 -9.71 -22.20 -51.64
CA ARG A 182 -9.99 -23.38 -52.43
C ARG A 182 -11.31 -23.21 -53.18
N ASP A 183 -12.33 -22.79 -52.44
CA ASP A 183 -13.66 -22.67 -53.02
C ASP A 183 -13.69 -21.59 -54.09
N ASP A 184 -12.98 -20.49 -53.85
CA ASP A 184 -12.95 -19.39 -54.80
C ASP A 184 -12.23 -19.79 -56.09
N ALA A 185 -11.30 -20.73 -55.97
CA ALA A 185 -10.53 -21.23 -57.11
C ALA A 185 -11.29 -22.34 -57.84
N GLY A 186 -12.46 -22.72 -57.33
CA GLY A 186 -13.25 -23.78 -57.92
C GLY A 186 -12.65 -25.17 -57.74
N LEU A 187 -11.93 -25.36 -56.64
CA LEU A 187 -11.21 -26.62 -56.40
C LEU A 187 -11.83 -27.45 -55.27
N THR A 188 -13.08 -27.14 -54.92
CA THR A 188 -13.76 -27.76 -53.80
C THR A 188 -13.81 -29.28 -53.89
N GLU A 189 -14.24 -29.79 -55.04
CA GLU A 189 -14.40 -31.23 -55.17
CA GLU A 189 -14.40 -31.24 -55.24
C GLU A 189 -13.05 -31.96 -55.28
N GLN A 190 -12.04 -31.28 -55.83
CA GLN A 190 -10.75 -31.90 -56.11
C GLN A 190 -9.80 -32.00 -54.92
N PHE A 191 -9.99 -31.14 -53.93
CA PHE A 191 -8.99 -30.97 -52.86
C PHE A 191 -9.68 -31.01 -51.52
N LYS A 192 -9.61 -32.14 -50.84
CA LYS A 192 -10.28 -32.31 -49.55
C LYS A 192 -9.47 -31.64 -48.43
N ILE A 193 -10.15 -31.00 -47.52
CA ILE A 193 -9.47 -30.35 -46.40
C ILE A 193 -9.94 -30.97 -45.10
N LEU A 194 -9.02 -31.64 -44.42
CA LEU A 194 -9.34 -32.33 -43.16
C LEU A 194 -8.65 -31.61 -42.04
N THR A 195 -9.37 -31.35 -40.94
CA THR A 195 -8.72 -30.75 -39.78
C THR A 195 -8.14 -31.82 -38.85
N GLY A 196 -6.95 -31.55 -38.33
CA GLY A 196 -6.37 -32.41 -37.31
C GLY A 196 -6.83 -32.05 -35.92
N SER A 197 -7.67 -31.04 -35.81
CA SER A 197 -8.15 -30.58 -34.51
C SER A 197 -8.98 -31.64 -33.80
N GLU A 198 -8.85 -31.69 -32.49
CA GLU A 198 -9.71 -32.53 -31.68
C GLU A 198 -10.79 -31.73 -30.96
N THR A 199 -10.58 -30.42 -30.82
CA THR A 199 -11.47 -29.60 -29.99
C THR A 199 -12.21 -28.49 -30.74
N THR A 200 -11.92 -28.34 -32.02
CA THR A 200 -12.57 -27.33 -32.86
C THR A 200 -13.01 -27.93 -34.18
N VAL A 201 -13.54 -29.14 -34.09
CA VAL A 201 -14.07 -29.84 -35.25
C VAL A 201 -15.36 -29.20 -35.76
N ASP A 202 -16.23 -28.78 -34.84
CA ASP A 202 -17.45 -28.09 -35.25
C ASP A 202 -17.12 -26.79 -36.04
N PHE A 203 -16.11 -26.05 -35.58
CA PHE A 203 -15.65 -24.85 -36.31
C PHE A 203 -15.27 -25.20 -37.75
N ALA A 204 -14.46 -26.24 -37.89
CA ALA A 204 -13.98 -26.64 -39.21
C ALA A 204 -15.16 -27.00 -40.12
N TYR A 205 -16.12 -27.79 -39.62
CA TYR A 205 -17.27 -28.14 -40.44
C TYR A 205 -18.13 -26.93 -40.76
N LEU A 206 -18.23 -25.99 -39.82
CA LEU A 206 -19.03 -24.78 -40.08
C LEU A 206 -18.42 -23.98 -41.24
N ALA A 207 -17.10 -24.02 -41.37
CA ALA A 207 -16.39 -23.32 -42.44
C ALA A 207 -16.36 -24.14 -43.72
N GLY A 208 -16.88 -25.36 -43.67
CA GLY A 208 -16.96 -26.19 -44.85
C GLY A 208 -15.83 -27.17 -45.08
N ALA A 209 -15.12 -27.54 -44.03
CA ALA A 209 -14.10 -28.58 -44.14
C ALA A 209 -14.75 -29.92 -44.47
N ASP A 210 -13.96 -30.86 -44.99
CA ASP A 210 -14.48 -32.14 -45.45
C ASP A 210 -14.41 -33.27 -44.44
N GLY A 211 -13.71 -33.05 -43.33
CA GLY A 211 -13.63 -34.08 -42.31
C GLY A 211 -12.58 -33.77 -41.28
N VAL A 212 -12.26 -34.80 -40.50
CA VAL A 212 -11.45 -34.62 -39.30
C VAL A 212 -10.57 -35.85 -39.08
N VAL A 213 -9.33 -35.61 -38.65
CA VAL A 213 -8.37 -36.65 -38.29
C VAL A 213 -7.96 -36.41 -36.82
N PRO A 214 -8.79 -36.86 -35.88
CA PRO A 214 -8.57 -36.54 -34.46
C PRO A 214 -7.92 -37.68 -33.69
N GLY A 215 -6.77 -37.42 -33.06
CA GLY A 215 -6.14 -38.43 -32.23
C GLY A 215 -7.08 -39.02 -31.20
N LEU A 216 -7.85 -38.16 -30.53
CA LEU A 216 -8.84 -38.58 -29.54
C LEU A 216 -9.92 -39.50 -30.14
N GLY A 217 -10.04 -39.49 -31.46
CA GLY A 217 -10.98 -40.38 -32.13
C GLY A 217 -10.64 -41.85 -31.98
N ASN A 218 -9.40 -42.14 -31.58
CA ASN A 218 -9.02 -43.50 -31.20
C ASN A 218 -9.78 -43.97 -29.98
N VAL A 219 -9.98 -43.05 -29.04
CA VAL A 219 -10.63 -43.38 -27.79
C VAL A 219 -12.14 -43.40 -27.95
N ASP A 220 -12.69 -42.36 -28.57
CA ASP A 220 -14.13 -42.19 -28.67
C ASP A 220 -14.54 -41.95 -30.12
N PRO A 221 -14.42 -42.99 -30.96
CA PRO A 221 -14.80 -42.80 -32.37
C PRO A 221 -16.29 -42.43 -32.53
N ALA A 222 -17.13 -42.97 -31.66
CA ALA A 222 -18.55 -42.72 -31.76
C ALA A 222 -18.90 -41.26 -31.50
N ALA A 223 -18.15 -40.60 -30.62
CA ALA A 223 -18.37 -39.20 -30.35
C ALA A 223 -18.12 -38.36 -31.61
N TYR A 224 -17.02 -38.64 -32.30
CA TYR A 224 -16.67 -37.84 -33.48
C TYR A 224 -17.62 -38.18 -34.63
N ALA A 225 -18.00 -39.45 -34.77
CA ALA A 225 -19.02 -39.80 -35.77
C ALA A 225 -20.31 -39.03 -35.51
N ALA A 226 -20.74 -38.97 -34.26
CA ALA A 226 -21.98 -38.27 -33.92
C ALA A 226 -21.85 -36.77 -34.19
N LEU A 227 -20.68 -36.23 -33.89
CA LEU A 227 -20.42 -34.81 -34.10
C LEU A 227 -20.48 -34.45 -35.58
N ALA A 228 -19.80 -35.22 -36.42
CA ALA A 228 -19.84 -34.98 -37.86
C ALA A 228 -21.26 -35.04 -38.37
N LYS A 229 -22.05 -35.98 -37.83
CA LYS A 229 -23.42 -36.14 -38.29
C LYS A 229 -24.25 -34.90 -37.95
N LEU A 230 -24.08 -34.38 -36.73
CA LEU A 230 -24.77 -33.16 -36.35
C LEU A 230 -24.38 -32.00 -37.27
N CYS A 231 -23.08 -31.88 -37.56
CA CYS A 231 -22.61 -30.78 -38.39
C CYS A 231 -23.15 -30.88 -39.80
N LEU A 232 -23.14 -32.08 -40.37
CA LEU A 232 -23.62 -32.26 -41.75
C LEU A 232 -25.13 -32.01 -41.85
N ASP A 233 -25.83 -32.16 -40.73
CA ASP A 233 -27.28 -31.93 -40.67
C ASP A 233 -27.58 -30.48 -40.30
N GLY A 234 -26.54 -29.67 -40.17
CA GLY A 234 -26.72 -28.26 -39.86
C GLY A 234 -27.18 -27.96 -38.44
N LYS A 235 -26.97 -28.89 -37.53
CA LYS A 235 -27.39 -28.74 -36.15
C LYS A 235 -26.26 -28.17 -35.31
N TRP A 236 -25.96 -26.90 -35.54
CA TRP A 236 -24.73 -26.30 -35.02
C TRP A 236 -24.73 -26.12 -33.51
N ALA A 237 -25.86 -25.72 -32.93
CA ALA A 237 -25.94 -25.61 -31.48
C ALA A 237 -25.72 -26.96 -30.81
N GLU A 238 -26.35 -28.00 -31.36
CA GLU A 238 -26.20 -29.33 -30.80
CA GLU A 238 -26.20 -29.33 -30.79
C GLU A 238 -24.76 -29.81 -30.98
N ALA A 239 -24.17 -29.49 -32.14
CA ALA A 239 -22.78 -29.86 -32.40
C ALA A 239 -21.85 -29.23 -31.37
N ALA A 240 -22.07 -27.93 -31.09
CA ALA A 240 -21.23 -27.23 -30.13
C ALA A 240 -21.32 -27.84 -28.74
N ALA A 241 -22.51 -28.31 -28.37
CA ALA A 241 -22.68 -28.90 -27.05
C ALA A 241 -21.93 -30.22 -26.96
N LEU A 242 -21.98 -31.00 -28.03
CA LEU A 242 -21.27 -32.28 -28.05
C LEU A 242 -19.77 -32.03 -28.07
N GLN A 243 -19.35 -31.06 -28.88
CA GLN A 243 -17.93 -30.74 -28.97
C GLN A 243 -17.40 -30.36 -27.59
N LYS A 244 -18.20 -29.63 -26.82
CA LYS A 244 -17.78 -29.25 -25.47
C LYS A 244 -17.57 -30.48 -24.57
N ARG A 245 -18.42 -31.50 -24.71
CA ARG A 245 -18.25 -32.72 -23.92
CA ARG A 245 -18.26 -32.73 -23.95
C ARG A 245 -17.00 -33.47 -24.35
N ILE A 246 -16.79 -33.57 -25.66
CA ILE A 246 -15.58 -34.16 -26.20
C ILE A 246 -14.35 -33.44 -25.65
N ASN A 247 -14.45 -32.11 -25.52
CA ASN A 247 -13.31 -31.33 -25.03
C ASN A 247 -12.99 -31.60 -23.58
N HIS A 248 -13.98 -32.10 -22.84
CA HIS A 248 -13.73 -32.51 -21.47
C HIS A 248 -13.14 -33.92 -21.42
N LEU A 249 -13.54 -34.80 -22.34
CA LEU A 249 -12.83 -36.08 -22.48
C LEU A 249 -11.36 -35.82 -22.80
N PHE A 250 -11.11 -34.81 -23.62
CA PHE A 250 -9.76 -34.48 -24.07
C PHE A 250 -8.82 -34.17 -22.91
N HIS A 251 -9.37 -33.87 -21.73
CA HIS A 251 -8.53 -33.58 -20.57
C HIS A 251 -7.61 -34.72 -20.22
N ILE A 252 -7.89 -35.93 -20.73
CA ILE A 252 -6.97 -37.03 -20.46
C ILE A 252 -5.54 -36.74 -20.95
N VAL A 253 -5.37 -35.85 -21.93
CA VAL A 253 -4.03 -35.61 -22.43
C VAL A 253 -3.25 -34.67 -21.53
N PHE A 254 -3.93 -34.04 -20.56
CA PHE A 254 -3.28 -33.06 -19.69
C PHE A 254 -2.98 -33.62 -18.30
N VAL A 255 -3.26 -34.91 -18.12
CA VAL A 255 -3.06 -35.53 -16.81
C VAL A 255 -1.57 -35.77 -16.53
N GLY A 256 -0.87 -36.33 -17.52
CA GLY A 256 0.55 -36.59 -17.35
C GLY A 256 1.35 -35.35 -17.01
N ASP A 257 2.28 -35.49 -16.07
CA ASP A 257 3.04 -34.34 -15.58
C ASP A 257 4.13 -33.97 -16.57
N THR A 258 3.91 -32.92 -17.36
CA THR A 258 4.87 -32.57 -18.40
C THR A 258 6.11 -31.82 -17.85
N SER A 259 6.25 -31.73 -16.54
CA SER A 259 7.52 -31.26 -15.99
C SER A 259 8.61 -32.34 -16.12
N HIS A 260 8.21 -33.58 -16.41
CA HIS A 260 9.19 -34.64 -16.60
C HIS A 260 8.83 -35.57 -17.76
N MET A 261 8.03 -35.07 -18.70
CA MET A 261 7.75 -35.82 -19.92
C MET A 261 7.28 -34.91 -21.04
N SER A 262 7.38 -35.40 -22.27
CA SER A 262 6.91 -34.63 -23.43
C SER A 262 5.38 -34.68 -23.57
N GLY A 263 4.88 -33.80 -24.42
CA GLY A 263 3.45 -33.77 -24.71
C GLY A 263 3.00 -35.05 -25.41
N SER A 264 3.93 -35.71 -26.10
CA SER A 264 3.64 -36.99 -26.72
C SER A 264 3.42 -38.06 -25.66
N SER A 265 4.32 -38.12 -24.67
CA SER A 265 4.14 -39.07 -23.59
C SER A 265 2.81 -38.87 -22.89
N ALA A 266 2.48 -37.62 -22.58
CA ALA A 266 1.24 -37.35 -21.85
C ALA A 266 0.02 -37.58 -22.73
N GLY A 267 0.08 -37.12 -23.97
CA GLY A 267 -1.08 -37.20 -24.83
C GLY A 267 -1.36 -38.59 -25.38
N LEU A 268 -0.39 -39.18 -26.07
CA LEU A 268 -0.56 -40.52 -26.59
C LEU A 268 -0.65 -41.52 -25.46
N GLY A 269 0.11 -41.31 -24.38
CA GLY A 269 -0.04 -42.14 -23.20
C GLY A 269 -1.44 -42.07 -22.62
N GLY A 270 -2.02 -40.88 -22.56
CA GLY A 270 -3.38 -40.73 -22.07
C GLY A 270 -4.37 -41.50 -22.95
N PHE A 271 -4.18 -41.42 -24.27
CA PHE A 271 -5.04 -42.16 -25.20
C PHE A 271 -4.92 -43.66 -24.95
N LYS A 272 -3.70 -44.18 -24.87
CA LYS A 272 -3.51 -45.62 -24.73
C LYS A 272 -4.03 -46.10 -23.39
N THR A 273 -3.89 -45.25 -22.37
CA THR A 273 -4.40 -45.56 -21.04
C THR A 273 -5.92 -45.71 -21.09
N ALA A 274 -6.56 -44.80 -21.81
CA ALA A 274 -8.01 -44.85 -21.97
C ALA A 274 -8.41 -46.13 -22.72
N LEU A 275 -7.69 -46.45 -23.78
CA LEU A 275 -7.99 -47.63 -24.59
C LEU A 275 -7.85 -48.92 -23.77
N ALA A 276 -6.83 -48.98 -22.92
CA ALA A 276 -6.65 -50.16 -22.07
C ALA A 276 -7.78 -50.27 -21.06
N HIS A 277 -8.19 -49.13 -20.51
CA HIS A 277 -9.29 -49.07 -19.56
C HIS A 277 -10.59 -49.55 -20.19
N LEU A 278 -10.76 -49.24 -21.46
CA LEU A 278 -11.96 -49.65 -22.20
C LEU A 278 -11.86 -51.09 -22.68
N GLY A 279 -10.72 -51.72 -22.40
CA GLY A 279 -10.51 -53.12 -22.79
C GLY A 279 -10.18 -53.36 -24.26
N ILE A 280 -9.85 -52.29 -24.98
CA ILE A 280 -9.59 -52.41 -26.41
C ILE A 280 -8.18 -52.90 -26.73
N ILE A 281 -7.20 -52.43 -25.95
CA ILE A 281 -5.83 -52.87 -26.11
C ILE A 281 -5.28 -53.42 -24.78
N GLU A 282 -4.21 -54.20 -24.87
CA GLU A 282 -3.70 -54.92 -23.72
C GLU A 282 -3.06 -54.00 -22.70
N SER A 283 -2.24 -53.04 -23.14
CA SER A 283 -1.69 -52.10 -22.19
C SER A 283 -1.38 -50.76 -22.82
N ASN A 284 -0.95 -49.83 -21.98
CA ASN A 284 -0.60 -48.49 -22.45
C ASN A 284 0.90 -48.36 -22.76
N ALA A 285 1.57 -49.48 -23.01
CA ALA A 285 2.99 -49.47 -23.38
C ALA A 285 3.27 -48.50 -24.52
N MET A 286 4.35 -47.73 -24.36
CA MET A 286 4.77 -46.73 -25.33
C MET A 286 6.17 -47.03 -25.89
N ALA A 287 6.47 -46.51 -27.06
CA ALA A 287 7.79 -46.69 -27.64
C ALA A 287 8.82 -45.78 -26.96
N VAL A 288 10.06 -46.26 -26.89
CA VAL A 288 11.18 -45.48 -26.38
C VAL A 288 11.41 -44.22 -27.21
N PRO A 289 11.67 -43.06 -26.57
CA PRO A 289 11.88 -42.82 -25.13
C PRO A 289 10.71 -42.20 -24.39
N HIS A 290 9.48 -42.51 -24.81
CA HIS A 290 8.33 -42.05 -24.05
C HIS A 290 8.40 -42.40 -22.57
N GLN A 291 7.91 -41.49 -21.73
CA GLN A 291 7.84 -41.72 -20.29
C GLN A 291 6.51 -42.34 -19.92
N SER A 292 6.54 -43.20 -18.91
CA SER A 292 5.34 -43.85 -18.41
C SER A 292 4.47 -42.93 -17.58
N LEU A 293 3.17 -43.20 -17.59
CA LEU A 293 2.24 -42.54 -16.67
C LEU A 293 2.18 -43.31 -15.34
N SER A 294 1.98 -42.57 -14.26
CA SER A 294 1.95 -43.21 -12.94
C SER A 294 0.60 -43.87 -12.68
N ASP A 295 0.55 -44.72 -11.65
CA ASP A 295 -0.70 -45.38 -11.32
C ASP A 295 -1.75 -44.32 -10.90
N GLU A 296 -1.31 -43.25 -10.27
CA GLU A 296 -2.20 -42.14 -9.91
C GLU A 296 -2.71 -41.39 -11.14
N GLU A 297 -1.81 -41.09 -12.06
CA GLU A 297 -2.21 -40.47 -13.33
C GLU A 297 -3.20 -41.33 -14.11
N THR A 298 -2.96 -42.64 -14.17
CA THR A 298 -3.88 -43.50 -14.90
C THR A 298 -5.26 -43.51 -14.24
N ALA A 299 -5.31 -43.50 -12.90
CA ALA A 299 -6.59 -43.43 -12.19
C ALA A 299 -7.37 -42.15 -12.55
N ARG A 300 -6.66 -41.03 -12.65
CA ARG A 300 -7.31 -39.78 -13.03
C ARG A 300 -7.84 -39.89 -14.46
N ILE A 301 -7.05 -40.50 -15.34
CA ILE A 301 -7.49 -40.69 -16.72
C ILE A 301 -8.75 -41.57 -16.77
N HIS A 302 -8.75 -42.66 -16.01
CA HIS A 302 -9.93 -43.52 -15.93
C HIS A 302 -11.18 -42.77 -15.52
N ALA A 303 -11.05 -41.90 -14.51
CA ALA A 303 -12.19 -41.14 -14.02
C ALA A 303 -12.75 -40.21 -15.09
N ILE A 304 -11.85 -39.59 -15.86
CA ILE A 304 -12.30 -38.69 -16.93
C ILE A 304 -13.05 -39.45 -18.03
N VAL A 305 -12.50 -40.60 -18.42
CA VAL A 305 -13.12 -41.46 -19.43
C VAL A 305 -14.50 -41.89 -18.96
N ASP A 306 -14.57 -42.35 -17.72
CA ASP A 306 -15.83 -42.79 -17.15
C ASP A 306 -16.91 -41.71 -17.25
N GLU A 307 -16.53 -40.47 -16.98
CA GLU A 307 -17.49 -39.38 -16.97
C GLU A 307 -17.88 -38.85 -18.36
N PHE A 308 -16.92 -38.73 -19.27
CA PHE A 308 -17.18 -37.99 -20.51
C PHE A 308 -17.18 -38.79 -21.80
N LEU A 309 -16.93 -40.09 -21.73
CA LEU A 309 -17.08 -40.92 -22.93
C LEU A 309 -18.52 -40.77 -23.44
N TYR A 310 -18.68 -40.66 -24.76
CA TYR A 310 -19.97 -40.39 -25.38
C TYR A 310 -20.96 -41.53 -25.16
N THR A 311 -22.20 -41.18 -24.85
CA THR A 311 -23.30 -42.13 -24.81
C THR A 311 -24.50 -41.59 -25.57
N ALA A 312 -24.92 -42.33 -26.60
CA ALA A 312 -26.20 -42.12 -27.31
C ALA A 312 -26.32 -43.07 -28.49
N SER B 3 37.45 -46.38 -27.76
CA SER B 3 38.85 -46.24 -27.39
C SER B 3 39.60 -45.41 -28.41
N ALA B 4 39.05 -45.26 -29.60
CA ALA B 4 39.54 -44.25 -30.52
C ALA B 4 39.28 -42.89 -29.90
N THR B 5 40.14 -41.93 -30.15
CA THR B 5 39.96 -40.61 -29.57
C THR B 5 39.59 -39.62 -30.68
N PHE B 6 38.48 -38.93 -30.50
CA PHE B 6 38.03 -37.97 -31.50
C PHE B 6 38.26 -36.55 -31.05
N THR B 7 39.46 -36.06 -31.36
CA THR B 7 39.83 -34.67 -31.14
C THR B 7 40.47 -34.12 -32.43
N GLY B 8 40.67 -32.82 -32.47
CA GLY B 8 41.30 -32.20 -33.63
C GLY B 8 40.32 -31.88 -34.74
N VAL B 9 40.84 -31.83 -35.96
CA VAL B 9 40.03 -31.45 -37.14
C VAL B 9 39.38 -32.69 -37.73
N ILE B 10 38.05 -32.72 -37.70
CA ILE B 10 37.28 -33.89 -38.06
C ILE B 10 36.12 -33.46 -38.96
N PRO B 11 36.36 -33.41 -40.27
CA PRO B 11 35.31 -32.89 -41.15
C PRO B 11 34.14 -33.83 -41.28
N PRO B 12 32.93 -33.27 -41.41
CA PRO B 12 31.77 -34.08 -41.75
C PRO B 12 31.81 -34.39 -43.24
N VAL B 13 32.34 -35.57 -43.59
CA VAL B 13 32.58 -35.93 -44.99
C VAL B 13 31.33 -35.79 -45.86
N MET B 14 31.45 -35.15 -47.01
CA MET B 14 30.32 -35.03 -47.92
C MET B 14 30.07 -36.35 -48.65
N THR B 15 28.91 -36.46 -49.28
CA THR B 15 28.63 -37.62 -50.15
C THR B 15 28.52 -37.15 -51.59
N PRO B 16 29.57 -37.37 -52.38
CA PRO B 16 29.49 -37.10 -53.83
C PRO B 16 28.47 -38.03 -54.46
N LEU B 17 27.73 -37.53 -55.44
CA LEU B 17 26.67 -38.30 -56.07
C LEU B 17 26.83 -38.33 -57.58
N HIS B 18 26.27 -39.36 -58.19
CA HIS B 18 26.03 -39.39 -59.63
C HIS B 18 24.78 -38.60 -59.93
N ALA B 19 24.57 -38.24 -61.20
CA ALA B 19 23.37 -37.50 -61.58
C ALA B 19 22.07 -38.24 -61.26
N ASP B 20 22.11 -39.56 -61.15
CA ASP B 20 20.90 -40.31 -60.85
C ASP B 20 20.66 -40.44 -59.33
N GLY B 21 21.48 -39.76 -58.55
CA GLY B 21 21.29 -39.72 -57.12
C GLY B 21 22.01 -40.81 -56.35
N SER B 22 22.67 -41.73 -57.07
CA SER B 22 23.38 -42.79 -56.39
C SER B 22 24.72 -42.28 -55.87
N VAL B 23 25.25 -42.97 -54.86
CA VAL B 23 26.55 -42.62 -54.28
C VAL B 23 27.68 -42.81 -55.30
N ASP B 24 28.48 -41.76 -55.48
CA ASP B 24 29.62 -41.80 -56.39
C ASP B 24 30.82 -42.28 -55.59
N VAL B 25 31.01 -43.60 -55.58
CA VAL B 25 32.02 -44.25 -54.76
C VAL B 25 33.44 -43.80 -55.11
N GLU B 26 33.73 -43.67 -56.40
CA GLU B 26 35.07 -43.27 -56.82
C GLU B 26 35.38 -41.85 -56.34
N SER B 27 34.41 -40.95 -56.44
CA SER B 27 34.63 -39.60 -55.96
C SER B 27 34.71 -39.56 -54.44
N LEU B 28 33.98 -40.45 -53.77
CA LEU B 28 33.99 -40.47 -52.31
C LEU B 28 35.38 -40.91 -51.84
N ARG B 29 35.96 -41.89 -52.53
CA ARG B 29 37.34 -42.28 -52.22
C ARG B 29 38.33 -41.14 -52.42
N LYS B 30 38.20 -40.42 -53.53
CA LYS B 30 39.07 -39.28 -53.78
C LYS B 30 38.91 -38.22 -52.70
N LEU B 31 37.68 -38.03 -52.25
CA LEU B 31 37.41 -37.03 -51.20
C LEU B 31 38.09 -37.44 -49.90
N VAL B 32 37.99 -38.72 -49.56
CA VAL B 32 38.62 -39.25 -48.36
C VAL B 32 40.13 -39.00 -48.42
N ASP B 33 40.75 -39.27 -49.57
CA ASP B 33 42.18 -38.99 -49.69
C ASP B 33 42.50 -37.50 -49.57
N HIS B 34 41.66 -36.69 -50.19
CA HIS B 34 41.79 -35.23 -50.11
C HIS B 34 41.85 -34.76 -48.66
N LEU B 35 40.94 -35.29 -47.85
CA LEU B 35 40.86 -34.87 -46.46
C LEU B 35 42.05 -35.39 -45.66
N ILE B 36 42.36 -36.66 -45.82
CA ILE B 36 43.44 -37.27 -45.04
C ILE B 36 44.79 -36.70 -45.44
N ASN B 37 45.02 -36.55 -46.74
CA ASN B 37 46.26 -35.93 -47.18
C ASN B 37 46.31 -34.45 -46.85
N GLY B 38 45.14 -33.85 -46.61
CA GLY B 38 45.04 -32.48 -46.19
C GLY B 38 45.37 -32.27 -44.71
N GLY B 39 45.54 -33.37 -43.99
CA GLY B 39 46.01 -33.28 -42.61
C GLY B 39 44.97 -33.37 -41.50
N VAL B 40 43.77 -33.84 -41.82
CA VAL B 40 42.74 -33.94 -40.79
C VAL B 40 43.06 -35.05 -39.79
N ASP B 41 42.43 -34.99 -38.63
CA ASP B 41 42.72 -35.93 -37.55
C ASP B 41 41.71 -37.06 -37.43
N GLY B 42 40.59 -36.95 -38.16
CA GLY B 42 39.57 -37.96 -38.10
C GLY B 42 38.52 -37.61 -39.13
N LEU B 43 37.56 -38.51 -39.32
CA LEU B 43 36.48 -38.28 -40.28
C LEU B 43 35.15 -38.56 -39.63
N PHE B 44 34.18 -37.69 -39.88
CA PHE B 44 32.81 -37.89 -39.39
C PHE B 44 31.94 -38.24 -40.60
N ALA B 45 31.58 -39.52 -40.71
CA ALA B 45 30.76 -40.01 -41.81
C ALA B 45 29.29 -39.90 -41.43
N LEU B 46 28.44 -39.58 -42.41
CA LEU B 46 26.99 -39.58 -42.24
C LEU B 46 26.52 -38.48 -41.27
N GLY B 47 27.19 -37.36 -41.32
CA GLY B 47 26.73 -36.14 -40.64
C GLY B 47 25.77 -35.34 -41.51
N SER B 48 25.32 -34.20 -41.00
CA SER B 48 24.40 -33.36 -41.78
C SER B 48 24.98 -33.00 -43.15
N SER B 49 26.24 -32.58 -43.20
CA SER B 49 26.87 -32.16 -44.45
C SER B 49 27.18 -33.32 -45.40
N GLY B 50 27.06 -34.55 -44.90
CA GLY B 50 27.17 -35.74 -45.74
C GLY B 50 25.83 -36.06 -46.38
N GLU B 51 24.87 -35.14 -46.24
CA GLU B 51 23.51 -35.35 -46.73
C GLU B 51 22.86 -36.61 -46.13
N ALA B 52 23.20 -36.95 -44.89
CA ALA B 52 22.63 -38.10 -44.24
C ALA B 52 21.10 -38.08 -44.25
N ALA B 53 20.49 -36.90 -44.10
CA ALA B 53 19.02 -36.83 -44.06
C ALA B 53 18.40 -37.11 -45.43
N PHE B 54 19.24 -37.12 -46.47
CA PHE B 54 18.78 -37.30 -47.86
C PHE B 54 19.02 -38.72 -48.38
N LEU B 55 19.95 -39.42 -47.76
CA LEU B 55 20.33 -40.76 -48.19
C LEU B 55 19.46 -41.83 -47.53
N THR B 56 19.14 -42.89 -48.27
CA THR B 56 18.43 -43.99 -47.68
C THR B 56 19.39 -44.77 -46.76
N ARG B 57 18.83 -45.64 -45.94
CA ARG B 57 19.64 -46.43 -45.03
C ARG B 57 20.67 -47.27 -45.79
N ALA B 58 20.27 -47.83 -46.93
CA ALA B 58 21.21 -48.58 -47.77
C ALA B 58 22.33 -47.70 -48.30
N GLN B 59 22.01 -46.49 -48.74
CA GLN B 59 23.01 -45.57 -49.25
C GLN B 59 23.96 -45.13 -48.16
N ARG B 60 23.42 -44.91 -46.97
CA ARG B 60 24.25 -44.55 -45.82
C ARG B 60 25.26 -45.65 -45.55
N LYS B 61 24.80 -46.90 -45.59
CA LYS B 61 25.69 -48.03 -45.37
C LYS B 61 26.81 -48.08 -46.42
N LEU B 62 26.46 -47.86 -47.68
CA LEU B 62 27.46 -47.81 -48.75
C LEU B 62 28.47 -46.68 -48.53
N ALA B 63 28.00 -45.48 -48.20
CA ALA B 63 28.93 -44.38 -48.01
C ALA B 63 29.86 -44.63 -46.81
N LEU B 64 29.29 -45.12 -45.71
CA LEU B 64 30.07 -45.39 -44.49
C LEU B 64 31.13 -46.45 -44.74
N THR B 65 30.73 -47.55 -45.36
CA THR B 65 31.67 -48.63 -45.67
C THR B 65 32.75 -48.15 -46.62
N THR B 66 32.37 -47.37 -47.63
CA THR B 66 33.35 -46.82 -48.57
C THR B 66 34.38 -45.96 -47.84
N ILE B 67 33.90 -45.14 -46.92
CA ILE B 67 34.81 -44.26 -46.20
C ILE B 67 35.77 -45.04 -45.31
N ILE B 68 35.22 -45.99 -44.56
CA ILE B 68 36.02 -46.76 -43.60
C ILE B 68 37.07 -47.58 -44.35
N GLU B 69 36.65 -48.28 -45.40
CA GLU B 69 37.59 -49.13 -46.14
C GLU B 69 38.70 -48.31 -46.81
N HIS B 70 38.36 -47.16 -47.39
CA HIS B 70 39.39 -46.37 -48.07
C HIS B 70 40.30 -45.68 -47.07
N THR B 71 39.77 -45.33 -45.92
CA THR B 71 40.59 -44.69 -44.89
C THR B 71 41.73 -45.61 -44.46
N ALA B 72 41.41 -46.90 -44.38
CA ALA B 72 42.39 -47.94 -44.11
C ALA B 72 43.17 -47.66 -42.84
N GLY B 73 42.45 -47.19 -41.83
CA GLY B 73 43.01 -46.94 -40.50
C GLY B 73 43.91 -45.73 -40.35
N ARG B 74 44.00 -44.90 -41.38
CA ARG B 74 44.91 -43.75 -41.33
C ARG B 74 44.48 -42.74 -40.26
N VAL B 75 43.18 -42.52 -40.14
CA VAL B 75 42.58 -41.71 -39.09
C VAL B 75 41.31 -42.42 -38.62
N PRO B 76 40.83 -42.12 -37.40
CA PRO B 76 39.60 -42.78 -36.97
C PRO B 76 38.36 -42.21 -37.64
N VAL B 77 37.35 -43.06 -37.78
CA VAL B 77 36.09 -42.68 -38.40
C VAL B 77 34.93 -42.87 -37.42
N THR B 78 34.18 -41.79 -37.20
CA THR B 78 32.98 -41.87 -36.37
C THR B 78 31.76 -41.81 -37.30
N ALA B 79 30.70 -42.51 -36.90
CA ALA B 79 29.51 -42.65 -37.75
C ALA B 79 28.29 -41.95 -37.17
N GLY B 80 27.69 -41.09 -37.97
CA GLY B 80 26.38 -40.54 -37.63
C GLY B 80 25.31 -41.62 -37.61
N VAL B 81 24.42 -41.53 -36.62
CA VAL B 81 23.28 -42.42 -36.54
C VAL B 81 22.02 -41.57 -36.37
N ILE B 82 21.88 -40.61 -37.28
CA ILE B 82 20.82 -39.61 -37.19
C ILE B 82 19.47 -40.19 -37.64
N GLU B 83 18.53 -40.26 -36.70
CA GLU B 83 17.16 -40.71 -36.99
C GLU B 83 16.23 -40.12 -35.95
N THR B 84 14.93 -40.21 -36.19
CA THR B 84 13.97 -39.50 -35.35
C THR B 84 13.91 -39.94 -33.89
N THR B 85 13.95 -41.25 -33.62
CA THR B 85 13.84 -41.75 -32.25
C THR B 85 14.73 -42.97 -32.03
N THR B 86 14.70 -43.46 -30.79
CA THR B 86 15.71 -44.40 -30.29
C THR B 86 15.80 -45.73 -31.04
N ALA B 87 14.66 -46.39 -31.28
CA ALA B 87 14.71 -47.67 -31.98
C ALA B 87 15.30 -47.53 -33.37
N ARG B 88 14.94 -46.45 -34.04
CA ARG B 88 15.44 -46.20 -35.39
C ARG B 88 16.93 -45.84 -35.38
N VAL B 89 17.36 -45.12 -34.34
CA VAL B 89 18.79 -44.84 -34.20
C VAL B 89 19.57 -46.12 -33.93
N ILE B 90 19.01 -47.01 -33.12
CA ILE B 90 19.74 -48.22 -32.77
C ILE B 90 19.93 -49.15 -33.99
N GLU B 91 18.99 -49.14 -34.93
CA GLU B 91 19.18 -49.88 -36.17
C GLU B 91 20.45 -49.41 -36.88
N LEU B 92 20.67 -48.10 -36.87
CA LEU B 92 21.83 -47.51 -37.51
C LEU B 92 23.11 -47.76 -36.73
N VAL B 93 22.99 -47.90 -35.41
CA VAL B 93 24.13 -48.27 -34.59
C VAL B 93 24.58 -49.67 -34.98
N GLU B 94 23.61 -50.55 -35.21
CA GLU B 94 23.90 -51.90 -35.67
C GLU B 94 24.64 -51.88 -37.00
N ASP B 95 24.18 -51.04 -37.94
CA ASP B 95 24.88 -50.88 -39.21
C ASP B 95 26.30 -50.36 -39.00
N ALA B 96 26.45 -49.43 -38.06
CA ALA B 96 27.74 -48.82 -37.81
C ALA B 96 28.73 -49.85 -37.28
N LEU B 97 28.27 -50.69 -36.36
CA LEU B 97 29.14 -51.73 -35.80
C LEU B 97 29.53 -52.74 -36.88
N GLU B 98 28.56 -53.11 -37.72
CA GLU B 98 28.82 -54.02 -38.82
C GLU B 98 29.91 -53.49 -39.75
N ALA B 99 29.92 -52.17 -39.95
CA ALA B 99 30.84 -51.52 -40.87
C ALA B 99 32.20 -51.29 -40.25
N GLY B 100 32.29 -51.48 -38.93
CA GLY B 100 33.53 -51.24 -38.20
C GLY B 100 33.78 -49.78 -37.85
N ALA B 101 32.71 -49.02 -37.63
CA ALA B 101 32.84 -47.64 -37.18
C ALA B 101 33.57 -47.57 -35.83
N GLU B 102 34.29 -46.48 -35.58
CA GLU B 102 35.07 -46.36 -34.34
C GLU B 102 34.46 -45.38 -33.35
N GLY B 103 33.34 -44.78 -33.73
CA GLY B 103 32.60 -43.91 -32.84
C GLY B 103 31.19 -43.71 -33.37
N LEU B 104 30.34 -43.10 -32.56
CA LEU B 104 28.96 -42.82 -32.94
C LEU B 104 28.62 -41.36 -32.69
N VAL B 105 27.78 -40.78 -33.54
CA VAL B 105 27.30 -39.41 -33.32
C VAL B 105 25.78 -39.40 -33.42
N ALA B 106 25.10 -38.97 -32.37
CA ALA B 106 23.64 -39.00 -32.34
C ALA B 106 23.08 -37.66 -31.88
N THR B 107 21.89 -37.32 -32.39
CA THR B 107 21.18 -36.13 -31.93
C THR B 107 20.07 -36.48 -30.94
N ALA B 108 19.44 -35.45 -30.37
CA ALA B 108 18.19 -35.64 -29.63
C ALA B 108 17.12 -36.22 -30.57
N PRO B 109 16.05 -36.79 -30.01
CA PRO B 109 14.93 -37.17 -30.88
C PRO B 109 14.40 -35.96 -31.62
N PHE B 110 13.82 -36.19 -32.79
CA PHE B 110 13.18 -35.09 -33.49
C PHE B 110 11.95 -35.62 -34.22
N TYR B 111 11.25 -34.70 -34.90
CA TYR B 111 9.86 -34.84 -35.37
C TYR B 111 8.92 -34.92 -34.17
N THR B 112 9.05 -35.99 -33.38
CA THR B 112 8.25 -36.04 -32.14
C THR B 112 8.60 -34.88 -31.21
N ARG B 113 7.60 -34.42 -30.48
CA ARG B 113 7.83 -33.58 -29.33
C ARG B 113 8.74 -34.36 -28.37
N THR B 114 9.56 -33.65 -27.61
CA THR B 114 10.43 -34.35 -26.68
C THR B 114 10.60 -33.54 -25.40
N HIS B 115 11.55 -33.95 -24.56
CA HIS B 115 11.74 -33.36 -23.24
C HIS B 115 13.14 -33.75 -22.80
N ASP B 116 13.77 -32.92 -21.97
CA ASP B 116 15.09 -33.27 -21.45
C ASP B 116 15.14 -34.67 -20.83
N VAL B 117 14.09 -35.08 -20.13
CA VAL B 117 14.05 -36.41 -19.54
C VAL B 117 14.11 -37.49 -20.62
N GLU B 118 13.41 -37.25 -21.73
CA GLU B 118 13.36 -38.23 -22.80
C GLU B 118 14.65 -38.22 -23.64
N ILE B 119 15.23 -37.04 -23.82
CA ILE B 119 16.54 -36.91 -24.46
C ILE B 119 17.62 -37.70 -23.70
N GLU B 120 17.58 -37.59 -22.38
CA GLU B 120 18.56 -38.29 -21.56
C GLU B 120 18.38 -39.80 -21.70
N GLU B 121 17.14 -40.29 -21.67
CA GLU B 121 16.91 -41.72 -21.81
C GLU B 121 17.38 -42.22 -23.18
N HIS B 122 17.10 -41.43 -24.21
CA HIS B 122 17.50 -41.69 -25.58
C HIS B 122 19.02 -41.95 -25.67
N PHE B 123 19.81 -41.03 -25.13
CA PHE B 123 21.27 -41.21 -25.20
C PHE B 123 21.74 -42.44 -24.40
N ARG B 124 21.11 -42.68 -23.25
CA ARG B 124 21.51 -43.83 -22.44
C ARG B 124 21.25 -45.14 -23.16
N LYS B 125 20.12 -45.21 -23.86
CA LYS B 125 19.75 -46.42 -24.59
C LYS B 125 20.61 -46.62 -25.84
N ILE B 126 20.99 -45.53 -26.48
CA ILE B 126 21.88 -45.63 -27.63
C ILE B 126 23.22 -46.17 -27.16
N HIS B 127 23.74 -45.61 -26.08
CA HIS B 127 25.03 -46.04 -25.52
C HIS B 127 25.00 -47.54 -25.21
N ALA B 128 23.89 -47.98 -24.64
CA ALA B 128 23.76 -49.38 -24.24
C ALA B 128 23.83 -50.34 -25.44
N ALA B 129 23.49 -49.83 -26.63
CA ALA B 129 23.54 -50.64 -27.85
C ALA B 129 24.97 -50.86 -28.36
N ALA B 130 25.90 -50.01 -27.94
CA ALA B 130 27.29 -50.14 -28.33
C ALA B 130 28.19 -49.49 -27.28
N PRO B 131 28.26 -50.09 -26.09
CA PRO B 131 28.92 -49.43 -24.96
C PRO B 131 30.44 -49.23 -25.14
N GLU B 132 31.06 -49.93 -26.07
CA GLU B 132 32.50 -49.81 -26.25
CA GLU B 132 32.50 -49.86 -26.29
C GLU B 132 32.87 -48.72 -27.25
N LEU B 133 31.89 -48.14 -27.93
CA LEU B 133 32.17 -47.05 -28.85
C LEU B 133 31.94 -45.69 -28.20
N PRO B 134 32.84 -44.74 -28.46
CA PRO B 134 32.63 -43.36 -28.00
C PRO B 134 31.37 -42.77 -28.65
N LEU B 135 30.41 -42.34 -27.83
CA LEU B 135 29.18 -41.73 -28.32
C LEU B 135 29.25 -40.22 -28.14
N PHE B 136 29.13 -39.47 -29.24
CA PHE B 136 29.13 -38.02 -29.14
C PHE B 136 27.71 -37.51 -29.35
N ALA B 137 27.31 -36.56 -28.52
CA ALA B 137 26.03 -35.87 -28.69
C ALA B 137 26.15 -34.69 -29.65
N TYR B 138 25.29 -34.67 -30.66
CA TYR B 138 25.35 -33.69 -31.74
C TYR B 138 24.32 -32.61 -31.48
N ASN B 139 24.75 -31.42 -31.07
CA ASN B 139 23.82 -30.33 -30.78
C ASN B 139 23.59 -29.52 -32.03
N ILE B 140 22.43 -29.69 -32.64
CA ILE B 140 22.16 -28.98 -33.88
C ILE B 140 20.69 -28.51 -33.90
N PRO B 141 20.40 -27.46 -33.13
CA PRO B 141 19.02 -26.96 -32.95
C PRO B 141 18.33 -26.59 -34.26
N VAL B 142 19.08 -26.13 -35.26
CA VAL B 142 18.44 -25.71 -36.51
C VAL B 142 17.76 -26.91 -37.19
N SER B 143 18.24 -28.12 -36.92
CA SER B 143 17.67 -29.31 -37.53
C SER B 143 16.77 -30.14 -36.61
N VAL B 144 17.08 -30.17 -35.31
CA VAL B 144 16.24 -31.02 -34.45
CA VAL B 144 16.38 -31.01 -34.34
C VAL B 144 15.36 -30.21 -33.50
N HIS B 145 15.64 -28.92 -33.34
CA HIS B 145 14.73 -28.01 -32.62
C HIS B 145 14.54 -28.41 -31.17
N SER B 146 15.62 -28.92 -30.63
CA SER B 146 15.87 -28.98 -29.21
C SER B 146 17.29 -28.47 -29.02
N ASN B 147 17.54 -27.89 -27.84
CA ASN B 147 18.88 -27.54 -27.41
C ASN B 147 19.32 -28.54 -26.35
N LEU B 148 20.49 -29.16 -26.54
CA LEU B 148 20.98 -30.13 -25.56
C LEU B 148 21.38 -29.45 -24.27
N ASN B 149 20.72 -29.85 -23.18
CA ASN B 149 20.97 -29.28 -21.86
C ASN B 149 22.38 -29.59 -21.42
N PRO B 150 23.19 -28.55 -21.16
CA PRO B 150 24.60 -28.80 -20.82
C PRO B 150 24.77 -29.55 -19.50
N VAL B 151 23.87 -29.34 -18.55
CA VAL B 151 23.92 -30.10 -17.30
C VAL B 151 23.67 -31.60 -17.54
N MET B 152 22.71 -31.91 -18.41
CA MET B 152 22.44 -33.29 -18.83
CA MET B 152 22.45 -33.29 -18.80
C MET B 152 23.66 -33.92 -19.49
N LEU B 153 24.32 -33.17 -20.38
CA LEU B 153 25.50 -33.68 -21.08
C LEU B 153 26.60 -34.04 -20.09
N LEU B 154 26.83 -33.20 -19.10
CA LEU B 154 27.92 -33.46 -18.15
C LEU B 154 27.54 -34.61 -17.23
N THR B 155 26.26 -34.73 -16.90
CA THR B 155 25.77 -35.87 -16.13
C THR B 155 26.05 -37.16 -16.90
N LEU B 156 25.73 -37.16 -18.19
CA LEU B 156 25.97 -38.33 -19.03
C LEU B 156 27.45 -38.61 -19.22
N ALA B 157 28.28 -37.57 -19.25
CA ALA B 157 29.73 -37.74 -19.35
C ALA B 157 30.26 -38.38 -18.07
N LYS B 158 29.78 -37.91 -16.94
CA LYS B 158 30.23 -38.45 -15.64
C LYS B 158 29.86 -39.93 -15.55
N ASP B 159 28.72 -40.31 -16.13
CA ASP B 159 28.28 -41.70 -16.11
C ASP B 159 28.92 -42.57 -17.18
N GLY B 160 29.76 -41.99 -18.03
CA GLY B 160 30.41 -42.72 -19.10
C GLY B 160 29.55 -43.01 -20.32
N VAL B 161 28.39 -42.37 -20.39
CA VAL B 161 27.46 -42.56 -21.51
C VAL B 161 27.90 -41.76 -22.75
N LEU B 162 28.35 -40.53 -22.52
CA LEU B 162 28.82 -39.67 -23.60
C LEU B 162 30.32 -39.45 -23.50
N ALA B 163 31.00 -39.61 -24.64
CA ALA B 163 32.42 -39.33 -24.77
C ALA B 163 32.71 -37.90 -25.20
N GLY B 164 31.68 -37.20 -25.66
CA GLY B 164 31.86 -35.83 -26.08
C GLY B 164 30.63 -35.24 -26.73
N THR B 165 30.77 -34.03 -27.26
CA THR B 165 29.71 -33.37 -27.98
C THR B 165 30.28 -32.63 -29.20
N LYS B 166 29.50 -32.63 -30.28
CA LYS B 166 29.76 -31.77 -31.43
CA LYS B 166 29.78 -31.78 -31.43
C LYS B 166 28.71 -30.69 -31.39
N ASP B 167 29.11 -29.46 -31.16
CA ASP B 167 28.14 -28.38 -30.98
C ASP B 167 28.07 -27.46 -32.19
N SER B 168 26.96 -27.57 -32.93
CA SER B 168 26.72 -26.72 -34.08
C SER B 168 25.65 -25.67 -33.83
N SER B 169 25.50 -25.26 -32.57
CA SER B 169 24.45 -24.29 -32.24
C SER B 169 24.78 -22.89 -32.73
N GLY B 170 26.06 -22.65 -33.01
CA GLY B 170 26.50 -21.32 -33.40
C GLY B 170 26.66 -20.34 -32.25
N ASN B 171 26.46 -20.82 -31.02
CA ASN B 171 26.53 -19.98 -29.83
C ASN B 171 27.84 -20.21 -29.07
N ASP B 172 28.82 -19.36 -29.31
CA ASP B 172 30.16 -19.60 -28.77
C ASP B 172 30.24 -19.29 -27.28
N GLY B 173 29.39 -18.39 -26.81
CA GLY B 173 29.29 -18.16 -25.39
C GLY B 173 28.79 -19.41 -24.67
N ALA B 174 27.82 -20.10 -25.27
CA ALA B 174 27.28 -21.30 -24.65
C ALA B 174 28.31 -22.43 -24.68
N ILE B 175 29.02 -22.55 -25.80
CA ILE B 175 30.07 -23.56 -25.90
C ILE B 175 31.14 -23.28 -24.84
N ARG B 176 31.51 -22.01 -24.68
CA ARG B 176 32.54 -21.65 -23.71
C ARG B 176 32.11 -21.99 -22.28
N SER B 177 30.85 -21.69 -21.98
CA SER B 177 30.28 -22.01 -20.67
C SER B 177 30.30 -23.51 -20.40
N LEU B 178 30.02 -24.31 -21.43
CA LEU B 178 30.04 -25.77 -21.27
C LEU B 178 31.47 -26.27 -21.01
N ILE B 179 32.44 -25.70 -21.72
CA ILE B 179 33.83 -26.08 -21.49
C ILE B 179 34.23 -25.75 -20.05
N GLU B 180 33.85 -24.55 -19.61
CA GLU B 180 34.16 -24.12 -18.24
C GLU B 180 33.52 -25.06 -17.23
N ALA B 181 32.25 -25.40 -17.43
CA ALA B 181 31.56 -26.30 -16.51
C ALA B 181 32.20 -27.69 -16.53
N ARG B 182 32.57 -28.17 -17.71
CA ARG B 182 33.27 -29.45 -17.81
C ARG B 182 34.54 -29.45 -16.99
N ASP B 183 35.37 -28.42 -17.21
CA ASP B 183 36.65 -28.33 -16.53
C ASP B 183 36.44 -28.22 -15.02
N ASP B 184 35.49 -27.40 -14.61
CA ASP B 184 35.21 -27.23 -13.17
C ASP B 184 34.72 -28.53 -12.54
N ALA B 185 34.05 -29.38 -13.32
CA ALA B 185 33.57 -30.69 -12.85
C ALA B 185 34.63 -31.80 -12.89
N GLY B 186 35.81 -31.48 -13.41
CA GLY B 186 36.87 -32.46 -13.52
C GLY B 186 36.64 -33.48 -14.62
N LEU B 187 35.95 -33.07 -15.67
CA LEU B 187 35.59 -33.98 -16.76
C LEU B 187 36.33 -33.68 -18.06
N THR B 188 37.42 -32.93 -17.95
CA THR B 188 38.18 -32.47 -19.11
C THR B 188 38.64 -33.59 -20.05
N GLU B 189 39.22 -34.66 -19.50
CA GLU B 189 39.72 -35.73 -20.35
C GLU B 189 38.60 -36.63 -20.86
N GLN B 190 37.53 -36.74 -20.08
CA GLN B 190 36.46 -37.69 -20.35
C GLN B 190 35.49 -37.25 -21.44
N PHE B 191 35.39 -35.94 -21.64
CA PHE B 191 34.32 -35.37 -22.45
C PHE B 191 34.87 -34.36 -23.43
N LYS B 192 35.04 -34.77 -24.68
CA LYS B 192 35.60 -33.87 -25.68
C LYS B 192 34.54 -32.92 -26.21
N ILE B 193 34.93 -31.68 -26.40
CA ILE B 193 34.01 -30.69 -26.91
C ILE B 193 34.54 -30.19 -28.25
N LEU B 194 33.79 -30.50 -29.31
CA LEU B 194 34.17 -30.11 -30.66
C LEU B 194 33.20 -29.06 -31.15
N THR B 195 33.71 -28.00 -31.76
CA THR B 195 32.81 -27.01 -32.34
C THR B 195 32.46 -27.37 -33.77
N GLY B 196 31.22 -27.12 -34.16
CA GLY B 196 30.80 -27.28 -35.55
C GLY B 196 30.99 -25.99 -36.33
N SER B 197 31.50 -24.97 -35.65
CA SER B 197 31.73 -23.68 -36.30
C SER B 197 32.74 -23.75 -37.44
N GLU B 198 32.45 -23.02 -38.51
CA GLU B 198 33.41 -22.90 -39.58
C GLU B 198 34.17 -21.59 -39.52
N THR B 199 33.60 -20.60 -38.83
CA THR B 199 34.14 -19.25 -38.83
C THR B 199 34.61 -18.73 -37.49
N THR B 200 34.43 -19.53 -36.44
CA THR B 200 34.90 -19.12 -35.11
C THR B 200 35.64 -20.26 -34.40
N VAL B 201 36.48 -20.94 -35.18
CA VAL B 201 37.26 -22.05 -34.69
C VAL B 201 38.34 -21.56 -33.74
N ASP B 202 38.98 -20.44 -34.08
CA ASP B 202 39.97 -19.86 -33.17
C ASP B 202 39.35 -19.53 -31.81
N PHE B 203 38.14 -18.97 -31.79
CA PHE B 203 37.46 -18.69 -30.51
C PHE B 203 37.33 -19.97 -29.69
N ALA B 204 36.86 -21.04 -30.32
CA ALA B 204 36.64 -22.29 -29.61
C ALA B 204 37.94 -22.82 -29.00
N TYR B 205 39.01 -22.82 -29.80
CA TYR B 205 40.30 -23.29 -29.29
C TYR B 205 40.83 -22.40 -28.17
N LEU B 206 40.64 -21.08 -28.29
CA LEU B 206 41.07 -20.15 -27.24
C LEU B 206 40.39 -20.47 -25.91
N ALA B 207 39.13 -20.90 -26.00
CA ALA B 207 38.37 -21.29 -24.81
C ALA B 207 38.63 -22.72 -24.36
N GLY B 208 39.49 -23.45 -25.06
CA GLY B 208 39.87 -24.79 -24.64
C GLY B 208 39.11 -25.94 -25.27
N ALA B 209 38.44 -25.68 -26.39
CA ALA B 209 37.79 -26.78 -27.11
C ALA B 209 38.81 -27.79 -27.64
N ASP B 210 38.34 -29.00 -27.91
CA ASP B 210 39.22 -30.11 -28.30
C ASP B 210 39.36 -30.29 -29.80
N GLY B 211 38.55 -29.56 -30.57
CA GLY B 211 38.61 -29.74 -32.01
C GLY B 211 37.41 -29.11 -32.71
N VAL B 212 37.27 -29.46 -33.98
CA VAL B 212 36.36 -28.78 -34.87
C VAL B 212 35.86 -29.75 -35.93
N VAL B 213 34.58 -29.61 -36.27
CA VAL B 213 33.90 -30.42 -37.28
C VAL B 213 33.31 -29.43 -38.29
N PRO B 214 34.13 -28.92 -39.22
CA PRO B 214 33.70 -27.85 -40.12
C PRO B 214 33.30 -28.36 -41.50
N GLY B 215 32.08 -28.06 -41.95
CA GLY B 215 31.68 -28.48 -43.28
C GLY B 215 32.66 -27.99 -44.36
N LEU B 216 33.11 -26.75 -44.22
CA LEU B 216 34.01 -26.14 -45.20
C LEU B 216 35.35 -26.88 -45.22
N GLY B 217 35.60 -27.66 -44.18
CA GLY B 217 36.80 -28.49 -44.10
C GLY B 217 36.86 -29.53 -45.22
N ASN B 218 35.73 -29.80 -45.84
CA ASN B 218 35.71 -30.67 -47.03
C ASN B 218 36.43 -30.01 -48.18
N VAL B 219 36.21 -28.71 -48.34
CA VAL B 219 36.80 -27.97 -49.44
C VAL B 219 38.28 -27.69 -49.17
N ASP B 220 38.58 -27.22 -47.96
CA ASP B 220 39.93 -26.77 -47.62
C ASP B 220 40.43 -27.38 -46.31
N PRO B 221 40.68 -28.70 -46.31
CA PRO B 221 41.15 -29.37 -45.09
C PRO B 221 42.49 -28.82 -44.63
N ALA B 222 43.36 -28.45 -45.57
CA ALA B 222 44.67 -27.91 -45.20
C ALA B 222 44.55 -26.58 -44.45
N ALA B 223 43.57 -25.78 -44.82
CA ALA B 223 43.36 -24.52 -44.10
C ALA B 223 43.01 -24.78 -42.64
N TYR B 224 42.10 -25.73 -42.40
CA TYR B 224 41.66 -26.00 -41.03
C TYR B 224 42.75 -26.72 -40.24
N ALA B 225 43.51 -27.59 -40.90
CA ALA B 225 44.66 -28.21 -40.24
C ALA B 225 45.66 -27.14 -39.80
N ALA B 226 45.93 -26.19 -40.69
CA ALA B 226 46.88 -25.14 -40.40
C ALA B 226 46.37 -24.27 -39.25
N LEU B 227 45.07 -23.98 -39.27
CA LEU B 227 44.47 -23.14 -38.23
C LEU B 227 44.54 -23.83 -36.87
N ALA B 228 44.18 -25.11 -36.84
CA ALA B 228 44.22 -25.86 -35.58
C ALA B 228 45.64 -25.84 -35.00
N LYS B 229 46.62 -25.99 -35.88
CA LYS B 229 48.00 -26.04 -35.42
C LYS B 229 48.44 -24.71 -34.82
N LEU B 230 48.06 -23.60 -35.45
CA LEU B 230 48.38 -22.27 -34.89
C LEU B 230 47.75 -22.15 -33.50
N CYS B 231 46.52 -22.62 -33.36
CA CYS B 231 45.83 -22.55 -32.08
C CYS B 231 46.51 -23.44 -31.04
N LEU B 232 46.88 -24.65 -31.45
CA LEU B 232 47.57 -25.55 -30.54
C LEU B 232 48.91 -24.96 -30.08
N ASP B 233 49.50 -24.12 -30.92
CA ASP B 233 50.80 -23.52 -30.62
C ASP B 233 50.65 -22.16 -29.92
N GLY B 234 49.42 -21.79 -29.60
CA GLY B 234 49.14 -20.54 -28.90
C GLY B 234 49.38 -19.28 -29.71
N LYS B 235 49.37 -19.39 -31.04
CA LYS B 235 49.62 -18.24 -31.91
C LYS B 235 48.29 -17.61 -32.31
N TRP B 236 47.68 -16.92 -31.35
CA TRP B 236 46.29 -16.52 -31.48
C TRP B 236 46.11 -15.43 -32.53
N ALA B 237 47.06 -14.50 -32.61
CA ALA B 237 46.97 -13.45 -33.61
C ALA B 237 47.07 -14.04 -35.01
N GLU B 238 48.03 -14.94 -35.19
CA GLU B 238 48.20 -15.61 -36.46
C GLU B 238 46.98 -16.45 -36.80
N ALA B 239 46.41 -17.09 -35.79
CA ALA B 239 45.22 -17.90 -35.98
C ALA B 239 44.06 -17.03 -36.45
N ALA B 240 43.87 -15.89 -35.80
CA ALA B 240 42.78 -14.98 -36.21
C ALA B 240 42.95 -14.47 -37.63
N ALA B 241 44.19 -14.25 -38.06
CA ALA B 241 44.40 -13.81 -39.42
C ALA B 241 44.04 -14.90 -40.42
N LEU B 242 44.37 -16.15 -40.10
CA LEU B 242 44.04 -17.27 -41.00
C LEU B 242 42.55 -17.54 -40.99
N GLN B 243 41.93 -17.47 -39.81
CA GLN B 243 40.49 -17.64 -39.70
C GLN B 243 39.75 -16.62 -40.60
N LYS B 244 40.25 -15.39 -40.63
CA LYS B 244 39.63 -14.35 -41.46
C LYS B 244 39.67 -14.73 -42.93
N ARG B 245 40.79 -15.31 -43.36
CA ARG B 245 40.92 -15.74 -44.75
C ARG B 245 39.97 -16.89 -45.06
N ILE B 246 39.89 -17.84 -44.13
CA ILE B 246 38.96 -18.94 -44.23
C ILE B 246 37.52 -18.42 -44.34
N ASN B 247 37.22 -17.38 -43.57
CA ASN B 247 35.87 -16.82 -43.57
C ASN B 247 35.52 -16.15 -44.89
N HIS B 248 36.53 -15.79 -45.66
CA HIS B 248 36.25 -15.26 -47.01
C HIS B 248 36.05 -16.38 -48.03
N LEU B 249 36.75 -17.50 -47.86
CA LEU B 249 36.40 -18.70 -48.62
C LEU B 249 34.96 -19.15 -48.34
N PHE B 250 34.53 -18.99 -47.08
CA PHE B 250 33.20 -19.43 -46.65
C PHE B 250 32.09 -18.73 -47.41
N HIS B 251 32.40 -17.59 -48.02
CA HIS B 251 31.42 -16.85 -48.83
C HIS B 251 30.81 -17.72 -49.94
N ILE B 252 31.44 -18.84 -50.30
CA ILE B 252 30.86 -19.71 -51.32
C ILE B 252 29.45 -20.19 -50.93
N VAL B 253 29.12 -20.23 -49.63
CA VAL B 253 27.81 -20.74 -49.24
C VAL B 253 26.72 -19.70 -49.40
N PHE B 254 27.12 -18.45 -49.61
CA PHE B 254 26.15 -17.36 -49.71
C PHE B 254 25.90 -16.95 -51.16
N VAL B 255 26.43 -17.71 -52.10
CA VAL B 255 26.27 -17.36 -53.51
C VAL B 255 24.90 -17.74 -54.05
N GLY B 256 24.48 -18.98 -53.80
CA GLY B 256 23.16 -19.44 -54.21
C GLY B 256 22.03 -18.54 -53.75
N ASP B 257 21.15 -18.20 -54.69
CA ASP B 257 20.03 -17.32 -54.40
C ASP B 257 18.95 -18.03 -53.58
N THR B 258 18.88 -17.71 -52.30
CA THR B 258 17.97 -18.42 -51.41
C THR B 258 16.52 -17.93 -51.56
N SER B 259 16.27 -17.02 -52.49
CA SER B 259 14.89 -16.72 -52.85
C SER B 259 14.25 -17.91 -53.58
N HIS B 260 15.06 -18.86 -54.06
CA HIS B 260 14.45 -20.04 -54.67
C HIS B 260 15.21 -21.32 -54.40
N MET B 261 15.86 -21.39 -53.24
CA MET B 261 16.48 -22.61 -52.79
C MET B 261 16.74 -22.53 -51.30
N SER B 262 16.91 -23.68 -50.66
CA SER B 262 17.19 -23.72 -49.24
C SER B 262 18.65 -23.39 -48.96
N GLY B 263 18.95 -23.13 -47.69
CA GLY B 263 20.32 -22.95 -47.24
C GLY B 263 21.16 -24.19 -47.48
N SER B 264 20.53 -25.37 -47.48
CA SER B 264 21.25 -26.62 -47.77
C SER B 264 21.67 -26.65 -49.25
N SER B 265 20.73 -26.31 -50.14
CA SER B 265 21.08 -26.23 -51.56
C SER B 265 22.21 -25.24 -51.79
N ALA B 266 22.16 -24.08 -51.17
CA ALA B 266 23.19 -23.07 -51.41
C ALA B 266 24.51 -23.46 -50.75
N GLY B 267 24.43 -23.95 -49.52
CA GLY B 267 25.63 -24.23 -48.76
C GLY B 267 26.36 -25.49 -49.20
N LEU B 268 25.68 -26.62 -49.12
CA LEU B 268 26.28 -27.88 -49.55
C LEU B 268 26.53 -27.87 -51.05
N GLY B 269 25.62 -27.27 -51.82
CA GLY B 269 25.86 -27.10 -53.25
C GLY B 269 27.10 -26.29 -53.52
N GLY B 270 27.31 -25.24 -52.72
CA GLY B 270 28.51 -24.43 -52.81
C GLY B 270 29.75 -25.27 -52.57
N PHE B 271 29.73 -26.09 -51.53
CA PHE B 271 30.85 -26.97 -51.21
C PHE B 271 31.16 -27.93 -52.34
N LYS B 272 30.11 -28.55 -52.88
CA LYS B 272 30.33 -29.56 -53.92
C LYS B 272 30.81 -28.91 -55.20
N THR B 273 30.34 -27.69 -55.47
CA THR B 273 30.78 -26.94 -56.64
C THR B 273 32.27 -26.63 -56.53
N ALA B 274 32.70 -26.26 -55.33
CA ALA B 274 34.12 -26.04 -55.07
C ALA B 274 34.93 -27.31 -55.26
N LEU B 275 34.43 -28.42 -54.74
CA LEU B 275 35.15 -29.70 -54.82
C LEU B 275 35.28 -30.17 -56.26
N ALA B 276 34.23 -29.97 -57.04
CA ALA B 276 34.27 -30.32 -58.47
C ALA B 276 35.26 -29.43 -59.21
N HIS B 277 35.30 -28.16 -58.84
CA HIS B 277 36.19 -27.20 -59.47
C HIS B 277 37.64 -27.57 -59.21
N LEU B 278 37.91 -28.10 -58.01
CA LEU B 278 39.25 -28.50 -57.60
C LEU B 278 39.62 -29.89 -58.13
N GLY B 279 38.68 -30.52 -58.80
CA GLY B 279 38.90 -31.83 -59.39
C GLY B 279 38.84 -33.01 -58.43
N ILE B 280 38.33 -32.79 -57.23
CA ILE B 280 38.26 -33.84 -56.21
C ILE B 280 37.08 -34.78 -56.42
N ILE B 281 35.92 -34.23 -56.83
CA ILE B 281 34.77 -35.06 -57.12
C ILE B 281 34.29 -34.79 -58.54
N GLU B 282 33.52 -35.71 -59.08
CA GLU B 282 33.09 -35.62 -60.48
C GLU B 282 32.14 -34.46 -60.73
N SER B 283 31.14 -34.27 -59.88
CA SER B 283 30.21 -33.16 -60.11
C SER B 283 29.56 -32.68 -58.82
N ASN B 284 28.81 -31.59 -58.94
CA ASN B 284 28.14 -31.04 -57.78
C ASN B 284 26.70 -31.56 -57.62
N ALA B 285 26.42 -32.75 -58.17
CA ALA B 285 25.10 -33.36 -58.02
C ALA B 285 24.68 -33.45 -56.56
N MET B 286 23.44 -33.05 -56.30
CA MET B 286 22.86 -33.04 -54.97
C MET B 286 21.66 -33.98 -54.92
N ALA B 287 21.32 -34.47 -53.73
CA ALA B 287 20.16 -35.32 -53.57
C ALA B 287 18.86 -34.53 -53.69
N VAL B 288 17.81 -35.17 -54.20
CA VAL B 288 16.47 -34.58 -54.24
C VAL B 288 16.00 -34.29 -52.80
N PRO B 289 15.34 -33.15 -52.57
CA PRO B 289 14.90 -32.15 -53.54
C PRO B 289 15.76 -30.89 -53.60
N HIS B 290 17.06 -31.01 -53.38
CA HIS B 290 17.95 -29.87 -53.55
C HIS B 290 17.82 -29.22 -54.92
N GLN B 291 17.97 -27.90 -54.95
CA GLN B 291 17.96 -27.15 -56.22
C GLN B 291 19.36 -26.98 -56.78
N SER B 292 19.45 -26.90 -58.10
CA SER B 292 20.73 -26.70 -58.78
C SER B 292 21.18 -25.25 -58.74
N LEU B 293 22.50 -25.07 -58.65
CA LEU B 293 23.09 -23.75 -58.80
C LEU B 293 23.19 -23.39 -60.27
N SER B 294 23.02 -22.10 -60.57
CA SER B 294 23.11 -21.62 -61.95
C SER B 294 24.55 -21.47 -62.40
N ASP B 295 24.74 -21.28 -63.70
CA ASP B 295 26.09 -21.07 -64.23
C ASP B 295 26.73 -19.82 -63.65
N GLU B 296 25.97 -18.75 -63.50
CA GLU B 296 26.51 -17.53 -62.91
CA GLU B 296 26.50 -17.52 -62.91
C GLU B 296 26.93 -17.78 -61.47
N GLU B 297 26.13 -18.56 -60.75
CA GLU B 297 26.44 -18.85 -59.36
C GLU B 297 27.70 -19.71 -59.25
N THR B 298 27.82 -20.73 -60.08
CA THR B 298 29.00 -21.58 -60.02
C THR B 298 30.26 -20.80 -60.43
N ALA B 299 30.14 -19.88 -61.38
CA ALA B 299 31.29 -19.06 -61.75
C ALA B 299 31.75 -18.18 -60.58
N ARG B 300 30.80 -17.64 -59.84
CA ARG B 300 31.11 -16.84 -58.66
C ARG B 300 31.79 -17.71 -57.60
N ILE B 301 31.32 -18.94 -57.44
CA ILE B 301 31.92 -19.86 -56.47
C ILE B 301 33.36 -20.17 -56.89
N HIS B 302 33.55 -20.44 -58.18
CA HIS B 302 34.89 -20.71 -58.69
C HIS B 302 35.85 -19.57 -58.39
N ALA B 303 35.38 -18.34 -58.60
CA ALA B 303 36.20 -17.15 -58.39
C ALA B 303 36.62 -17.01 -56.93
N ILE B 304 35.69 -17.29 -56.02
CA ILE B 304 35.97 -17.20 -54.60
C ILE B 304 37.01 -18.25 -54.21
N VAL B 305 36.84 -19.45 -54.74
CA VAL B 305 37.75 -20.56 -54.44
C VAL B 305 39.15 -20.19 -54.94
N ASP B 306 39.22 -19.66 -56.15
CA ASP B 306 40.51 -19.30 -56.72
C ASP B 306 41.26 -18.30 -55.85
N GLU B 307 40.55 -17.33 -55.28
CA GLU B 307 41.18 -16.27 -54.52
C GLU B 307 41.52 -16.69 -53.08
N PHE B 308 40.66 -17.46 -52.43
CA PHE B 308 40.82 -17.66 -50.99
C PHE B 308 41.14 -19.06 -50.49
N LEU B 309 41.33 -20.02 -51.39
CA LEU B 309 41.80 -21.34 -50.96
C LEU B 309 43.18 -21.18 -50.32
N TYR B 310 43.45 -21.96 -49.29
CA TYR B 310 44.67 -21.82 -48.50
C TYR B 310 45.97 -21.98 -49.27
N THR B 311 46.88 -21.03 -49.03
CA THR B 311 48.30 -21.18 -49.41
C THR B 311 49.13 -20.80 -48.20
N ALA B 312 50.17 -21.58 -47.91
CA ALA B 312 51.00 -21.36 -46.73
C ALA B 312 51.99 -20.21 -46.91
N SER C 3 33.08 15.81 -32.07
CA SER C 3 32.16 14.92 -31.38
C SER C 3 32.89 13.79 -30.65
N ALA C 4 32.27 13.27 -29.61
CA ALA C 4 32.87 12.20 -28.80
C ALA C 4 32.99 10.91 -29.60
N THR C 5 33.94 10.06 -29.23
CA THR C 5 34.15 8.78 -29.87
C THR C 5 33.86 7.64 -28.88
N PHE C 6 32.95 6.75 -29.23
CA PHE C 6 32.59 5.70 -28.27
C PHE C 6 33.22 4.36 -28.62
N THR C 7 34.41 4.14 -28.04
CA THR C 7 35.14 2.90 -28.19
C THR C 7 35.66 2.53 -26.82
N GLY C 8 36.18 1.31 -26.70
CA GLY C 8 36.66 0.84 -25.42
C GLY C 8 35.57 0.27 -24.53
N VAL C 9 35.82 0.36 -23.22
CA VAL C 9 34.92 -0.21 -22.22
C VAL C 9 33.88 0.82 -21.80
N ILE C 10 32.63 0.55 -22.12
CA ILE C 10 31.53 1.48 -21.92
C ILE C 10 30.37 0.75 -21.26
N PRO C 11 30.36 0.66 -19.93
CA PRO C 11 29.32 -0.11 -19.23
C PRO C 11 27.96 0.53 -19.34
N PRO C 12 26.91 -0.29 -19.40
CA PRO C 12 25.54 0.24 -19.32
C PRO C 12 25.22 0.54 -17.86
N VAL C 13 25.35 1.80 -17.45
CA VAL C 13 25.23 2.17 -16.05
C VAL C 13 23.89 1.75 -15.45
N MET C 14 23.93 1.11 -14.28
CA MET C 14 22.69 0.69 -13.64
C MET C 14 22.01 1.90 -12.99
N THR C 15 20.76 1.73 -12.58
CA THR C 15 20.06 2.77 -11.82
C THR C 15 19.78 2.26 -10.42
N PRO C 16 20.55 2.72 -9.42
CA PRO C 16 20.26 2.41 -8.03
C PRO C 16 18.94 3.04 -7.62
N LEU C 17 18.18 2.34 -6.80
CA LEU C 17 16.85 2.80 -6.40
C LEU C 17 16.68 2.81 -4.89
N HIS C 18 15.77 3.67 -4.43
CA HIS C 18 15.25 3.61 -3.08
C HIS C 18 14.17 2.53 -3.02
N ALA C 19 13.79 2.13 -1.82
CA ALA C 19 12.75 1.11 -1.66
C ALA C 19 11.41 1.54 -2.29
N ASP C 20 11.16 2.84 -2.38
CA ASP C 20 9.89 3.30 -2.94
C ASP C 20 9.93 3.39 -4.47
N GLY C 21 11.05 2.99 -5.05
CA GLY C 21 11.16 2.94 -6.50
C GLY C 21 11.74 4.19 -7.12
N SER C 22 12.00 5.23 -6.33
CA SER C 22 12.60 6.45 -6.87
C SER C 22 14.10 6.25 -7.10
N VAL C 23 14.66 7.07 -7.99
CA VAL C 23 16.08 7.01 -8.30
C VAL C 23 16.91 7.43 -7.08
N ASP C 24 17.88 6.59 -6.74
CA ASP C 24 18.78 6.86 -5.62
C ASP C 24 19.95 7.65 -6.17
N VAL C 25 19.82 8.98 -6.15
CA VAL C 25 20.79 9.87 -6.79
C VAL C 25 22.17 9.76 -6.15
N GLU C 26 22.21 9.69 -4.82
CA GLU C 26 23.47 9.57 -4.10
C GLU C 26 24.24 8.32 -4.51
N SER C 27 23.55 7.17 -4.51
CA SER C 27 24.16 5.92 -4.94
C SER C 27 24.53 5.94 -6.43
N LEU C 28 23.73 6.63 -7.25
CA LEU C 28 24.05 6.71 -8.67
C LEU C 28 25.37 7.47 -8.89
N ARG C 29 25.58 8.53 -8.12
CA ARG C 29 26.85 9.25 -8.19
C ARG C 29 28.03 8.37 -7.78
N LYS C 30 27.87 7.63 -6.69
CA LYS C 30 28.91 6.70 -6.24
C LYS C 30 29.21 5.66 -7.31
N LEU C 31 28.18 5.16 -7.96
CA LEU C 31 28.38 4.20 -9.05
C LEU C 31 29.16 4.79 -10.23
N VAL C 32 28.81 6.01 -10.62
CA VAL C 32 29.53 6.70 -11.68
C VAL C 32 31.02 6.82 -11.31
N ASP C 33 31.31 7.20 -10.06
CA ASP C 33 32.71 7.28 -9.62
C ASP C 33 33.40 5.92 -9.65
N HIS C 34 32.69 4.89 -9.19
CA HIS C 34 33.18 3.53 -9.20
C HIS C 34 33.60 3.12 -10.61
N LEU C 35 32.78 3.46 -11.60
CA LEU C 35 33.05 3.07 -12.98
C LEU C 35 34.22 3.85 -13.55
N ILE C 36 34.21 5.16 -13.38
CA ILE C 36 35.23 6.01 -13.98
C ILE C 36 36.59 5.75 -13.31
N ASN C 37 36.59 5.64 -11.99
CA ASN C 37 37.84 5.31 -11.29
C ASN C 37 38.28 3.87 -11.54
N GLY C 38 37.37 3.05 -12.07
CA GLY C 38 37.69 1.67 -12.43
C GLY C 38 38.34 1.58 -13.80
N GLY C 39 38.42 2.71 -14.49
CA GLY C 39 39.17 2.80 -15.73
C GLY C 39 38.37 2.68 -17.01
N VAL C 40 37.05 2.77 -16.92
CA VAL C 40 36.23 2.68 -18.14
C VAL C 40 36.49 3.84 -19.11
N ASP C 41 36.09 3.67 -20.37
CA ASP C 41 36.34 4.67 -21.41
C ASP C 41 35.15 5.55 -21.77
N GLY C 42 33.99 5.20 -21.25
CA GLY C 42 32.76 5.93 -21.52
C GLY C 42 31.65 5.32 -20.70
N LEU C 43 30.50 5.97 -20.69
CA LEU C 43 29.33 5.45 -19.99
C LEU C 43 28.13 5.44 -20.92
N PHE C 44 27.33 4.37 -20.84
CA PHE C 44 26.09 4.23 -21.59
C PHE C 44 24.96 4.36 -20.58
N ALA C 45 24.32 5.51 -20.58
CA ALA C 45 23.22 5.76 -19.65
C ALA C 45 21.91 5.33 -20.29
N LEU C 46 21.01 4.76 -19.47
CA LEU C 46 19.64 4.41 -19.89
C LEU C 46 19.63 3.27 -20.91
N GLY C 47 20.52 2.31 -20.70
CA GLY C 47 20.45 1.08 -21.47
C GLY C 47 19.58 0.08 -20.75
N SER C 48 19.50 -1.13 -21.31
CA SER C 48 18.72 -2.21 -20.70
C SER C 48 19.09 -2.46 -19.24
N SER C 49 20.39 -2.58 -18.95
CA SER C 49 20.88 -2.85 -17.61
C SER C 49 20.67 -1.67 -16.66
N GLY C 50 20.36 -0.51 -17.24
CA GLY C 50 19.94 0.66 -16.47
C GLY C 50 18.47 0.64 -16.08
N GLU C 51 17.78 -0.46 -16.37
CA GLU C 51 16.33 -0.58 -16.15
C GLU C 51 15.56 0.51 -16.89
N ALA C 52 16.08 0.94 -18.04
CA ALA C 52 15.38 1.92 -18.86
C ALA C 52 13.92 1.53 -19.13
N ALA C 53 13.66 0.24 -19.34
CA ALA C 53 12.30 -0.18 -19.65
C ALA C 53 11.36 -0.07 -18.44
N PHE C 54 11.94 0.13 -17.26
CA PHE C 54 11.20 0.18 -16.00
C PHE C 54 11.03 1.58 -15.47
N LEU C 55 11.88 2.49 -15.96
CA LEU C 55 11.86 3.89 -15.51
C LEU C 55 10.88 4.72 -16.33
N THR C 56 10.16 5.62 -15.67
CA THR C 56 9.37 6.57 -16.40
C THR C 56 10.27 7.55 -17.14
N ARG C 57 9.69 8.27 -18.09
CA ARG C 57 10.43 9.27 -18.84
C ARG C 57 11.08 10.28 -17.88
N ALA C 58 10.33 10.69 -16.85
CA ALA C 58 10.86 11.63 -15.85
C ALA C 58 12.04 11.05 -15.09
N GLN C 59 11.94 9.78 -14.71
CA GLN C 59 13.02 9.12 -13.96
C GLN C 59 14.25 8.94 -14.81
N ARG C 60 14.05 8.63 -16.09
CA ARG C 60 15.15 8.50 -17.04
C ARG C 60 15.93 9.80 -17.13
N LYS C 61 15.19 10.91 -17.21
CA LYS C 61 15.81 12.23 -17.31
C LYS C 61 16.65 12.53 -16.08
N LEU C 62 16.12 12.19 -14.91
CA LEU C 62 16.84 12.40 -13.66
C LEU C 62 18.12 11.57 -13.63
N ALA C 63 18.02 10.29 -13.99
CA ALA C 63 19.19 9.42 -13.98
C ALA C 63 20.24 9.91 -14.98
N LEU C 64 19.79 10.30 -16.16
CA LEU C 64 20.69 10.77 -17.21
C LEU C 64 21.44 12.03 -16.79
N THR C 65 20.69 12.99 -16.28
CA THR C 65 21.26 14.26 -15.84
C THR C 65 22.24 14.04 -14.71
N THR C 66 21.87 13.18 -13.76
CA THR C 66 22.74 12.84 -12.64
C THR C 66 24.07 12.26 -13.12
N ILE C 67 24.01 11.33 -14.06
CA ILE C 67 25.21 10.73 -14.61
C ILE C 67 26.09 11.75 -15.35
N ILE C 68 25.50 12.52 -16.25
CA ILE C 68 26.25 13.48 -17.05
C ILE C 68 26.90 14.54 -16.15
N GLU C 69 26.14 15.05 -15.18
CA GLU C 69 26.69 16.10 -14.30
C GLU C 69 27.77 15.57 -13.37
N HIS C 70 27.59 14.38 -12.80
CA HIS C 70 28.61 13.86 -11.90
C HIS C 70 29.87 13.43 -12.68
N THR C 71 29.67 12.94 -13.91
CA THR C 71 30.78 12.54 -14.76
C THR C 71 31.72 13.73 -14.97
N ALA C 72 31.12 14.91 -15.09
CA ALA C 72 31.88 16.16 -15.18
C ALA C 72 32.95 16.10 -16.26
N GLY C 73 32.59 15.54 -17.42
CA GLY C 73 33.48 15.50 -18.56
C GLY C 73 34.62 14.50 -18.51
N ARG C 74 34.68 13.68 -17.47
CA ARG C 74 35.81 12.74 -17.32
C ARG C 74 35.84 11.70 -18.44
N VAL C 75 34.67 11.20 -18.82
CA VAL C 75 34.53 10.31 -19.97
C VAL C 75 33.26 10.70 -20.71
N PRO C 76 33.16 10.36 -22.00
CA PRO C 76 31.92 10.70 -22.71
C PRO C 76 30.73 9.84 -22.28
N VAL C 77 29.54 10.42 -22.31
CA VAL C 77 28.32 9.70 -21.96
C VAL C 77 27.38 9.62 -23.16
N THR C 78 26.95 8.40 -23.49
CA THR C 78 25.94 8.21 -24.55
C THR C 78 24.62 7.83 -23.89
N ALA C 79 23.52 8.26 -24.49
CA ALA C 79 22.19 8.11 -23.88
C ALA C 79 21.29 7.17 -24.68
N GLY C 80 20.72 6.18 -23.99
CA GLY C 80 19.69 5.34 -24.56
C GLY C 80 18.45 6.15 -24.86
N VAL C 81 17.83 5.86 -25.99
CA VAL C 81 16.54 6.47 -26.33
C VAL C 81 15.58 5.34 -26.70
N ILE C 82 15.47 4.38 -25.80
CA ILE C 82 14.69 3.16 -26.07
C ILE C 82 13.18 3.43 -25.93
N GLU C 83 12.48 3.29 -27.04
CA GLU C 83 11.03 3.40 -27.08
C GLU C 83 10.50 2.62 -28.27
N THR C 84 9.19 2.39 -28.27
CA THR C 84 8.60 1.49 -29.26
C THR C 84 8.76 1.92 -30.70
N THR C 85 8.55 3.21 -31.00
CA THR C 85 8.56 3.68 -32.37
C THR C 85 9.15 5.08 -32.45
N THR C 86 9.24 5.59 -33.67
CA THR C 86 10.11 6.71 -33.99
C THR C 86 9.76 8.01 -33.28
N ALA C 87 8.51 8.45 -33.36
CA ALA C 87 8.15 9.72 -32.70
C ALA C 87 8.43 9.67 -31.19
N ARG C 88 8.22 8.52 -30.57
CA ARG C 88 8.42 8.40 -29.14
C ARG C 88 9.93 8.41 -28.83
N VAL C 89 10.72 7.82 -29.72
CA VAL C 89 12.15 7.86 -29.56
C VAL C 89 12.67 9.30 -29.69
N ILE C 90 12.10 10.04 -30.61
CA ILE C 90 12.60 11.40 -30.90
C ILE C 90 12.31 12.30 -29.70
N GLU C 91 11.20 12.07 -29.00
CA GLU C 91 10.98 12.81 -27.74
C GLU C 91 12.15 12.63 -26.78
N LEU C 92 12.67 11.42 -26.70
CA LEU C 92 13.78 11.10 -25.80
C LEU C 92 15.10 11.64 -26.32
N VAL C 93 15.24 11.73 -27.64
CA VAL C 93 16.40 12.39 -28.23
C VAL C 93 16.44 13.85 -27.76
N GLU C 94 15.27 14.49 -27.76
CA GLU C 94 15.17 15.88 -27.30
C GLU C 94 15.59 15.98 -25.84
N ASP C 95 15.16 15.02 -25.02
CA ASP C 95 15.58 14.96 -23.63
C ASP C 95 17.10 14.82 -23.54
N ALA C 96 17.66 13.93 -24.37
CA ALA C 96 19.09 13.67 -24.32
C ALA C 96 19.88 14.93 -24.69
N LEU C 97 19.41 15.64 -25.70
CA LEU C 97 20.07 16.88 -26.12
C LEU C 97 20.03 17.91 -25.00
N GLU C 98 18.86 18.03 -24.36
CA GLU C 98 18.67 18.94 -23.25
C GLU C 98 19.66 18.67 -22.11
N ALA C 99 19.91 17.39 -21.85
CA ALA C 99 20.78 16.97 -20.74
C ALA C 99 22.26 17.05 -21.09
N GLY C 100 22.57 17.21 -22.38
CA GLY C 100 23.94 17.32 -22.82
C GLY C 100 24.59 15.97 -23.11
N ALA C 101 23.79 15.00 -23.52
CA ALA C 101 24.34 13.71 -23.91
C ALA C 101 25.25 13.86 -25.13
N GLU C 102 26.29 13.03 -25.21
CA GLU C 102 27.26 13.11 -26.29
C GLU C 102 27.10 12.02 -27.35
N GLY C 103 26.12 11.14 -27.16
CA GLY C 103 25.79 10.15 -28.16
C GLY C 103 24.39 9.63 -27.94
N LEU C 104 23.87 8.88 -28.91
CA LEU C 104 22.55 8.25 -28.79
C LEU C 104 22.62 6.76 -29.08
N VAL C 105 21.81 5.98 -28.37
CA VAL C 105 21.68 4.56 -28.64
C VAL C 105 20.22 4.20 -28.83
N ALA C 106 19.87 3.66 -30.01
CA ALA C 106 18.49 3.32 -30.34
C ALA C 106 18.36 1.89 -30.83
N THR C 107 17.21 1.27 -30.55
CA THR C 107 16.89 -0.03 -31.09
C THR C 107 15.97 0.10 -32.30
N ALA C 108 15.73 -1.04 -32.95
CA ALA C 108 14.66 -1.14 -33.93
C ALA C 108 13.32 -0.84 -33.26
N PRO C 109 12.28 -0.55 -34.06
CA PRO C 109 10.96 -0.46 -33.43
C PRO C 109 10.58 -1.78 -32.78
N PHE C 110 9.74 -1.72 -31.75
CA PHE C 110 9.24 -2.95 -31.16
C PHE C 110 7.79 -2.77 -30.72
N TYR C 111 7.21 -3.87 -30.22
CA TYR C 111 5.76 -4.04 -30.02
C TYR C 111 5.07 -4.14 -31.37
N THR C 112 5.10 -3.07 -32.15
CA THR C 112 4.58 -3.14 -33.50
C THR C 112 5.34 -4.16 -34.36
N ARG C 113 4.65 -4.83 -35.26
CA ARG C 113 5.29 -5.57 -36.35
C ARG C 113 6.17 -4.60 -37.13
N THR C 114 7.29 -5.08 -37.66
CA THR C 114 8.13 -4.17 -38.43
C THR C 114 8.73 -4.90 -39.65
N HIS C 115 9.69 -4.25 -40.30
CA HIS C 115 10.27 -4.73 -41.55
C HIS C 115 11.61 -4.02 -41.70
N ASP C 116 12.57 -4.62 -42.39
CA ASP C 116 13.87 -3.97 -42.58
C ASP C 116 13.75 -2.56 -43.18
N VAL C 117 12.79 -2.36 -44.08
CA VAL C 117 12.59 -1.08 -44.73
C VAL C 117 12.17 -0.04 -43.70
N GLU C 118 11.31 -0.46 -42.76
CA GLU C 118 10.82 0.43 -41.72
C GLU C 118 11.87 0.69 -40.66
N ILE C 119 12.65 -0.33 -40.32
CA ILE C 119 13.77 -0.16 -39.41
C ILE C 119 14.77 0.88 -39.94
N GLU C 120 15.03 0.80 -41.24
CA GLU C 120 15.97 1.73 -41.87
C GLU C 120 15.45 3.16 -41.78
N GLU C 121 14.17 3.36 -42.13
CA GLU C 121 13.58 4.69 -42.05
C GLU C 121 13.62 5.24 -40.62
N HIS C 122 13.29 4.38 -39.67
CA HIS C 122 13.37 4.68 -38.24
C HIS C 122 14.71 5.28 -37.84
N PHE C 123 15.81 4.62 -38.20
CA PHE C 123 17.13 5.15 -37.85
C PHE C 123 17.43 6.44 -38.57
N ARG C 124 17.01 6.55 -39.83
CA ARG C 124 17.29 7.79 -40.56
C ARG C 124 16.59 8.96 -39.88
N LYS C 125 15.35 8.75 -39.44
CA LYS C 125 14.57 9.83 -38.83
C LYS C 125 15.09 10.22 -37.45
N ILE C 126 15.58 9.24 -36.70
CA ILE C 126 16.16 9.52 -35.40
C ILE C 126 17.42 10.36 -35.59
N HIS C 127 18.28 9.93 -36.52
CA HIS C 127 19.49 10.68 -36.83
C HIS C 127 19.17 12.12 -37.21
N ALA C 128 18.14 12.32 -38.02
CA ALA C 128 17.77 13.65 -38.47
C ALA C 128 17.37 14.58 -37.32
N ALA C 129 16.92 13.99 -36.21
CA ALA C 129 16.53 14.79 -35.03
C ALA C 129 17.75 15.29 -34.22
N ALA C 130 18.90 14.67 -34.43
CA ALA C 130 20.14 15.07 -33.76
C ALA C 130 21.36 14.67 -34.59
N PRO C 131 21.53 15.34 -35.75
CA PRO C 131 22.52 14.88 -36.73
C PRO C 131 23.96 15.04 -36.27
N GLU C 132 24.20 15.82 -35.22
CA GLU C 132 25.57 16.02 -34.76
C GLU C 132 25.99 15.03 -33.69
N LEU C 133 25.06 14.19 -33.23
CA LEU C 133 25.39 13.17 -32.23
C LEU C 133 25.64 11.84 -32.92
N PRO C 134 26.67 11.12 -32.46
CA PRO C 134 26.87 9.75 -32.95
C PRO C 134 25.69 8.87 -32.54
N LEU C 135 25.04 8.24 -33.51
CA LEU C 135 23.91 7.35 -33.24
C LEU C 135 24.35 5.92 -33.39
N PHE C 136 24.20 5.13 -32.33
CA PHE C 136 24.55 3.71 -32.37
C PHE C 136 23.26 2.88 -32.41
N ALA C 137 23.24 1.86 -33.25
CA ALA C 137 22.13 0.92 -33.30
C ALA C 137 22.36 -0.21 -32.32
N TYR C 138 21.36 -0.45 -31.49
CA TYR C 138 21.42 -1.41 -30.39
C TYR C 138 20.74 -2.70 -30.83
N ASN C 139 21.53 -3.72 -31.15
CA ASN C 139 20.97 -4.99 -31.59
C ASN C 139 20.71 -5.86 -30.37
N ILE C 140 19.44 -5.99 -30.00
CA ILE C 140 19.08 -6.77 -28.82
C ILE C 140 17.81 -7.57 -29.09
N PRO C 141 17.94 -8.64 -29.88
CA PRO C 141 16.76 -9.39 -30.33
C PRO C 141 15.94 -9.98 -29.18
N VAL C 142 16.54 -10.31 -28.04
CA VAL C 142 15.77 -10.90 -26.93
C VAL C 142 14.71 -9.92 -26.43
N SER C 143 14.93 -8.63 -26.64
CA SER C 143 13.98 -7.61 -26.16
C SER C 143 13.13 -7.00 -27.27
N VAL C 144 13.69 -6.87 -28.48
CA VAL C 144 12.89 -6.21 -29.51
CA VAL C 144 13.05 -6.18 -29.59
C VAL C 144 12.37 -7.16 -30.57
N HIS C 145 12.92 -8.37 -30.64
CA HIS C 145 12.43 -9.43 -31.53
C HIS C 145 12.47 -9.03 -33.00
N SER C 146 13.49 -8.24 -33.31
CA SER C 146 14.00 -8.08 -34.66
C SER C 146 15.51 -8.29 -34.58
N ASN C 147 16.11 -8.73 -35.68
CA ASN C 147 17.56 -8.77 -35.81
C ASN C 147 17.99 -7.67 -36.76
N LEU C 148 18.93 -6.82 -36.36
CA LEU C 148 19.36 -5.75 -37.26
C LEU C 148 20.12 -6.33 -38.44
N ASN C 149 19.62 -6.04 -39.64
CA ASN C 149 20.23 -6.52 -40.88
C ASN C 149 21.62 -5.89 -41.05
N PRO C 150 22.67 -6.73 -41.16
CA PRO C 150 24.02 -6.15 -41.27
C PRO C 150 24.23 -5.35 -42.55
N VAL C 151 23.58 -5.74 -43.64
CA VAL C 151 23.67 -4.99 -44.90
C VAL C 151 23.04 -3.60 -44.73
N MET C 152 21.90 -3.56 -44.05
CA MET C 152 21.27 -2.28 -43.72
C MET C 152 22.14 -1.40 -42.85
N LEU C 153 22.75 -2.01 -41.83
CA LEU C 153 23.60 -1.26 -40.92
C LEU C 153 24.75 -0.58 -41.68
N LEU C 154 25.36 -1.30 -42.61
CA LEU C 154 26.48 -0.73 -43.35
C LEU C 154 26.02 0.31 -44.36
N THR C 155 24.82 0.12 -44.92
CA THR C 155 24.24 1.16 -45.76
C THR C 155 24.07 2.46 -44.99
N LEU C 156 23.60 2.37 -43.75
CA LEU C 156 23.41 3.55 -42.91
C LEU C 156 24.74 4.14 -42.47
N ALA C 157 25.75 3.29 -42.31
CA ALA C 157 27.09 3.73 -41.96
C ALA C 157 27.68 4.55 -43.09
N LYS C 158 27.56 4.01 -44.31
CA LYS C 158 28.07 4.71 -45.49
C LYS C 158 27.38 6.07 -45.65
N ASP C 159 26.10 6.13 -45.28
CA ASP C 159 25.33 7.37 -45.42
C ASP C 159 25.56 8.36 -44.28
N GLY C 160 26.30 7.94 -43.26
CA GLY C 160 26.61 8.79 -42.12
C GLY C 160 25.51 8.83 -41.07
N VAL C 161 24.51 7.95 -41.22
CA VAL C 161 23.39 7.90 -40.28
C VAL C 161 23.77 7.22 -38.96
N LEU C 162 24.49 6.10 -39.05
CA LEU C 162 24.92 5.36 -37.86
C LEU C 162 26.43 5.48 -37.62
N ALA C 163 26.79 5.74 -36.38
CA ALA C 163 28.20 5.85 -36.00
C ALA C 163 28.74 4.51 -35.51
N GLY C 164 27.83 3.56 -35.30
CA GLY C 164 28.24 2.26 -34.80
C GLY C 164 27.07 1.41 -34.37
N THR C 165 27.38 0.26 -33.78
CA THR C 165 26.37 -0.63 -33.25
C THR C 165 26.85 -1.21 -31.92
N LYS C 166 25.91 -1.43 -31.02
CA LYS C 166 26.16 -2.20 -29.82
CA LYS C 166 26.14 -2.22 -29.82
C LYS C 166 25.41 -3.52 -30.02
N ASP C 167 26.13 -4.61 -30.14
CA ASP C 167 25.48 -5.87 -30.48
C ASP C 167 25.41 -6.82 -29.28
N SER C 168 24.18 -7.00 -28.80
CA SER C 168 23.90 -7.89 -27.67
C SER C 168 23.14 -9.13 -28.10
N SER C 169 23.34 -9.56 -29.33
CA SER C 169 22.65 -10.75 -29.83
C SER C 169 23.20 -12.04 -29.26
N GLY C 170 24.43 -12.00 -28.78
CA GLY C 170 25.07 -13.19 -28.25
C GLY C 170 25.63 -14.11 -29.32
N ASN C 171 25.60 -13.63 -30.57
CA ASN C 171 26.05 -14.42 -31.70
C ASN C 171 27.40 -13.88 -32.19
N ASP C 172 28.48 -14.48 -31.69
CA ASP C 172 29.82 -13.96 -32.01
C ASP C 172 30.22 -14.20 -33.46
N GLY C 173 29.70 -15.26 -34.09
CA GLY C 173 29.91 -15.48 -35.50
C GLY C 173 29.31 -14.35 -36.32
N ALA C 174 28.12 -13.91 -35.93
CA ALA C 174 27.47 -12.84 -36.67
C ALA C 174 28.18 -11.50 -36.44
N ILE C 175 28.61 -11.25 -35.22
CA ILE C 175 29.35 -10.02 -34.93
C ILE C 175 30.63 -10.01 -35.76
N ARG C 176 31.31 -11.15 -35.80
CA ARG C 176 32.54 -11.27 -36.59
C ARG C 176 32.29 -11.00 -38.08
N SER C 177 31.24 -11.58 -38.63
CA SER C 177 30.89 -11.37 -40.04
C SER C 177 30.62 -9.89 -40.33
N LEU C 178 29.96 -9.20 -39.39
CA LEU C 178 29.70 -7.78 -39.57
C LEU C 178 31.01 -6.98 -39.56
N ILE C 179 31.93 -7.31 -38.66
CA ILE C 179 33.22 -6.63 -38.62
C ILE C 179 33.96 -6.82 -39.94
N GLU C 180 33.95 -8.05 -40.45
CA GLU C 180 34.61 -8.38 -41.70
C GLU C 180 33.99 -7.61 -42.85
N ALA C 181 32.65 -7.55 -42.87
CA ALA C 181 31.95 -6.83 -43.92
C ALA C 181 32.25 -5.34 -43.86
N ARG C 182 32.28 -4.80 -42.64
CA ARG C 182 32.60 -3.40 -42.45
C ARG C 182 33.97 -3.08 -43.00
N ASP C 183 34.94 -3.90 -42.61
CA ASP C 183 36.32 -3.69 -43.02
C ASP C 183 36.47 -3.81 -44.53
N ASP C 184 35.80 -4.80 -45.13
CA ASP C 184 35.88 -5.00 -46.57
C ASP C 184 35.25 -3.84 -47.33
N ALA C 185 34.25 -3.18 -46.71
CA ALA C 185 33.61 -2.02 -47.33
C ALA C 185 34.35 -0.71 -47.07
N GLY C 186 35.44 -0.77 -46.32
CA GLY C 186 36.22 0.41 -46.00
C GLY C 186 35.55 1.34 -45.01
N LEU C 187 34.76 0.78 -44.09
CA LEU C 187 34.01 1.56 -43.12
C LEU C 187 34.52 1.40 -41.70
N THR C 188 35.75 0.91 -41.58
CA THR C 188 36.35 0.62 -40.28
C THR C 188 36.31 1.80 -39.32
N GLU C 189 36.74 2.96 -39.77
CA GLU C 189 36.81 4.12 -38.89
C GLU C 189 35.45 4.71 -38.63
N GLN C 190 34.57 4.62 -39.62
CA GLN C 190 33.28 5.29 -39.56
C GLN C 190 32.26 4.64 -38.63
N PHE C 191 32.39 3.33 -38.47
CA PHE C 191 31.33 2.52 -37.87
C PHE C 191 31.92 1.64 -36.76
N LYS C 192 31.74 2.06 -35.50
CA LYS C 192 32.30 1.32 -34.38
C LYS C 192 31.45 0.10 -34.06
N ILE C 193 32.09 -1.02 -33.77
CA ILE C 193 31.34 -2.22 -33.40
C ILE C 193 31.70 -2.61 -31.96
N LEU C 194 30.71 -2.48 -31.08
CA LEU C 194 30.88 -2.78 -29.68
C LEU C 194 30.09 -4.04 -29.35
N THR C 195 30.69 -4.98 -28.62
CA THR C 195 29.95 -6.16 -28.22
C THR C 195 29.25 -5.94 -26.88
N GLY C 196 28.03 -6.44 -26.75
CA GLY C 196 27.34 -6.43 -25.48
C GLY C 196 27.64 -7.67 -24.64
N SER C 197 28.51 -8.53 -25.17
CA SER C 197 28.88 -9.74 -24.46
C SER C 197 29.61 -9.44 -23.15
N GLU C 198 29.36 -10.25 -22.14
CA GLU C 198 30.08 -10.16 -20.90
C GLU C 198 31.11 -11.27 -20.78
N THR C 199 30.93 -12.36 -21.52
CA THR C 199 31.74 -13.56 -21.35
C THR C 199 32.60 -13.92 -22.57
N THR C 200 32.44 -13.17 -23.65
CA THR C 200 33.24 -13.43 -24.86
C THR C 200 33.80 -12.13 -25.43
N VAL C 201 34.27 -11.28 -24.52
CA VAL C 201 34.86 -10.01 -24.90
C VAL C 201 36.21 -10.22 -25.59
N ASP C 202 37.01 -11.18 -25.11
CA ASP C 202 38.27 -11.47 -25.77
C ASP C 202 38.04 -11.91 -27.23
N PHE C 203 37.02 -12.74 -27.47
CA PHE C 203 36.67 -13.14 -28.84
C PHE C 203 36.42 -11.92 -29.71
N ALA C 204 35.63 -10.98 -29.20
CA ALA C 204 35.28 -9.82 -29.99
C ALA C 204 36.52 -8.99 -30.32
N TYR C 205 37.38 -8.78 -29.32
CA TYR C 205 38.58 -7.99 -29.60
C TYR C 205 39.49 -8.72 -30.57
N LEU C 206 39.54 -10.05 -30.46
CA LEU C 206 40.40 -10.82 -31.36
C LEU C 206 39.97 -10.63 -32.81
N ALA C 207 38.66 -10.51 -33.02
CA ALA C 207 38.08 -10.32 -34.34
C ALA C 207 38.12 -8.86 -34.78
N GLY C 208 38.63 -7.97 -33.92
CA GLY C 208 38.77 -6.58 -34.29
C GLY C 208 37.62 -5.66 -33.91
N ALA C 209 36.84 -6.05 -32.90
CA ALA C 209 35.81 -5.16 -32.35
C ALA C 209 36.45 -3.93 -31.71
N ASP C 210 35.65 -2.88 -31.53
CA ASP C 210 36.19 -1.61 -31.03
C ASP C 210 36.00 -1.43 -29.54
N GLY C 211 35.20 -2.30 -28.93
CA GLY C 211 34.91 -2.12 -27.53
C GLY C 211 33.81 -3.03 -27.04
N VAL C 212 33.36 -2.77 -25.81
CA VAL C 212 32.46 -3.67 -25.08
C VAL C 212 31.55 -2.88 -24.15
N VAL C 213 30.30 -3.30 -24.09
CA VAL C 213 29.28 -2.71 -23.23
C VAL C 213 28.75 -3.84 -22.34
N PRO C 214 29.48 -4.16 -21.26
CA PRO C 214 29.13 -5.33 -20.45
C PRO C 214 28.39 -4.97 -19.18
N GLY C 215 27.20 -5.54 -18.97
CA GLY C 215 26.47 -5.28 -17.74
C GLY C 215 27.29 -5.53 -16.50
N LEU C 216 28.03 -6.62 -16.48
CA LEU C 216 28.86 -7.02 -15.33
C LEU C 216 29.96 -6.00 -15.08
N GLY C 217 30.22 -5.16 -16.08
CA GLY C 217 31.17 -4.07 -15.94
C GLY C 217 30.78 -3.06 -14.88
N ASN C 218 29.50 -3.03 -14.51
CA ASN C 218 29.07 -2.24 -13.35
C ASN C 218 29.71 -2.73 -12.06
N VAL C 219 29.83 -4.05 -11.93
CA VAL C 219 30.32 -4.67 -10.71
C VAL C 219 31.84 -4.62 -10.66
N ASP C 220 32.47 -4.96 -11.79
CA ASP C 220 33.92 -5.05 -11.87
C ASP C 220 34.46 -4.31 -13.10
N PRO C 221 34.38 -2.97 -13.09
CA PRO C 221 34.90 -2.18 -14.21
C PRO C 221 36.40 -2.42 -14.40
N ALA C 222 37.13 -2.59 -13.31
CA ALA C 222 38.58 -2.78 -13.40
C ALA C 222 38.96 -4.04 -14.16
N ALA C 223 38.18 -5.11 -13.98
CA ALA C 223 38.45 -6.36 -14.68
C ALA C 223 38.29 -6.19 -16.19
N TYR C 224 37.23 -5.50 -16.61
CA TYR C 224 37.03 -5.29 -18.04
C TYR C 224 38.05 -4.31 -18.61
N ALA C 225 38.45 -3.32 -17.82
CA ALA C 225 39.52 -2.42 -18.24
C ALA C 225 40.81 -3.20 -18.45
N ALA C 226 41.12 -4.07 -17.50
CA ALA C 226 42.34 -4.87 -17.60
C ALA C 226 42.27 -5.80 -18.79
N LEU C 227 41.09 -6.36 -19.04
CA LEU C 227 40.90 -7.28 -20.17
C LEU C 227 41.14 -6.59 -21.51
N ALA C 228 40.51 -5.43 -21.69
CA ALA C 228 40.67 -4.64 -22.89
C ALA C 228 42.14 -4.32 -23.14
N LYS C 229 42.86 -3.94 -22.10
CA LYS C 229 44.27 -3.60 -22.28
C LYS C 229 45.08 -4.81 -22.72
N LEU C 230 44.84 -5.98 -22.11
CA LEU C 230 45.52 -7.20 -22.53
C LEU C 230 45.27 -7.47 -24.01
N CYS C 231 44.02 -7.32 -24.43
CA CYS C 231 43.67 -7.59 -25.82
C CYS C 231 44.35 -6.62 -26.78
N LEU C 232 44.32 -5.32 -26.45
CA LEU C 232 44.96 -4.30 -27.28
C LEU C 232 46.47 -4.49 -27.35
N ASP C 233 47.04 -5.09 -26.31
CA ASP C 233 48.48 -5.38 -26.27
C ASP C 233 48.84 -6.72 -26.91
N GLY C 234 47.83 -7.42 -27.44
CA GLY C 234 48.04 -8.70 -28.08
C GLY C 234 48.36 -9.86 -27.14
N LYS C 235 48.04 -9.71 -25.85
CA LYS C 235 48.30 -10.77 -24.88
C LYS C 235 47.06 -11.66 -24.77
N TRP C 236 46.82 -12.44 -25.82
CA TRP C 236 45.56 -13.17 -25.95
C TRP C 236 45.40 -14.29 -24.95
N ALA C 237 46.48 -15.02 -24.65
CA ALA C 237 46.39 -16.09 -23.66
C ALA C 237 46.09 -15.51 -22.28
N GLU C 238 46.77 -14.42 -21.93
CA GLU C 238 46.50 -13.76 -20.65
C GLU C 238 45.07 -13.20 -20.62
N ALA C 239 44.62 -12.66 -21.75
CA ALA C 239 43.25 -12.16 -21.86
C ALA C 239 42.25 -13.30 -21.63
N ALA C 240 42.49 -14.44 -22.27
CA ALA C 240 41.57 -15.58 -22.11
C ALA C 240 41.50 -16.07 -20.67
N ALA C 241 42.63 -16.03 -19.96
CA ALA C 241 42.66 -16.44 -18.58
C ALA C 241 41.84 -15.49 -17.70
N LEU C 242 41.97 -14.20 -17.97
CA LEU C 242 41.24 -13.19 -17.20
C LEU C 242 39.75 -13.26 -17.53
N GLN C 243 39.44 -13.44 -18.81
CA GLN C 243 38.04 -13.61 -19.19
C GLN C 243 37.41 -14.79 -18.47
N LYS C 244 38.15 -15.89 -18.30
CA LYS C 244 37.63 -17.04 -17.57
C LYS C 244 37.29 -16.68 -16.12
N ARG C 245 38.12 -15.87 -15.48
CA ARG C 245 37.83 -15.46 -14.10
C ARG C 245 36.61 -14.56 -14.06
N ILE C 246 36.52 -13.65 -15.03
CA ILE C 246 35.35 -12.79 -15.14
C ILE C 246 34.08 -13.64 -15.31
N ASN C 247 34.21 -14.73 -16.07
CA ASN C 247 33.06 -15.59 -16.34
C ASN C 247 32.61 -16.36 -15.11
N HIS C 248 33.49 -16.50 -14.13
CA HIS C 248 33.09 -17.09 -12.86
C HIS C 248 32.45 -16.04 -11.94
N LEU C 249 32.93 -14.79 -12.00
CA LEU C 249 32.22 -13.71 -11.32
C LEU C 249 30.79 -13.62 -11.87
N PHE C 250 30.65 -13.87 -13.17
CA PHE C 250 29.36 -13.76 -13.85
C PHE C 250 28.32 -14.70 -13.26
N HIS C 251 28.77 -15.75 -12.56
CA HIS C 251 27.81 -16.70 -11.96
C HIS C 251 26.83 -16.04 -11.00
N ILE C 252 27.09 -14.80 -10.59
CA ILE C 252 26.15 -14.13 -9.72
C ILE C 252 24.78 -13.97 -10.37
N VAL C 253 24.71 -13.98 -11.70
CA VAL C 253 23.41 -13.82 -12.37
C VAL C 253 22.60 -15.12 -12.37
N PHE C 254 23.24 -16.22 -12.01
CA PHE C 254 22.55 -17.51 -12.03
C PHE C 254 22.08 -17.97 -10.66
N VAL C 255 22.28 -17.12 -9.65
CA VAL C 255 21.94 -17.48 -8.28
C VAL C 255 20.42 -17.45 -8.03
N GLY C 256 19.77 -16.38 -8.49
CA GLY C 256 18.33 -16.20 -8.32
C GLY C 256 17.54 -17.35 -8.90
N ASP C 257 16.54 -17.81 -8.16
CA ASP C 257 15.72 -18.95 -8.57
C ASP C 257 14.72 -18.55 -9.65
N THR C 258 15.03 -18.88 -10.89
CA THR C 258 14.21 -18.44 -12.01
C THR C 258 12.91 -19.25 -12.13
N SER C 259 12.66 -20.14 -11.17
CA SER C 259 11.37 -20.82 -11.13
C SER C 259 10.31 -19.85 -10.59
N HIS C 260 10.72 -18.75 -9.98
CA HIS C 260 9.77 -17.72 -9.56
C HIS C 260 10.22 -16.28 -9.80
N MET C 261 11.18 -16.03 -10.70
CA MET C 261 11.50 -14.72 -11.24
C MET C 261 12.03 -14.81 -12.66
N SER C 262 12.04 -13.55 -13.23
CA SER C 262 12.59 -13.39 -14.57
C SER C 262 14.11 -13.38 -14.55
N GLY C 263 14.69 -13.49 -15.74
CA GLY C 263 16.14 -13.37 -15.89
C GLY C 263 16.61 -11.99 -15.50
N SER C 264 15.74 -10.99 -15.65
CA SER C 264 16.09 -9.62 -15.26
C SER C 264 16.19 -9.53 -13.74
N SER C 265 15.23 -10.14 -13.04
CA SER C 265 15.27 -10.13 -11.58
C SER C 265 16.54 -10.80 -11.07
N ALA C 266 16.85 -11.97 -11.63
CA ALA C 266 18.05 -12.71 -11.20
C ALA C 266 19.33 -11.98 -11.60
N GLY C 267 19.38 -11.52 -12.85
CA GLY C 267 20.61 -10.95 -13.37
C GLY C 267 20.92 -9.55 -12.85
N LEU C 268 20.01 -8.61 -13.10
CA LEU C 268 20.21 -7.24 -12.62
C LEU C 268 20.16 -7.21 -11.10
N GLY C 269 19.29 -8.03 -10.51
CA GLY C 269 19.26 -8.17 -9.07
C GLY C 269 20.61 -8.63 -8.53
N GLY C 270 21.21 -9.59 -9.23
CA GLY C 270 22.52 -10.10 -8.86
C GLY C 270 23.58 -9.00 -8.90
N PHE C 271 23.57 -8.20 -9.96
CA PHE C 271 24.52 -7.09 -10.10
C PHE C 271 24.35 -6.11 -8.94
N LYS C 272 23.10 -5.76 -8.63
CA LYS C 272 22.86 -4.76 -7.59
C LYS C 272 23.23 -5.29 -6.21
N THR C 273 23.02 -6.57 -6.01
CA THR C 273 23.39 -7.24 -4.77
C THR C 273 24.90 -7.17 -4.59
N ALA C 274 25.64 -7.40 -5.68
CA ALA C 274 27.09 -7.30 -5.63
C ALA C 274 27.53 -5.86 -5.35
N LEU C 275 26.89 -4.90 -5.98
CA LEU C 275 27.24 -3.49 -5.78
C LEU C 275 26.99 -3.02 -4.34
N ALA C 276 25.89 -3.49 -3.76
CA ALA C 276 25.60 -3.16 -2.36
C ALA C 276 26.64 -3.80 -1.42
N HIS C 277 27.04 -5.03 -1.74
CA HIS C 277 28.06 -5.74 -0.97
C HIS C 277 29.39 -5.00 -1.00
N LEU C 278 29.71 -4.41 -2.15
CA LEU C 278 30.95 -3.66 -2.32
C LEU C 278 30.86 -2.26 -1.74
N GLY C 279 29.69 -1.92 -1.21
CA GLY C 279 29.48 -0.61 -0.59
C GLY C 279 29.25 0.52 -1.58
N ILE C 280 29.06 0.17 -2.86
CA ILE C 280 28.94 1.18 -3.90
C ILE C 280 27.56 1.81 -3.95
N ILE C 281 26.51 1.00 -3.74
CA ILE C 281 25.16 1.54 -3.70
C ILE C 281 24.47 1.15 -2.39
N GLU C 282 23.45 1.90 -2.03
CA GLU C 282 22.73 1.71 -0.77
C GLU C 282 22.09 0.32 -0.65
N SER C 283 21.35 -0.12 -1.68
CA SER C 283 20.69 -1.42 -1.61
C SER C 283 20.46 -2.02 -2.99
N ASN C 284 20.01 -3.27 -3.01
CA ASN C 284 19.69 -3.97 -4.27
C ASN C 284 18.25 -3.77 -4.72
N ALA C 285 17.59 -2.72 -4.23
CA ALA C 285 16.21 -2.43 -4.64
C ALA C 285 16.05 -2.37 -6.16
N MET C 286 15.01 -3.04 -6.66
CA MET C 286 14.72 -3.16 -8.09
C MET C 286 13.39 -2.51 -8.41
N ALA C 287 13.20 -2.11 -9.67
CA ALA C 287 11.92 -1.56 -10.11
C ALA C 287 10.83 -2.63 -10.23
N VAL C 288 9.60 -2.25 -9.94
CA VAL C 288 8.45 -3.13 -10.14
C VAL C 288 8.32 -3.50 -11.63
N PRO C 289 8.01 -4.77 -11.95
CA PRO C 289 7.66 -5.89 -11.06
C PRO C 289 8.76 -6.91 -10.79
N HIS C 290 10.02 -6.48 -10.75
CA HIS C 290 11.10 -7.39 -10.39
C HIS C 290 10.84 -8.09 -9.05
N GLN C 291 11.28 -9.35 -8.93
CA GLN C 291 11.17 -10.06 -7.67
C GLN C 291 12.46 -9.93 -6.85
N SER C 292 12.32 -9.96 -5.53
CA SER C 292 13.48 -9.80 -4.65
C SER C 292 14.25 -11.10 -4.49
N LEU C 293 15.56 -10.96 -4.27
CA LEU C 293 16.42 -12.08 -3.97
C LEU C 293 16.37 -12.38 -2.48
N SER C 294 16.45 -13.66 -2.14
CA SER C 294 16.38 -14.07 -0.74
C SER C 294 17.70 -13.83 -0.04
N ASP C 295 17.70 -13.90 1.28
CA ASP C 295 18.93 -13.78 2.06
C ASP C 295 19.93 -14.86 1.68
N GLU C 296 19.41 -16.06 1.40
CA GLU C 296 20.26 -17.17 1.01
CA GLU C 296 20.24 -17.18 0.99
C GLU C 296 20.90 -16.89 -0.34
N GLU C 297 20.12 -16.32 -1.26
CA GLU C 297 20.63 -15.97 -2.58
C GLU C 297 21.69 -14.89 -2.48
N THR C 298 21.46 -13.89 -1.63
CA THR C 298 22.41 -12.79 -1.53
C THR C 298 23.70 -13.29 -0.91
N ALA C 299 23.60 -14.20 0.06
CA ALA C 299 24.81 -14.79 0.67
C ALA C 299 25.64 -15.50 -0.38
N ARG C 300 24.97 -16.19 -1.29
CA ARG C 300 25.68 -16.89 -2.36
C ARG C 300 26.36 -15.91 -3.32
N ILE C 301 25.67 -14.82 -3.65
CA ILE C 301 26.23 -13.78 -4.49
C ILE C 301 27.47 -13.15 -3.82
N HIS C 302 27.36 -12.88 -2.54
CA HIS C 302 28.48 -12.31 -1.81
C HIS C 302 29.72 -13.20 -1.88
N ALA C 303 29.53 -14.50 -1.75
CA ALA C 303 30.66 -15.42 -1.77
C ALA C 303 31.33 -15.45 -3.13
N ILE C 304 30.54 -15.42 -4.21
CA ILE C 304 31.08 -15.38 -5.55
C ILE C 304 31.88 -14.10 -5.80
N VAL C 305 31.34 -12.97 -5.36
CA VAL C 305 32.02 -11.69 -5.51
C VAL C 305 33.35 -11.72 -4.74
N ASP C 306 33.34 -12.24 -3.52
CA ASP C 306 34.55 -12.24 -2.71
C ASP C 306 35.66 -13.05 -3.41
N GLU C 307 35.26 -14.14 -4.03
CA GLU C 307 36.24 -15.03 -4.63
C GLU C 307 36.76 -14.50 -5.96
N PHE C 308 35.88 -13.98 -6.80
CA PHE C 308 36.28 -13.75 -8.19
C PHE C 308 36.43 -12.30 -8.62
N LEU C 309 36.17 -11.36 -7.72
CA LEU C 309 36.40 -9.95 -8.07
C LEU C 309 37.89 -9.72 -8.40
N TYR C 310 38.13 -8.93 -9.43
CA TYR C 310 39.50 -8.65 -9.89
C TYR C 310 40.27 -7.77 -8.90
N THR C 311 41.58 -7.99 -8.80
CA THR C 311 42.42 -7.09 -8.00
C THR C 311 43.45 -6.37 -8.85
N ALA C 312 43.24 -5.08 -9.05
CA ALA C 312 44.21 -4.25 -9.77
C ALA C 312 45.36 -3.89 -8.85
N SER D 3 -20.74 0.67 -12.84
CA SER D 3 -19.54 0.22 -13.56
C SER D 3 -19.91 -0.29 -14.96
N ALA D 4 -19.13 0.12 -15.96
CA ALA D 4 -19.40 -0.24 -17.34
C ALA D 4 -19.17 -1.72 -17.62
N THR D 5 -19.90 -2.25 -18.60
CA THR D 5 -19.79 -3.65 -18.98
C THR D 5 -19.29 -3.74 -20.42
N PHE D 6 -18.14 -4.38 -20.62
CA PHE D 6 -17.56 -4.43 -21.95
C PHE D 6 -17.78 -5.79 -22.59
N THR D 7 -18.92 -5.90 -23.27
CA THR D 7 -19.27 -7.06 -24.07
C THR D 7 -19.77 -6.61 -25.44
N GLY D 8 -19.98 -7.55 -26.35
CA GLY D 8 -20.46 -7.19 -27.67
C GLY D 8 -19.36 -6.76 -28.62
N VAL D 9 -19.71 -5.92 -29.60
CA VAL D 9 -18.79 -5.49 -30.64
C VAL D 9 -18.09 -4.21 -30.21
N ILE D 10 -16.78 -4.29 -30.01
CA ILE D 10 -16.00 -3.20 -29.44
C ILE D 10 -14.76 -2.98 -30.28
N PRO D 11 -14.86 -2.16 -31.33
CA PRO D 11 -13.68 -2.03 -32.21
C PRO D 11 -12.55 -1.27 -31.54
N PRO D 12 -11.31 -1.61 -31.90
CA PRO D 12 -10.16 -0.82 -31.49
C PRO D 12 -10.06 0.40 -32.40
N VAL D 13 -10.52 1.54 -31.90
CA VAL D 13 -10.65 2.73 -32.72
C VAL D 13 -9.31 3.15 -33.32
N MET D 14 -9.28 3.42 -34.62
CA MET D 14 -8.07 3.89 -35.27
C MET D 14 -7.80 5.35 -34.96
N THR D 15 -6.57 5.77 -35.21
CA THR D 15 -6.20 7.18 -35.04
C THR D 15 -5.90 7.81 -36.40
N PRO D 16 -6.84 8.60 -36.93
CA PRO D 16 -6.55 9.31 -38.17
C PRO D 16 -5.49 10.37 -37.90
N LEU D 17 -4.63 10.61 -38.89
CA LEU D 17 -3.52 11.52 -38.73
C LEU D 17 -3.48 12.58 -39.83
N HIS D 18 -2.89 13.72 -39.50
CA HIS D 18 -2.52 14.70 -40.53
C HIS D 18 -1.20 14.24 -41.15
N ALA D 19 -0.80 14.88 -42.25
CA ALA D 19 0.43 14.50 -42.96
C ALA D 19 1.69 14.58 -42.09
N ASP D 20 1.68 15.47 -41.10
CA ASP D 20 2.84 15.63 -40.25
C ASP D 20 2.87 14.62 -39.08
N GLY D 21 1.89 13.71 -39.06
CA GLY D 21 1.83 12.70 -38.02
C GLY D 21 1.02 13.09 -36.79
N SER D 22 0.46 14.31 -36.80
CA SER D 22 -0.33 14.76 -35.65
C SER D 22 -1.72 14.15 -35.72
N VAL D 23 -2.38 14.01 -34.56
CA VAL D 23 -3.74 13.47 -34.52
C VAL D 23 -4.69 14.41 -35.28
N ASP D 24 -5.51 13.82 -36.15
CA ASP D 24 -6.51 14.53 -36.94
C ASP D 24 -7.83 14.40 -36.17
N VAL D 25 -8.14 15.40 -35.34
CA VAL D 25 -9.26 15.24 -34.41
C VAL D 25 -10.60 15.30 -35.13
N GLU D 26 -10.69 16.03 -36.23
CA GLU D 26 -11.96 16.11 -36.92
C GLU D 26 -12.30 14.77 -37.55
N SER D 27 -11.30 14.12 -38.14
CA SER D 27 -11.51 12.78 -38.70
C SER D 27 -11.78 11.77 -37.59
N LEU D 28 -11.13 11.95 -36.44
CA LEU D 28 -11.34 11.03 -35.34
C LEU D 28 -12.78 11.11 -34.85
N ARG D 29 -13.34 12.32 -34.82
CA ARG D 29 -14.74 12.45 -34.40
C ARG D 29 -15.67 11.78 -35.42
N LYS D 30 -15.39 11.96 -36.71
CA LYS D 30 -16.19 11.35 -37.76
C LYS D 30 -16.13 9.83 -37.65
N LEU D 31 -14.94 9.31 -37.35
CA LEU D 31 -14.79 7.86 -37.17
C LEU D 31 -15.61 7.34 -36.00
N VAL D 32 -15.59 8.06 -34.89
CA VAL D 32 -16.35 7.69 -33.71
C VAL D 32 -17.84 7.62 -34.04
N ASP D 33 -18.35 8.62 -34.77
CA ASP D 33 -19.75 8.57 -35.18
C ASP D 33 -20.01 7.39 -36.11
N HIS D 34 -19.10 7.16 -37.06
CA HIS D 34 -19.18 6.04 -37.99
C HIS D 34 -19.38 4.73 -37.23
N LEU D 35 -18.56 4.54 -36.19
CA LEU D 35 -18.63 3.32 -35.39
C LEU D 35 -19.92 3.22 -34.58
N ILE D 36 -20.26 4.29 -33.87
CA ILE D 36 -21.42 4.28 -32.99
C ILE D 36 -22.71 4.14 -33.78
N ASN D 37 -22.81 4.85 -34.90
CA ASN D 37 -23.99 4.76 -35.75
C ASN D 37 -24.02 3.45 -36.52
N GLY D 38 -22.87 2.78 -36.56
CA GLY D 38 -22.79 1.48 -37.19
C GLY D 38 -23.27 0.38 -36.27
N GLY D 39 -23.55 0.71 -35.01
CA GLY D 39 -24.16 -0.23 -34.11
C GLY D 39 -23.25 -0.94 -33.11
N VAL D 40 -22.03 -0.43 -32.91
CA VAL D 40 -21.11 -1.07 -31.98
C VAL D 40 -21.59 -0.91 -30.53
N ASP D 41 -21.09 -1.77 -29.64
CA ASP D 41 -21.52 -1.77 -28.26
C ASP D 41 -20.56 -1.06 -27.31
N GLY D 42 -19.39 -0.72 -27.81
CA GLY D 42 -18.40 -0.01 -27.00
C GLY D 42 -17.25 0.39 -27.89
N LEU D 43 -16.32 1.17 -27.34
CA LEU D 43 -15.12 1.56 -28.09
C LEU D 43 -13.88 1.23 -27.25
N PHE D 44 -12.86 0.68 -27.91
CA PHE D 44 -11.55 0.46 -27.31
C PHE D 44 -10.59 1.49 -27.88
N ALA D 45 -10.31 2.51 -27.08
CA ALA D 45 -9.37 3.56 -27.46
C ALA D 45 -7.95 3.16 -27.11
N LEU D 46 -7.00 3.56 -27.97
CA LEU D 46 -5.56 3.40 -27.71
C LEU D 46 -5.14 1.92 -27.67
N GLY D 47 -5.71 1.15 -28.58
CA GLY D 47 -5.28 -0.23 -28.76
C GLY D 47 -4.26 -0.32 -29.87
N SER D 48 -3.83 -1.55 -30.18
CA SER D 48 -2.83 -1.74 -31.22
C SER D 48 -3.26 -1.11 -32.56
N SER D 49 -4.50 -1.38 -32.99
CA SER D 49 -5.01 -0.83 -34.25
C SER D 49 -5.22 0.70 -34.24
N GLY D 50 -5.21 1.27 -33.05
CA GLY D 50 -5.22 2.72 -32.90
C GLY D 50 -3.81 3.32 -33.00
N GLU D 51 -2.85 2.49 -33.40
CA GLU D 51 -1.44 2.90 -33.46
C GLU D 51 -0.96 3.42 -32.10
N ALA D 52 -1.41 2.80 -31.02
CA ALA D 52 -0.99 3.27 -29.69
C ALA D 52 0.53 3.21 -29.52
N ALA D 53 1.16 2.21 -30.12
CA ALA D 53 2.61 2.06 -30.01
C ALA D 53 3.36 3.17 -30.74
N PHE D 54 2.65 3.92 -31.58
CA PHE D 54 3.26 4.97 -32.39
C PHE D 54 2.97 6.37 -31.82
N LEU D 55 1.91 6.48 -31.03
CA LEU D 55 1.49 7.77 -30.49
C LEU D 55 2.30 8.12 -29.25
N THR D 56 2.68 9.38 -29.12
CA THR D 56 3.32 9.81 -27.89
C THR D 56 2.27 9.89 -26.78
N ARG D 57 2.74 9.99 -25.53
CA ARG D 57 1.83 10.10 -24.41
C ARG D 57 0.86 11.27 -24.58
N ALA D 58 1.37 12.42 -25.02
CA ALA D 58 0.53 13.59 -25.24
C ALA D 58 -0.52 13.32 -26.34
N GLN D 59 -0.13 12.61 -27.38
CA GLN D 59 -1.06 12.27 -28.46
C GLN D 59 -2.12 11.28 -27.98
N ARG D 60 -1.72 10.34 -27.12
CA ARG D 60 -2.68 9.37 -26.59
C ARG D 60 -3.75 10.09 -25.78
N LYS D 61 -3.32 11.05 -24.97
CA LYS D 61 -4.26 11.86 -24.18
C LYS D 61 -5.25 12.58 -25.08
N LEU D 62 -4.74 13.21 -26.14
CA LEU D 62 -5.59 13.96 -27.06
C LEU D 62 -6.57 13.04 -27.78
N ALA D 63 -6.08 11.91 -28.27
CA ALA D 63 -6.96 10.96 -28.94
C ALA D 63 -8.04 10.42 -27.99
N LEU D 64 -7.65 10.06 -26.77
CA LEU D 64 -8.59 9.52 -25.79
C LEU D 64 -9.65 10.54 -25.40
N THR D 65 -9.20 11.76 -25.10
CA THR D 65 -10.14 12.85 -24.80
C THR D 65 -11.12 13.10 -25.92
N THR D 66 -10.61 13.16 -27.15
CA THR D 66 -11.43 13.38 -28.33
C THR D 66 -12.51 12.29 -28.45
N ILE D 67 -12.09 11.05 -28.28
CA ILE D 67 -13.03 9.93 -28.41
C ILE D 67 -14.10 9.99 -27.29
N ILE D 68 -13.67 10.18 -26.05
CA ILE D 68 -14.61 10.12 -24.94
C ILE D 68 -15.61 11.28 -25.02
N GLU D 69 -15.12 12.47 -25.31
CA GLU D 69 -16.00 13.63 -25.40
C GLU D 69 -16.98 13.53 -26.57
N HIS D 70 -16.52 13.03 -27.72
CA HIS D 70 -17.40 12.95 -28.87
C HIS D 70 -18.40 11.81 -28.68
N THR D 71 -17.98 10.76 -27.97
CA THR D 71 -18.87 9.61 -27.75
C THR D 71 -20.06 10.07 -26.94
N ALA D 72 -19.82 10.95 -25.96
CA ALA D 72 -20.88 11.63 -25.23
C ALA D 72 -21.83 10.63 -24.58
N GLY D 73 -21.24 9.60 -23.96
CA GLY D 73 -21.98 8.61 -23.21
C GLY D 73 -22.78 7.60 -24.02
N ARG D 74 -22.69 7.66 -25.34
CA ARG D 74 -23.53 6.80 -26.19
C ARG D 74 -23.20 5.32 -26.05
N VAL D 75 -21.90 5.01 -25.99
CA VAL D 75 -21.40 3.66 -25.67
C VAL D 75 -20.25 3.83 -24.69
N PRO D 76 -19.90 2.77 -23.93
CA PRO D 76 -18.76 2.90 -23.02
C PRO D 76 -17.42 2.87 -23.75
N VAL D 77 -16.41 3.56 -23.19
CA VAL D 77 -15.08 3.60 -23.77
C VAL D 77 -14.05 3.06 -22.79
N THR D 78 -13.27 2.06 -23.23
CA THR D 78 -12.19 1.55 -22.42
C THR D 78 -10.86 2.03 -23.03
N ALA D 79 -9.86 2.26 -22.19
CA ALA D 79 -8.59 2.84 -22.65
C ALA D 79 -7.45 1.85 -22.55
N GLY D 80 -6.71 1.70 -23.65
CA GLY D 80 -5.46 0.95 -23.61
C GLY D 80 -4.45 1.70 -22.77
N VAL D 81 -3.65 0.97 -22.00
CA VAL D 81 -2.55 1.57 -21.25
C VAL D 81 -1.29 0.74 -21.52
N ILE D 82 -0.99 0.63 -22.81
CA ILE D 82 0.10 -0.22 -23.28
C ILE D 82 1.45 0.46 -23.10
N GLU D 83 2.30 -0.16 -22.28
CA GLU D 83 3.67 0.32 -22.03
C GLU D 83 4.53 -0.84 -21.53
N THR D 84 5.84 -0.66 -21.50
CA THR D 84 6.73 -1.78 -21.22
C THR D 84 6.58 -2.40 -19.83
N THR D 85 6.43 -1.59 -18.79
CA THR D 85 6.43 -2.11 -17.42
C THR D 85 5.47 -1.32 -16.56
N THR D 86 5.33 -1.79 -15.32
CA THR D 86 4.25 -1.36 -14.42
C THR D 86 4.20 0.14 -14.13
N ALA D 87 5.32 0.74 -13.74
CA ALA D 87 5.32 2.18 -13.43
C ALA D 87 4.89 3.05 -14.61
N ARG D 88 5.35 2.68 -15.81
CA ARG D 88 4.98 3.42 -17.03
C ARG D 88 3.51 3.21 -17.40
N VAL D 89 3.01 2.00 -17.15
CA VAL D 89 1.59 1.72 -17.39
C VAL D 89 0.74 2.55 -16.42
N ILE D 90 1.18 2.66 -15.17
CA ILE D 90 0.37 3.36 -14.19
C ILE D 90 0.27 4.85 -14.49
N GLU D 91 1.32 5.45 -15.03
CA GLU D 91 1.22 6.81 -15.56
C GLU D 91 0.06 6.94 -16.54
N LEU D 92 -0.06 5.97 -17.43
CA LEU D 92 -1.14 5.97 -18.41
C LEU D 92 -2.51 5.73 -17.78
N VAL D 93 -2.54 4.96 -16.69
CA VAL D 93 -3.78 4.73 -15.95
C VAL D 93 -4.24 6.07 -15.36
N GLU D 94 -3.29 6.82 -14.80
CA GLU D 94 -3.62 8.15 -14.28
C GLU D 94 -4.18 9.04 -15.39
N ASP D 95 -3.55 9.02 -16.57
CA ASP D 95 -4.07 9.78 -17.70
C ASP D 95 -5.48 9.35 -18.04
N ALA D 96 -5.71 8.03 -18.03
CA ALA D 96 -7.01 7.49 -18.39
C ALA D 96 -8.10 7.94 -17.42
N LEU D 97 -7.79 7.90 -16.13
CA LEU D 97 -8.71 8.40 -15.11
C LEU D 97 -9.04 9.87 -15.34
N GLU D 98 -8.01 10.67 -15.63
CA GLU D 98 -8.19 12.10 -15.88
CA GLU D 98 -8.22 12.10 -15.84
C GLU D 98 -9.17 12.36 -17.03
N ALA D 99 -9.08 11.53 -18.06
CA ALA D 99 -9.94 11.65 -19.25
C ALA D 99 -11.35 11.08 -19.03
N GLY D 100 -11.52 10.29 -17.98
CA GLY D 100 -12.81 9.69 -17.70
C GLY D 100 -13.04 8.39 -18.46
N ALA D 101 -11.96 7.64 -18.69
CA ALA D 101 -12.12 6.31 -19.27
C ALA D 101 -13.00 5.45 -18.36
N GLU D 102 -13.73 4.51 -18.95
CA GLU D 102 -14.62 3.65 -18.17
C GLU D 102 -14.08 2.23 -18.05
N GLY D 103 -12.91 2.00 -18.62
CA GLY D 103 -12.25 0.71 -18.49
C GLY D 103 -10.79 0.84 -18.86
N LEU D 104 -10.01 -0.21 -18.57
CA LEU D 104 -8.58 -0.24 -18.90
C LEU D 104 -8.22 -1.52 -19.63
N VAL D 105 -7.29 -1.44 -20.58
CA VAL D 105 -6.77 -2.63 -21.25
C VAL D 105 -5.26 -2.63 -21.13
N ALA D 106 -4.71 -3.68 -20.51
CA ALA D 106 -3.25 -3.76 -20.33
C ALA D 106 -2.68 -5.09 -20.81
N THR D 107 -1.43 -5.06 -21.25
CA THR D 107 -0.71 -6.28 -21.61
C THR D 107 0.26 -6.69 -20.52
N ALA D 108 0.87 -7.87 -20.69
CA ALA D 108 2.04 -8.24 -19.90
C ALA D 108 3.17 -7.23 -20.12
N PRO D 109 4.16 -7.21 -19.21
CA PRO D 109 5.33 -6.39 -19.51
C PRO D 109 6.01 -6.85 -20.80
N PHE D 110 6.66 -5.93 -21.49
CA PHE D 110 7.44 -6.32 -22.66
C PHE D 110 8.73 -5.53 -22.74
N TYR D 111 9.52 -5.80 -23.79
CA TYR D 111 10.95 -5.43 -23.89
C TYR D 111 11.77 -6.18 -22.84
N THR D 112 11.53 -5.91 -21.57
CA THR D 112 12.18 -6.69 -20.52
C THR D 112 11.77 -8.16 -20.58
N ARG D 113 12.69 -9.03 -20.19
CA ARG D 113 12.35 -10.41 -19.88
C ARG D 113 11.36 -10.41 -18.74
N THR D 114 10.49 -11.41 -18.71
CA THR D 114 9.51 -11.45 -17.65
C THR D 114 9.25 -12.90 -17.22
N HIS D 115 8.22 -13.10 -16.41
CA HIS D 115 7.92 -14.38 -15.80
C HIS D 115 6.48 -14.33 -15.34
N ASP D 116 5.78 -15.48 -15.31
CA ASP D 116 4.38 -15.48 -14.88
C ASP D 116 4.19 -14.79 -13.52
N VAL D 117 5.17 -14.95 -12.62
CA VAL D 117 5.06 -14.35 -11.30
C VAL D 117 5.07 -12.83 -11.42
N GLU D 118 5.90 -12.31 -12.31
CA GLU D 118 6.00 -10.86 -12.50
C GLU D 118 4.83 -10.32 -13.31
N ILE D 119 4.33 -11.10 -14.27
CA ILE D 119 3.13 -10.72 -14.99
C ILE D 119 1.95 -10.59 -14.03
N GLU D 120 1.84 -11.50 -13.08
CA GLU D 120 0.72 -11.45 -12.14
C GLU D 120 0.83 -10.23 -11.25
N GLU D 121 2.04 -9.95 -10.74
CA GLU D 121 2.22 -8.78 -9.88
C GLU D 121 1.87 -7.51 -10.66
N HIS D 122 2.32 -7.45 -11.90
CA HIS D 122 2.03 -6.37 -12.84
C HIS D 122 0.54 -6.04 -12.90
N PHE D 123 -0.29 -7.05 -13.17
CA PHE D 123 -1.72 -6.82 -13.26
C PHE D 123 -2.33 -6.41 -11.92
N ARG D 124 -1.89 -7.02 -10.82
CA ARG D 124 -2.44 -6.63 -9.51
C ARG D 124 -2.17 -5.17 -9.22
N LYS D 125 -0.96 -4.70 -9.56
CA LYS D 125 -0.59 -3.33 -9.23
C LYS D 125 -1.27 -2.30 -10.13
N ILE D 126 -1.50 -2.68 -11.39
CA ILE D 126 -2.28 -1.86 -12.31
C ILE D 126 -3.72 -1.72 -11.79
N HIS D 127 -4.31 -2.83 -11.37
CA HIS D 127 -5.63 -2.82 -10.77
C HIS D 127 -5.69 -1.88 -9.56
N ALA D 128 -4.67 -1.95 -8.70
CA ALA D 128 -4.67 -1.13 -7.48
C ALA D 128 -4.62 0.36 -7.78
N ALA D 129 -4.16 0.73 -8.97
CA ALA D 129 -4.10 2.14 -9.36
C ALA D 129 -5.46 2.69 -9.79
N ALA D 130 -6.39 1.78 -10.11
CA ALA D 130 -7.73 2.19 -10.50
C ALA D 130 -8.72 1.05 -10.25
N PRO D 131 -8.96 0.75 -8.96
CA PRO D 131 -9.70 -0.48 -8.64
C PRO D 131 -11.17 -0.45 -9.03
N GLU D 132 -11.73 0.72 -9.34
CA GLU D 132 -13.14 0.78 -9.72
C GLU D 132 -13.36 0.60 -11.24
N LEU D 133 -12.28 0.58 -12.01
CA LEU D 133 -12.38 0.36 -13.44
C LEU D 133 -12.20 -1.11 -13.81
N PRO D 134 -13.06 -1.62 -14.71
CA PRO D 134 -12.83 -2.98 -15.23
C PRO D 134 -11.49 -3.06 -15.94
N LEU D 135 -10.63 -3.98 -15.53
CA LEU D 135 -9.33 -4.16 -16.16
C LEU D 135 -9.35 -5.43 -17.00
N PHE D 136 -9.07 -5.27 -18.30
CA PHE D 136 -8.99 -6.39 -19.23
C PHE D 136 -7.55 -6.67 -19.58
N ALA D 137 -7.16 -7.94 -19.50
CA ALA D 137 -5.84 -8.38 -19.94
C ALA D 137 -5.84 -8.62 -21.44
N TYR D 138 -4.90 -7.99 -22.13
CA TYR D 138 -4.77 -8.01 -23.56
C TYR D 138 -3.72 -9.06 -23.94
N ASN D 139 -4.17 -10.21 -24.45
CA ASN D 139 -3.25 -11.27 -24.88
C ASN D 139 -2.87 -11.04 -26.33
N ILE D 140 -1.64 -10.59 -26.57
CA ILE D 140 -1.22 -10.33 -27.94
C ILE D 140 0.26 -10.71 -28.08
N PRO D 141 0.52 -12.03 -28.16
CA PRO D 141 1.88 -12.56 -28.21
C PRO D 141 2.72 -12.02 -29.37
N VAL D 142 2.11 -11.68 -30.50
CA VAL D 142 2.87 -11.17 -31.65
C VAL D 142 3.57 -9.86 -31.30
N SER D 143 3.03 -9.13 -30.31
CA SER D 143 3.61 -7.84 -29.94
C SER D 143 4.37 -7.87 -28.61
N VAL D 144 3.91 -8.69 -27.66
CA VAL D 144 4.60 -8.64 -26.37
CA VAL D 144 4.45 -8.73 -26.31
C VAL D 144 5.46 -9.88 -26.11
N HIS D 145 5.27 -10.93 -26.91
CA HIS D 145 6.12 -12.14 -26.82
C HIS D 145 6.09 -12.80 -25.45
N SER D 146 4.93 -12.68 -24.81
CA SER D 146 4.53 -13.54 -23.73
C SER D 146 3.14 -14.03 -24.09
N ASN D 147 2.78 -15.22 -23.60
CA ASN D 147 1.41 -15.71 -23.68
C ASN D 147 0.79 -15.65 -22.31
N LEU D 148 -0.38 -15.04 -22.19
CA LEU D 148 -0.97 -14.94 -20.87
C LEU D 148 -1.47 -16.31 -20.40
N ASN D 149 -0.93 -16.75 -19.26
CA ASN D 149 -1.29 -18.03 -18.66
C ASN D 149 -2.77 -18.04 -18.26
N PRO D 150 -3.55 -18.97 -18.82
CA PRO D 150 -5.00 -18.92 -18.55
C PRO D 150 -5.33 -19.24 -17.09
N VAL D 151 -4.52 -20.05 -16.43
CA VAL D 151 -4.74 -20.35 -15.02
C VAL D 151 -4.56 -19.06 -14.22
N MET D 152 -3.51 -18.31 -14.55
CA MET D 152 -3.27 -17.01 -13.92
C MET D 152 -4.43 -16.04 -14.15
N LEU D 153 -4.93 -15.97 -15.38
CA LEU D 153 -6.02 -15.06 -15.67
C LEU D 153 -7.24 -15.40 -14.81
N LEU D 154 -7.54 -16.68 -14.66
CA LEU D 154 -8.74 -17.04 -13.89
C LEU D 154 -8.50 -16.79 -12.40
N THR D 155 -7.27 -16.95 -11.94
CA THR D 155 -6.95 -16.64 -10.54
C THR D 155 -7.20 -15.14 -10.28
N LEU D 156 -6.73 -14.33 -11.22
CA LEU D 156 -6.95 -12.89 -11.14
C LEU D 156 -8.43 -12.52 -11.26
N ALA D 157 -9.18 -13.27 -12.07
CA ALA D 157 -10.62 -13.06 -12.18
C ALA D 157 -11.32 -13.32 -10.86
N LYS D 158 -10.98 -14.44 -10.24
CA LYS D 158 -11.55 -14.81 -8.96
C LYS D 158 -11.26 -13.77 -7.89
N ASP D 159 -10.06 -13.17 -7.94
CA ASP D 159 -9.63 -12.16 -6.99
C ASP D 159 -10.20 -10.77 -7.30
N GLY D 160 -10.90 -10.64 -8.41
CA GLY D 160 -11.50 -9.38 -8.81
C GLY D 160 -10.55 -8.38 -9.42
N VAL D 161 -9.33 -8.84 -9.70
CA VAL D 161 -8.32 -7.99 -10.35
C VAL D 161 -8.62 -7.78 -11.82
N LEU D 162 -9.00 -8.85 -12.52
CA LEU D 162 -9.34 -8.76 -13.94
C LEU D 162 -10.84 -8.91 -14.19
N ALA D 163 -11.36 -8.05 -15.06
CA ALA D 163 -12.76 -8.06 -15.44
C ALA D 163 -12.95 -8.86 -16.73
N GLY D 164 -11.83 -9.18 -17.39
CA GLY D 164 -11.95 -9.85 -18.67
C GLY D 164 -10.64 -9.95 -19.41
N THR D 165 -10.70 -10.51 -20.60
CA THR D 165 -9.53 -10.56 -21.47
C THR D 165 -9.95 -10.27 -22.90
N LYS D 166 -9.05 -9.58 -23.60
CA LYS D 166 -9.14 -9.45 -25.05
CA LYS D 166 -9.15 -9.44 -25.04
C LYS D 166 -8.06 -10.35 -25.63
N ASP D 167 -8.47 -11.39 -26.35
CA ASP D 167 -7.48 -12.33 -26.84
C ASP D 167 -7.26 -12.23 -28.34
N SER D 168 -6.07 -11.74 -28.68
CA SER D 168 -5.67 -11.57 -30.07
C SER D 168 -4.57 -12.55 -30.48
N SER D 169 -4.54 -13.71 -29.83
CA SER D 169 -3.50 -14.71 -30.13
C SER D 169 -3.75 -15.41 -31.46
N GLY D 170 -4.98 -15.34 -31.96
CA GLY D 170 -5.36 -16.06 -33.16
C GLY D 170 -5.56 -17.56 -32.96
N ASN D 171 -5.52 -18.01 -31.70
CA ASN D 171 -5.65 -19.42 -31.40
C ASN D 171 -7.05 -19.72 -30.85
N ASP D 172 -7.96 -20.12 -31.74
CA ASP D 172 -9.34 -20.30 -31.31
C ASP D 172 -9.54 -21.51 -30.39
N GLY D 173 -8.72 -22.53 -30.55
CA GLY D 173 -8.75 -23.65 -29.62
C GLY D 173 -8.37 -23.22 -28.21
N ALA D 174 -7.39 -22.32 -28.11
CA ALA D 174 -6.96 -21.85 -26.80
C ALA D 174 -8.00 -20.94 -26.17
N ILE D 175 -8.61 -20.07 -26.98
CA ILE D 175 -9.67 -19.22 -26.47
C ILE D 175 -10.84 -20.08 -25.99
N ARG D 176 -11.18 -21.11 -26.77
CA ARG D 176 -12.27 -22.00 -26.39
C ARG D 176 -11.99 -22.71 -25.08
N SER D 177 -10.76 -23.19 -24.91
CA SER D 177 -10.35 -23.83 -23.67
C SER D 177 -10.47 -22.87 -22.47
N LEU D 178 -10.12 -21.61 -22.68
CA LEU D 178 -10.23 -20.62 -21.62
C LEU D 178 -11.70 -20.37 -21.25
N ILE D 179 -12.55 -20.27 -22.26
CA ILE D 179 -13.98 -20.10 -22.00
C ILE D 179 -14.51 -21.30 -21.20
N GLU D 180 -14.13 -22.50 -21.62
CA GLU D 180 -14.56 -23.72 -20.90
C GLU D 180 -14.06 -23.73 -19.45
N ALA D 181 -12.81 -23.37 -19.25
CA ALA D 181 -12.23 -23.33 -17.91
C ALA D 181 -12.91 -22.29 -17.03
N ARG D 182 -13.20 -21.14 -17.62
CA ARG D 182 -13.92 -20.07 -16.94
C ARG D 182 -15.28 -20.54 -16.48
N ASP D 183 -16.02 -21.16 -17.39
CA ASP D 183 -17.36 -21.61 -17.07
C ASP D 183 -17.32 -22.71 -16.03
N ASP D 184 -16.33 -23.59 -16.13
CA ASP D 184 -16.21 -24.69 -15.18
C ASP D 184 -15.87 -24.20 -13.77
N ALA D 185 -15.20 -23.06 -13.70
CA ALA D 185 -14.82 -22.48 -12.41
C ALA D 185 -15.89 -21.54 -11.85
N GLY D 186 -17.00 -21.40 -12.56
CA GLY D 186 -18.08 -20.54 -12.12
C GLY D 186 -17.80 -19.05 -12.26
N LEU D 187 -16.95 -18.70 -13.23
CA LEU D 187 -16.51 -17.31 -13.40
C LEU D 187 -17.12 -16.66 -14.63
N THR D 188 -18.21 -17.23 -15.14
CA THR D 188 -18.81 -16.77 -16.38
C THR D 188 -19.18 -15.29 -16.36
N GLU D 189 -19.87 -14.86 -15.30
CA GLU D 189 -20.31 -13.47 -15.22
C GLU D 189 -19.18 -12.51 -14.89
N GLN D 190 -18.20 -12.96 -14.12
CA GLN D 190 -17.15 -12.09 -13.61
C GLN D 190 -16.08 -11.73 -14.65
N PHE D 191 -15.87 -12.63 -15.62
CA PHE D 191 -14.70 -12.56 -16.50
C PHE D 191 -15.12 -12.62 -17.96
N LYS D 192 -15.20 -11.47 -18.62
CA LYS D 192 -15.62 -11.43 -20.02
C LYS D 192 -14.50 -11.85 -20.95
N ILE D 193 -14.82 -12.68 -21.94
CA ILE D 193 -13.82 -13.11 -22.92
C ILE D 193 -14.18 -12.57 -24.30
N LEU D 194 -13.32 -11.68 -24.80
CA LEU D 194 -13.54 -11.06 -26.09
C LEU D 194 -12.49 -11.54 -27.06
N THR D 195 -12.90 -11.92 -28.27
CA THR D 195 -11.91 -12.30 -29.26
C THR D 195 -11.46 -11.08 -30.09
N GLY D 196 -10.16 -11.05 -30.38
CA GLY D 196 -9.61 -10.05 -31.27
C GLY D 196 -9.60 -10.51 -32.72
N SER D 197 -10.14 -11.69 -32.95
CA SER D 197 -10.25 -12.22 -34.30
C SER D 197 -11.17 -11.39 -35.19
N GLU D 198 -10.78 -11.27 -36.46
CA GLU D 198 -11.62 -10.61 -37.44
C GLU D 198 -12.36 -11.60 -38.31
N THR D 199 -11.86 -12.84 -38.39
CA THR D 199 -12.34 -13.80 -39.38
C THR D 199 -12.92 -15.06 -38.77
N THR D 200 -12.86 -15.17 -37.44
CA THR D 200 -13.45 -16.33 -36.76
C THR D 200 -14.31 -15.91 -35.57
N VAL D 201 -15.08 -14.85 -35.78
CA VAL D 201 -15.94 -14.29 -34.74
C VAL D 201 -17.11 -15.22 -34.48
N ASP D 202 -17.66 -15.81 -35.54
CA ASP D 202 -18.76 -16.75 -35.38
C ASP D 202 -18.32 -17.95 -34.54
N PHE D 203 -17.10 -18.45 -34.77
CA PHE D 203 -16.56 -19.53 -33.95
C PHE D 203 -16.56 -19.12 -32.48
N ALA D 204 -16.03 -17.93 -32.21
CA ALA D 204 -15.93 -17.45 -30.84
C ALA D 204 -17.29 -17.40 -30.16
N TYR D 205 -18.29 -16.86 -30.87
CA TYR D 205 -19.64 -16.79 -30.30
C TYR D 205 -20.23 -18.19 -30.13
N LEU D 206 -19.94 -19.11 -31.05
CA LEU D 206 -20.47 -20.47 -30.93
C LEU D 206 -19.97 -21.14 -29.65
N ALA D 207 -18.72 -20.86 -29.29
CA ALA D 207 -18.11 -21.36 -28.06
C ALA D 207 -18.51 -20.56 -26.80
N GLY D 208 -19.30 -19.49 -26.98
CA GLY D 208 -19.81 -18.71 -25.87
C GLY D 208 -18.96 -17.52 -25.44
N ALA D 209 -18.15 -16.98 -26.35
CA ALA D 209 -17.44 -15.74 -26.07
C ALA D 209 -18.42 -14.60 -25.83
N ASP D 210 -17.95 -13.55 -25.17
CA ASP D 210 -18.83 -12.44 -24.82
C ASP D 210 -18.84 -11.31 -25.85
N GLY D 211 -17.92 -11.35 -26.80
CA GLY D 211 -17.86 -10.29 -27.78
C GLY D 211 -16.60 -10.32 -28.61
N VAL D 212 -16.37 -9.23 -29.32
CA VAL D 212 -15.31 -9.19 -30.33
C VAL D 212 -14.72 -7.80 -30.44
N VAL D 213 -13.39 -7.73 -30.60
CA VAL D 213 -12.64 -6.48 -30.77
C VAL D 213 -11.90 -6.56 -32.12
N PRO D 214 -12.61 -6.31 -33.23
CA PRO D 214 -12.04 -6.53 -34.55
C PRO D 214 -11.53 -5.26 -35.22
N GLY D 215 -10.27 -5.25 -35.64
CA GLY D 215 -9.71 -4.09 -36.31
C GLY D 215 -10.54 -3.70 -37.54
N LEU D 216 -10.93 -4.70 -38.33
CA LEU D 216 -11.74 -4.46 -39.53
C LEU D 216 -13.11 -3.84 -39.19
N GLY D 217 -13.54 -3.94 -37.94
CA GLY D 217 -14.75 -3.28 -37.46
C GLY D 217 -14.70 -1.77 -37.57
N ASN D 218 -13.50 -1.20 -37.70
CA ASN D 218 -13.40 0.23 -38.02
C ASN D 218 -13.99 0.55 -39.38
N VAL D 219 -13.75 -0.33 -40.34
CA VAL D 219 -14.20 -0.15 -41.69
C VAL D 219 -15.67 -0.48 -41.86
N ASP D 220 -16.06 -1.65 -41.34
CA ASP D 220 -17.43 -2.12 -41.49
C ASP D 220 -18.05 -2.48 -40.14
N PRO D 221 -18.32 -1.48 -39.31
CA PRO D 221 -18.95 -1.74 -38.02
C PRO D 221 -20.31 -2.41 -38.16
N ALA D 222 -21.10 -2.03 -39.17
CA ALA D 222 -22.43 -2.61 -39.33
C ALA D 222 -22.36 -4.11 -39.65
N ALA D 223 -21.31 -4.54 -40.35
CA ALA D 223 -21.17 -5.97 -40.66
C ALA D 223 -20.98 -6.76 -39.38
N TYR D 224 -20.09 -6.29 -38.51
CA TYR D 224 -19.85 -7.02 -37.26
C TYR D 224 -21.07 -6.93 -36.32
N ALA D 225 -21.77 -5.79 -36.34
CA ALA D 225 -22.95 -5.68 -35.51
C ALA D 225 -24.00 -6.68 -35.96
N ALA D 226 -24.14 -6.82 -37.27
CA ALA D 226 -25.09 -7.78 -37.84
C ALA D 226 -24.67 -9.20 -37.53
N LEU D 227 -23.37 -9.47 -37.59
CA LEU D 227 -22.85 -10.81 -37.30
C LEU D 227 -23.15 -11.20 -35.87
N ALA D 228 -22.88 -10.28 -34.94
CA ALA D 228 -23.10 -10.55 -33.53
C ALA D 228 -24.57 -10.84 -33.28
N LYS D 229 -25.45 -10.07 -33.93
CA LYS D 229 -26.88 -10.27 -33.75
C LYS D 229 -27.31 -11.65 -34.25
N LEU D 230 -26.79 -12.08 -35.40
CA LEU D 230 -27.08 -13.42 -35.91
C LEU D 230 -26.66 -14.49 -34.91
N CYS D 231 -25.45 -14.36 -34.39
CA CYS D 231 -24.94 -15.31 -33.40
C CYS D 231 -25.78 -15.35 -32.13
N LEU D 232 -26.15 -14.18 -31.62
CA LEU D 232 -26.94 -14.13 -30.41
C LEU D 232 -28.32 -14.73 -30.65
N ASP D 233 -28.77 -14.67 -31.90
CA ASP D 233 -30.06 -15.25 -32.26
C ASP D 233 -29.96 -16.74 -32.62
N GLY D 234 -28.77 -17.30 -32.51
CA GLY D 234 -28.56 -18.73 -32.75
C GLY D 234 -28.64 -19.09 -34.23
N LYS D 235 -28.49 -18.10 -35.09
CA LYS D 235 -28.57 -18.32 -36.54
C LYS D 235 -27.19 -18.60 -37.11
N TRP D 236 -26.68 -19.77 -36.79
CA TRP D 236 -25.27 -20.07 -37.06
C TRP D 236 -24.94 -20.22 -38.54
N ALA D 237 -25.80 -20.87 -39.31
CA ALA D 237 -25.59 -20.95 -40.76
C ALA D 237 -25.56 -19.57 -41.40
N GLU D 238 -26.50 -18.72 -41.02
CA GLU D 238 -26.53 -17.37 -41.57
C GLU D 238 -25.30 -16.57 -41.12
N ALA D 239 -24.89 -16.79 -39.87
CA ALA D 239 -23.71 -16.14 -39.32
C ALA D 239 -22.46 -16.54 -40.11
N ALA D 240 -22.29 -17.83 -40.36
CA ALA D 240 -21.13 -18.29 -41.12
C ALA D 240 -21.10 -17.70 -42.53
N ALA D 241 -22.27 -17.52 -43.15
CA ALA D 241 -22.31 -16.95 -44.48
C ALA D 241 -21.88 -15.48 -44.46
N LEU D 242 -22.32 -14.75 -43.45
CA LEU D 242 -21.91 -13.36 -43.29
C LEU D 242 -20.42 -13.24 -42.92
N GLN D 243 -19.95 -14.09 -42.02
CA GLN D 243 -18.53 -14.11 -41.70
C GLN D 243 -17.68 -14.32 -42.96
N LYS D 244 -18.16 -15.17 -43.88
CA LYS D 244 -17.40 -15.44 -45.08
C LYS D 244 -17.29 -14.17 -45.94
N ARG D 245 -18.36 -13.39 -45.99
CA ARG D 245 -18.34 -12.13 -46.73
CA ARG D 245 -18.32 -12.14 -46.75
C ARG D 245 -17.38 -11.15 -46.08
N ILE D 246 -17.49 -11.01 -44.77
CA ILE D 246 -16.56 -10.19 -43.99
C ILE D 246 -15.11 -10.61 -44.28
N ASN D 247 -14.86 -11.91 -44.37
CA ASN D 247 -13.52 -12.40 -44.63
C ASN D 247 -13.00 -12.04 -46.02
N HIS D 248 -13.90 -11.77 -46.96
CA HIS D 248 -13.46 -11.31 -48.27
C HIS D 248 -13.20 -9.80 -48.26
N LEU D 249 -13.94 -9.05 -47.44
CA LEU D 249 -13.58 -7.65 -47.20
C LEU D 249 -12.20 -7.56 -46.56
N PHE D 250 -11.91 -8.53 -45.70
CA PHE D 250 -10.63 -8.56 -44.99
C PHE D 250 -9.45 -8.65 -45.93
N HIS D 251 -9.67 -9.03 -47.19
CA HIS D 251 -8.56 -9.11 -48.13
C HIS D 251 -7.86 -7.77 -48.33
N ILE D 252 -8.48 -6.67 -47.89
CA ILE D 252 -7.79 -5.39 -47.99
C ILE D 252 -6.46 -5.36 -47.24
N VAL D 253 -6.30 -6.17 -46.21
CA VAL D 253 -5.04 -6.13 -45.46
C VAL D 253 -3.91 -6.89 -46.19
N PHE D 254 -4.27 -7.65 -47.22
CA PHE D 254 -3.27 -8.44 -47.94
C PHE D 254 -2.85 -7.79 -49.25
N VAL D 255 -3.36 -6.60 -49.52
CA VAL D 255 -3.01 -5.93 -50.76
C VAL D 255 -1.59 -5.38 -50.75
N GLY D 256 -1.19 -4.71 -49.67
CA GLY D 256 0.13 -4.12 -49.58
C GLY D 256 1.26 -5.14 -49.71
N ASP D 257 2.26 -4.80 -50.51
CA ASP D 257 3.38 -5.71 -50.78
C ASP D 257 4.31 -5.80 -49.58
N THR D 258 4.22 -6.89 -48.83
CA THR D 258 5.00 -7.02 -47.61
C THR D 258 6.46 -7.41 -47.88
N SER D 259 6.85 -7.41 -49.15
CA SER D 259 8.27 -7.53 -49.44
C SER D 259 8.98 -6.20 -49.15
N HIS D 260 8.23 -5.11 -49.00
CA HIS D 260 8.86 -3.86 -48.59
C HIS D 260 8.03 -3.06 -47.60
N SER D 262 5.86 -3.69 -43.44
CA SER D 262 5.39 -4.55 -42.36
C SER D 262 3.92 -4.91 -42.52
N GLY D 263 3.47 -5.86 -41.72
CA GLY D 263 2.07 -6.22 -41.71
C GLY D 263 1.22 -5.08 -41.18
N SER D 264 1.81 -4.26 -40.32
CA SER D 264 1.10 -3.08 -39.80
C SER D 264 0.85 -2.08 -40.93
N SER D 265 1.87 -1.82 -41.74
CA SER D 265 1.71 -0.93 -42.89
C SER D 265 0.63 -1.43 -43.83
N ALA D 266 0.67 -2.72 -44.14
CA ALA D 266 -0.30 -3.28 -45.08
C ALA D 266 -1.70 -3.32 -44.48
N GLY D 267 -1.78 -3.72 -43.21
CA GLY D 267 -3.06 -4.00 -42.59
C GLY D 267 -3.77 -2.75 -42.14
N LEU D 268 -3.10 -1.96 -41.30
CA LEU D 268 -3.69 -0.71 -40.83
C LEU D 268 -3.80 0.31 -41.96
N GLY D 269 -2.80 0.31 -42.85
CA GLY D 269 -2.85 1.13 -44.05
C GLY D 269 -4.05 0.75 -44.91
N GLY D 270 -4.32 -0.54 -45.00
CA GLY D 270 -5.48 -1.03 -45.73
C GLY D 270 -6.77 -0.49 -45.13
N PHE D 271 -6.88 -0.58 -43.81
CA PHE D 271 -8.05 -0.03 -43.12
C PHE D 271 -8.21 1.47 -43.37
N LYS D 272 -7.13 2.22 -43.24
CA LYS D 272 -7.28 3.67 -43.37
C LYS D 272 -7.58 4.06 -44.81
N THR D 273 -7.05 3.28 -45.76
CA THR D 273 -7.37 3.49 -47.17
C THR D 273 -8.87 3.30 -47.41
N ALA D 274 -9.43 2.24 -46.83
CA ALA D 274 -10.87 2.00 -46.92
C ALA D 274 -11.68 3.13 -46.29
N LEU D 275 -11.24 3.60 -45.12
CA LEU D 275 -11.95 4.67 -44.41
C LEU D 275 -11.92 5.99 -45.18
N ALA D 276 -10.79 6.25 -45.85
CA ALA D 276 -10.70 7.46 -46.67
C ALA D 276 -11.59 7.34 -47.91
N HIS D 277 -11.60 6.15 -48.50
CA HIS D 277 -12.44 5.85 -49.65
C HIS D 277 -13.93 6.04 -49.32
N LEU D 278 -14.31 5.69 -48.09
CA LEU D 278 -15.69 5.81 -47.64
C LEU D 278 -16.01 7.21 -47.15
N GLY D 279 -15.00 8.08 -47.12
CA GLY D 279 -15.20 9.46 -46.73
C GLY D 279 -15.27 9.70 -45.23
N ILE D 280 -14.85 8.72 -44.44
CA ILE D 280 -14.94 8.84 -42.98
C ILE D 280 -13.76 9.62 -42.41
N ILE D 281 -12.59 9.43 -43.01
CA ILE D 281 -11.42 10.19 -42.59
C ILE D 281 -10.72 10.88 -43.77
N GLU D 282 -9.94 11.91 -43.46
CA GLU D 282 -9.34 12.79 -44.46
C GLU D 282 -8.35 12.05 -45.39
N SER D 283 -7.48 11.23 -44.79
CA SER D 283 -6.51 10.48 -45.60
C SER D 283 -6.06 9.22 -44.90
N ASN D 284 -5.24 8.43 -45.60
CA ASN D 284 -4.70 7.20 -45.04
C ASN D 284 -3.31 7.40 -44.43
N ALA D 285 -3.02 8.62 -43.97
CA ALA D 285 -1.73 8.93 -43.36
C ALA D 285 -1.47 8.00 -42.19
N MET D 286 -0.25 7.47 -42.14
CA MET D 286 0.17 6.53 -41.12
C MET D 286 1.32 7.10 -40.31
N ALA D 287 1.49 6.63 -39.09
CA ALA D 287 2.60 7.09 -38.26
C ALA D 287 3.94 6.53 -38.76
N VAL D 288 5.00 7.30 -38.56
CA VAL D 288 6.37 6.85 -38.86
C VAL D 288 6.72 5.67 -37.95
N PRO D 289 7.36 4.62 -38.50
CA PRO D 289 7.91 4.48 -39.87
C PRO D 289 7.09 3.62 -40.82
N HIS D 290 5.77 3.64 -40.70
CA HIS D 290 4.94 2.92 -41.68
C HIS D 290 5.23 3.34 -43.11
N GLN D 291 5.13 2.38 -44.03
CA GLN D 291 5.32 2.64 -45.44
C GLN D 291 3.98 2.92 -46.12
N SER D 292 4.00 3.78 -47.13
CA SER D 292 2.78 4.16 -47.82
CA SER D 292 2.78 4.16 -47.83
C SER D 292 2.39 3.12 -48.87
N LEU D 293 1.09 3.03 -49.12
CA LEU D 293 0.56 2.14 -50.13
C LEU D 293 0.60 2.86 -51.47
N SER D 294 0.85 2.10 -52.52
CA SER D 294 0.94 2.67 -53.87
C SER D 294 -0.44 2.98 -54.44
N ASP D 295 -0.46 3.72 -55.53
CA ASP D 295 -1.72 4.02 -56.21
C ASP D 295 -2.41 2.75 -56.65
N GLU D 296 -1.63 1.80 -57.16
CA GLU D 296 -2.17 0.52 -57.59
C GLU D 296 -2.79 -0.25 -56.42
N GLU D 297 -2.09 -0.23 -55.29
CA GLU D 297 -2.57 -0.92 -54.08
C GLU D 297 -3.86 -0.27 -53.56
N THR D 298 -3.92 1.05 -53.56
CA THR D 298 -5.13 1.69 -53.02
C THR D 298 -6.31 1.44 -53.95
N ALA D 299 -6.06 1.41 -55.26
CA ALA D 299 -7.10 1.08 -56.23
C ALA D 299 -7.66 -0.32 -55.96
N ARG D 300 -6.78 -1.27 -55.66
CA ARG D 300 -7.24 -2.62 -55.35
C ARG D 300 -8.06 -2.66 -54.07
N ILE D 301 -7.65 -1.92 -53.06
CA ILE D 301 -8.40 -1.85 -51.82
C ILE D 301 -9.79 -1.27 -52.06
N HIS D 302 -9.85 -0.20 -52.85
CA HIS D 302 -11.13 0.40 -53.21
C HIS D 302 -12.09 -0.61 -53.85
N ALA D 303 -11.57 -1.41 -54.77
CA ALA D 303 -12.39 -2.42 -55.44
C ALA D 303 -12.91 -3.49 -54.48
N ILE D 304 -12.09 -3.89 -53.51
CA ILE D 304 -12.54 -4.88 -52.54
C ILE D 304 -13.64 -4.30 -51.65
N VAL D 305 -13.44 -3.06 -51.21
CA VAL D 305 -14.42 -2.38 -50.38
C VAL D 305 -15.75 -2.26 -51.12
N ASP D 306 -15.68 -1.83 -52.38
CA ASP D 306 -16.90 -1.64 -53.18
C ASP D 306 -17.69 -2.94 -53.27
N GLU D 307 -16.99 -4.06 -53.43
CA GLU D 307 -17.67 -5.36 -53.60
C GLU D 307 -18.21 -5.96 -52.29
N PHE D 308 -17.45 -5.87 -51.21
CA PHE D 308 -17.78 -6.70 -50.04
C PHE D 308 -18.25 -5.97 -48.79
N LEU D 309 -18.30 -4.64 -48.84
CA LEU D 309 -18.84 -3.89 -47.73
C LEU D 309 -20.29 -4.31 -47.48
N TYR D 310 -20.65 -4.49 -46.23
CA TYR D 310 -21.99 -4.92 -45.84
C TYR D 310 -23.03 -3.88 -46.25
N THR D 311 -24.17 -4.36 -46.74
CA THR D 311 -25.27 -3.47 -47.10
C THR D 311 -26.50 -3.71 -46.22
N SER E 3 -6.66 47.91 63.38
CA SER E 3 -7.02 47.08 62.23
C SER E 3 -7.24 45.63 62.65
N ALA E 4 -8.39 45.07 62.29
CA ALA E 4 -8.75 43.72 62.75
C ALA E 4 -7.83 42.65 62.18
N THR E 5 -7.68 41.56 62.94
CA THR E 5 -6.88 40.44 62.49
C THR E 5 -7.77 39.22 62.32
N PHE E 6 -7.75 38.65 61.13
CA PHE E 6 -8.64 37.55 60.84
C PHE E 6 -7.90 36.22 60.94
N THR E 7 -7.88 35.68 62.15
CA THR E 7 -7.35 34.35 62.42
C THR E 7 -8.38 33.57 63.23
N GLY E 8 -8.15 32.27 63.37
CA GLY E 8 -9.04 31.43 64.15
C GLY E 8 -10.22 30.89 63.35
N VAL E 9 -11.32 30.65 64.05
CA VAL E 9 -12.52 30.06 63.45
C VAL E 9 -13.45 31.17 62.95
N ILE E 10 -13.59 31.27 61.64
CA ILE E 10 -14.34 32.35 61.00
C ILE E 10 -15.31 31.76 59.99
N PRO E 11 -16.51 31.35 60.42
CA PRO E 11 -17.47 30.73 59.51
C PRO E 11 -17.97 31.67 58.43
N PRO E 12 -18.23 31.13 57.24
CA PRO E 12 -18.93 31.91 56.21
C PRO E 12 -20.41 31.91 56.52
N VAL E 13 -20.89 33.01 57.11
CA VAL E 13 -22.24 33.10 57.63
C VAL E 13 -23.27 32.79 56.54
N MET E 14 -24.21 31.90 56.81
CA MET E 14 -25.28 31.63 55.84
C MET E 14 -26.30 32.76 55.79
N THR E 15 -27.13 32.77 54.76
CA THR E 15 -28.22 33.74 54.68
C THR E 15 -29.56 33.05 54.78
N PRO E 16 -30.19 33.14 55.96
CA PRO E 16 -31.55 32.60 56.09
C PRO E 16 -32.50 33.41 55.22
N LEU E 17 -33.48 32.72 54.63
CA LEU E 17 -34.41 33.36 53.72
C LEU E 17 -35.87 33.09 54.10
N HIS E 18 -36.72 34.02 53.69
CA HIS E 18 -38.17 33.76 53.68
C HIS E 18 -38.52 32.97 52.42
N ALA E 19 -39.75 32.46 52.36
CA ALA E 19 -40.18 31.67 51.22
C ALA E 19 -40.24 32.50 49.92
N ASP E 20 -40.34 33.82 50.04
CA ASP E 20 -40.37 34.67 48.84
C ASP E 20 -38.97 35.01 48.34
N GLY E 21 -37.96 34.49 49.02
CA GLY E 21 -36.58 34.70 48.59
C GLY E 21 -35.90 35.88 49.26
N SER E 22 -36.63 36.63 50.07
CA SER E 22 -36.05 37.80 50.74
C SER E 22 -35.23 37.35 51.95
N VAL E 23 -34.31 38.21 52.39
CA VAL E 23 -33.48 37.90 53.54
C VAL E 23 -34.33 37.85 54.82
N ASP E 24 -34.19 36.76 55.57
CA ASP E 24 -34.87 36.60 56.85
C ASP E 24 -33.98 37.24 57.93
N VAL E 25 -34.22 38.52 58.19
CA VAL E 25 -33.38 39.31 59.08
C VAL E 25 -33.38 38.78 60.53
N GLU E 26 -34.56 38.42 61.02
CA GLU E 26 -34.67 37.90 62.38
C GLU E 26 -33.88 36.59 62.55
N SER E 27 -33.99 35.67 61.58
CA SER E 27 -33.22 34.44 61.65
C SER E 27 -31.73 34.71 61.48
N LEU E 28 -31.39 35.70 60.66
CA LEU E 28 -29.98 35.99 60.44
C LEU E 28 -29.34 36.50 61.75
N ARG E 29 -30.08 37.31 62.49
CA ARG E 29 -29.60 37.78 63.79
C ARG E 29 -29.44 36.60 64.75
N LYS E 30 -30.41 35.69 64.76
CA LYS E 30 -30.30 34.50 65.61
C LYS E 30 -29.09 33.65 65.24
N LEU E 31 -28.84 33.54 63.94
CA LEU E 31 -27.68 32.78 63.47
C LEU E 31 -26.38 33.45 63.91
N VAL E 32 -26.31 34.79 63.83
CA VAL E 32 -25.13 35.50 64.26
C VAL E 32 -24.86 35.23 65.75
N ASP E 33 -25.89 35.30 66.59
CA ASP E 33 -25.73 34.96 68.00
C ASP E 33 -25.30 33.51 68.22
N HIS E 34 -25.88 32.59 67.47
CA HIS E 34 -25.49 31.18 67.51
C HIS E 34 -23.99 31.02 67.28
N LEU E 35 -23.48 31.67 66.24
CA LEU E 35 -22.07 31.56 65.92
C LEU E 35 -21.18 32.17 66.99
N ILE E 36 -21.49 33.40 67.38
CA ILE E 36 -20.66 34.12 68.33
C ILE E 36 -20.69 33.42 69.69
N ASN E 37 -21.88 33.01 70.13
CA ASN E 37 -21.98 32.29 71.40
C ASN E 37 -21.40 30.88 71.33
N GLY E 38 -21.20 30.37 70.12
CA GLY E 38 -20.53 29.10 69.92
C GLY E 38 -19.02 29.22 69.98
N GLY E 39 -18.51 30.44 70.06
CA GLY E 39 -17.09 30.64 70.29
C GLY E 39 -16.23 31.00 69.09
N VAL E 40 -16.85 31.34 67.96
CA VAL E 40 -16.07 31.70 66.78
C VAL E 40 -15.26 32.99 67.01
N ASP E 41 -14.23 33.21 66.19
CA ASP E 41 -13.32 34.33 66.37
C ASP E 41 -13.58 35.48 65.39
N GLY E 42 -14.47 35.25 64.44
CA GLY E 42 -14.77 36.24 63.42
C GLY E 42 -15.90 35.71 62.56
N LEU E 43 -16.43 36.57 61.71
CA LEU E 43 -17.50 36.19 60.79
C LEU E 43 -17.14 36.62 59.38
N PHE E 44 -17.38 35.74 58.41
CA PHE E 44 -17.18 36.03 57.00
C PHE E 44 -18.56 36.17 56.39
N ALA E 45 -18.95 37.41 56.11
CA ALA E 45 -20.24 37.68 55.52
C ALA E 45 -20.14 37.67 54.00
N LEU E 46 -21.18 37.18 53.34
CA LEU E 46 -21.28 37.20 51.86
C LEU E 46 -20.21 36.32 51.19
N GLY E 47 -19.98 35.15 51.77
CA GLY E 47 -19.15 34.15 51.12
C GLY E 47 -20.02 33.20 50.31
N SER E 48 -19.40 32.16 49.78
CA SER E 48 -20.12 31.19 48.95
C SER E 48 -21.25 30.56 49.75
N SER E 49 -20.97 30.16 50.98
CA SER E 49 -21.98 29.52 51.83
C SER E 49 -23.09 30.50 52.28
N GLY E 50 -22.83 31.79 52.14
CA GLY E 50 -23.85 32.78 52.41
C GLY E 50 -24.77 33.00 51.21
N GLU E 51 -24.64 32.14 50.19
CA GLU E 51 -25.39 32.26 48.94
C GLU E 51 -25.16 33.62 48.29
N ALA E 52 -23.96 34.17 48.44
CA ALA E 52 -23.66 35.45 47.83
C ALA E 52 -23.93 35.44 46.31
N ALA E 53 -23.66 34.31 45.66
CA ALA E 53 -23.88 34.21 44.22
C ALA E 53 -25.36 34.26 43.86
N PHE E 54 -26.22 34.09 44.86
CA PHE E 54 -27.67 34.03 44.66
C PHE E 54 -28.41 35.30 45.06
N LEU E 55 -27.75 36.12 45.89
CA LEU E 55 -28.35 37.34 46.41
C LEU E 55 -28.09 38.51 45.49
N THR E 56 -29.07 39.39 45.33
CA THR E 56 -28.84 40.60 44.57
C THR E 56 -27.93 41.52 45.36
N ARG E 57 -27.42 42.54 44.71
CA ARG E 57 -26.56 43.51 45.38
C ARG E 57 -27.29 44.11 46.59
N ALA E 58 -28.57 44.41 46.42
CA ALA E 58 -29.33 45.01 47.50
C ALA E 58 -29.49 44.04 48.67
N GLN E 59 -29.69 42.77 48.35
CA GLN E 59 -29.86 41.76 49.39
C GLN E 59 -28.56 41.53 50.13
N ARG E 60 -27.46 41.56 49.39
CA ARG E 60 -26.14 41.43 50.01
C ARG E 60 -25.89 42.55 51.02
N LYS E 61 -26.27 43.77 50.65
CA LYS E 61 -26.08 44.92 51.53
C LYS E 61 -26.89 44.74 52.81
N LEU E 62 -28.14 44.31 52.66
CA LEU E 62 -28.99 44.07 53.82
C LEU E 62 -28.43 42.99 54.74
N ALA E 63 -27.98 41.88 54.17
CA ALA E 63 -27.40 40.79 54.95
C ALA E 63 -26.15 41.26 55.70
N LEU E 64 -25.27 41.97 54.97
CA LEU E 64 -24.02 42.45 55.56
C LEU E 64 -24.28 43.43 56.70
N THR E 65 -25.17 44.38 56.47
CA THR E 65 -25.50 45.39 57.47
C THR E 65 -26.16 44.73 58.68
N THR E 66 -27.05 43.77 58.43
CA THR E 66 -27.65 43.01 59.52
C THR E 66 -26.61 42.32 60.38
N ILE E 67 -25.66 41.66 59.74
CA ILE E 67 -24.63 40.93 60.45
C ILE E 67 -23.75 41.87 61.27
N ILE E 68 -23.29 42.94 60.65
CA ILE E 68 -22.38 43.88 61.32
C ILE E 68 -23.08 44.56 62.50
N GLU E 69 -24.30 45.01 62.29
CA GLU E 69 -25.00 45.72 63.37
C GLU E 69 -25.33 44.77 64.52
N HIS E 70 -25.74 43.55 64.23
CA HIS E 70 -26.09 42.63 65.31
C HIS E 70 -24.85 42.12 66.03
N THR E 71 -23.77 41.95 65.29
CA THR E 71 -22.50 41.55 65.91
C THR E 71 -22.06 42.57 66.95
N ALA E 72 -22.31 43.84 66.65
CA ALA E 72 -22.07 44.94 67.61
C ALA E 72 -20.66 44.88 68.19
N GLY E 73 -19.69 44.59 67.33
CA GLY E 73 -18.29 44.63 67.72
C GLY E 73 -17.77 43.46 68.54
N ARG E 74 -18.59 42.43 68.75
CA ARG E 74 -18.15 41.29 69.55
C ARG E 74 -17.01 40.52 68.90
N VAL E 75 -17.04 40.38 67.57
CA VAL E 75 -15.97 39.75 66.81
C VAL E 75 -15.87 40.51 65.49
N PRO E 76 -14.71 40.46 64.82
CA PRO E 76 -14.60 41.20 63.56
C PRO E 76 -15.37 40.54 62.41
N VAL E 77 -15.87 41.35 61.49
CA VAL E 77 -16.62 40.87 60.33
C VAL E 77 -15.89 41.26 59.04
N THR E 78 -15.61 40.26 58.21
CA THR E 78 -15.03 40.54 56.90
C THR E 78 -16.12 40.31 55.84
N ALA E 79 -16.05 41.08 54.76
CA ALA E 79 -17.11 41.08 53.75
C ALA E 79 -16.62 40.52 52.43
N GLY E 80 -17.34 39.53 51.92
CA GLY E 80 -17.09 39.07 50.56
C GLY E 80 -17.45 40.17 49.56
N VAL E 81 -16.61 40.31 48.53
CA VAL E 81 -16.92 41.20 47.42
C VAL E 81 -16.80 40.40 46.12
N ILE E 82 -17.56 39.32 46.04
CA ILE E 82 -17.45 38.38 44.94
C ILE E 82 -18.24 38.86 43.72
N GLU E 83 -17.51 39.13 42.64
CA GLU E 83 -18.11 39.54 41.36
C GLU E 83 -17.14 39.17 40.25
N THR E 84 -17.59 39.23 39.00
CA THR E 84 -16.80 38.70 37.90
C THR E 84 -15.49 39.41 37.67
N THR E 85 -15.49 40.74 37.72
CA THR E 85 -14.30 41.51 37.36
C THR E 85 -14.15 42.74 38.26
N THR E 86 -13.07 43.48 38.02
CA THR E 86 -12.60 44.46 38.99
C THR E 86 -13.56 45.62 39.31
N ALA E 87 -14.08 46.30 38.29
CA ALA E 87 -14.97 47.43 38.58
C ALA E 87 -16.22 46.99 39.34
N ARG E 88 -16.70 45.80 39.02
CA ARG E 88 -17.89 45.29 39.69
C ARG E 88 -17.54 44.93 41.13
N VAL E 89 -16.34 44.43 41.35
CA VAL E 89 -15.90 44.13 42.71
C VAL E 89 -15.77 45.42 43.51
N ILE E 90 -15.22 46.45 42.89
CA ILE E 90 -14.99 47.71 43.60
C ILE E 90 -16.31 48.37 44.02
N GLU E 91 -17.39 48.20 43.24
CA GLU E 91 -18.69 48.67 43.70
C GLU E 91 -19.07 48.04 45.03
N LEU E 92 -18.76 46.75 45.17
CA LEU E 92 -19.09 46.00 46.37
C LEU E 92 -18.18 46.40 47.53
N VAL E 93 -16.94 46.75 47.19
CA VAL E 93 -16.02 47.28 48.18
C VAL E 93 -16.58 48.57 48.76
N GLU E 94 -17.12 49.42 47.90
CA GLU E 94 -17.74 50.66 48.38
C GLU E 94 -18.94 50.38 49.29
N ASP E 95 -19.74 49.37 48.96
CA ASP E 95 -20.83 48.95 49.81
C ASP E 95 -20.33 48.50 51.18
N ALA E 96 -19.24 47.73 51.16
CA ALA E 96 -18.69 47.13 52.37
C ALA E 96 -18.17 48.21 53.32
N LEU E 97 -17.51 49.21 52.74
CA LEU E 97 -17.00 50.33 53.54
C LEU E 97 -18.16 51.10 54.17
N GLU E 98 -19.22 51.32 53.41
CA GLU E 98 -20.40 52.00 53.91
C GLU E 98 -21.06 51.25 55.06
N ALA E 99 -20.98 49.92 55.01
CA ALA E 99 -21.58 49.09 56.05
C ALA E 99 -20.68 48.96 57.28
N GLY E 100 -19.44 49.39 57.13
CA GLY E 100 -18.48 49.28 58.22
C GLY E 100 -17.79 47.94 58.34
N ALA E 101 -17.55 47.29 57.21
CA ALA E 101 -16.84 46.04 57.18
C ALA E 101 -15.41 46.25 57.65
N GLU E 102 -14.84 45.22 58.27
CA GLU E 102 -13.51 45.30 58.82
C GLU E 102 -12.48 44.51 58.03
N GLY E 103 -12.94 43.88 56.94
CA GLY E 103 -12.05 43.19 56.04
C GLY E 103 -12.77 42.93 54.73
N LEU E 104 -12.02 42.51 53.72
CA LEU E 104 -12.57 42.20 52.39
C LEU E 104 -12.09 40.83 51.95
N VAL E 105 -12.94 40.11 51.22
CA VAL E 105 -12.56 38.82 50.67
C VAL E 105 -12.92 38.82 49.18
N ALA E 106 -11.92 38.60 48.34
CA ALA E 106 -12.14 38.66 46.90
C ALA E 106 -11.53 37.44 46.21
N THR E 107 -12.17 37.01 45.12
CA THR E 107 -11.63 35.95 44.27
C THR E 107 -10.91 36.55 43.05
N ALA E 108 -10.29 35.66 42.26
CA ALA E 108 -9.81 36.02 40.93
C ALA E 108 -11.01 36.41 40.06
N PRO E 109 -10.75 37.10 38.93
CA PRO E 109 -11.86 37.30 37.99
C PRO E 109 -12.44 35.96 37.55
N PHE E 110 -13.72 35.96 37.21
CA PHE E 110 -14.31 34.77 36.64
C PHE E 110 -15.31 35.16 35.55
N TYR E 111 -15.90 34.15 34.93
CA TYR E 111 -16.62 34.23 33.64
C TYR E 111 -15.64 34.55 32.51
N THR E 112 -15.06 35.75 32.53
CA THR E 112 -13.99 36.09 31.58
C THR E 112 -12.80 35.15 31.70
N ARG E 113 -12.17 34.88 30.57
CA ARG E 113 -10.85 34.26 30.56
C ARG E 113 -9.91 35.18 31.33
N THR E 114 -8.92 34.61 32.01
CA THR E 114 -8.00 35.48 32.74
C THR E 114 -6.56 34.96 32.64
N HIS E 115 -5.68 35.49 33.48
CA HIS E 115 -4.26 35.23 33.39
C HIS E 115 -3.65 35.70 34.70
N ASP E 116 -2.59 35.04 35.17
CA ASP E 116 -1.95 35.46 36.42
C ASP E 116 -1.62 36.95 36.46
N VAL E 117 -1.21 37.52 35.34
CA VAL E 117 -0.90 38.94 35.27
C VAL E 117 -2.16 39.76 35.56
N GLU E 118 -3.29 39.33 35.00
CA GLU E 118 -4.54 40.04 35.19
C GLU E 118 -5.11 39.83 36.59
N ILE E 119 -4.95 38.62 37.12
CA ILE E 119 -5.35 38.31 38.50
C ILE E 119 -4.58 39.21 39.48
N GLU E 120 -3.29 39.38 39.25
CA GLU E 120 -2.49 40.23 40.12
C GLU E 120 -2.95 41.69 40.05
N GLU E 121 -3.19 42.21 38.84
CA GLU E 121 -3.66 43.57 38.69
C GLU E 121 -5.00 43.77 39.40
N HIS E 122 -5.90 42.82 39.20
CA HIS E 122 -7.19 42.74 39.90
C HIS E 122 -7.07 42.98 41.40
N PHE E 123 -6.24 42.18 42.07
CA PHE E 123 -6.12 42.31 43.52
C PHE E 123 -5.49 43.65 43.90
N ARG E 124 -4.50 44.12 43.13
CA ARG E 124 -3.89 45.42 43.43
C ARG E 124 -4.92 46.55 43.33
N LYS E 125 -5.78 46.50 42.32
CA LYS E 125 -6.78 47.54 42.14
C LYS E 125 -7.88 47.49 43.21
N ILE E 126 -8.24 46.29 43.65
CA ILE E 126 -9.19 46.13 44.75
C ILE E 126 -8.63 46.74 46.04
N HIS E 127 -7.39 46.37 46.36
CA HIS E 127 -6.70 46.92 47.53
C HIS E 127 -6.68 48.45 47.52
N ALA E 128 -6.42 49.02 46.34
CA ALA E 128 -6.32 50.48 46.19
C ALA E 128 -7.64 51.19 46.48
N ALA E 129 -8.76 50.47 46.36
CA ALA E 129 -10.07 51.02 46.64
C ALA E 129 -10.36 51.07 48.15
N ALA E 130 -9.62 50.28 48.92
CA ALA E 130 -9.80 50.27 50.38
C ALA E 130 -8.51 49.84 51.08
N PRO E 131 -7.48 50.70 51.01
CA PRO E 131 -6.13 50.33 51.44
C PRO E 131 -6.02 50.06 52.93
N GLU E 132 -6.99 50.51 53.72
CA GLU E 132 -6.92 50.31 55.17
C GLU E 132 -7.56 49.00 55.64
N LEU E 133 -8.30 48.32 54.78
CA LEU E 133 -8.91 47.06 55.14
C LEU E 133 -8.03 45.88 54.75
N PRO E 134 -7.94 44.87 55.63
CA PRO E 134 -7.23 43.65 55.24
C PRO E 134 -7.98 42.96 54.11
N LEU E 135 -7.27 42.67 53.02
CA LEU E 135 -7.84 42.00 51.87
C LEU E 135 -7.34 40.56 51.81
N PHE E 136 -8.27 39.61 51.83
CA PHE E 136 -7.93 38.20 51.71
C PHE E 136 -8.28 37.71 50.32
N ALA E 137 -7.37 36.95 49.72
CA ALA E 137 -7.61 36.29 48.44
C ALA E 137 -8.28 34.95 48.68
N TYR E 138 -9.42 34.74 48.02
CA TYR E 138 -10.26 33.57 48.20
C TYR E 138 -9.98 32.60 47.07
N ASN E 139 -9.25 31.53 47.35
CA ASN E 139 -8.93 30.52 46.34
C ASN E 139 -10.02 29.45 46.33
N ILE E 140 -10.85 29.48 45.28
CA ILE E 140 -11.97 28.55 45.18
C ILE E 140 -12.17 28.13 43.72
N PRO E 141 -11.27 27.26 43.24
CA PRO E 141 -11.25 26.83 41.83
C PRO E 141 -12.55 26.22 41.34
N VAL E 142 -13.29 25.54 42.22
CA VAL E 142 -14.54 24.91 41.80
C VAL E 142 -15.55 25.94 41.33
N SER E 143 -15.41 27.18 41.79
CA SER E 143 -16.34 28.23 41.40
C SER E 143 -15.75 29.23 40.40
N VAL E 144 -14.45 29.49 40.47
CA VAL E 144 -13.90 30.52 39.58
C VAL E 144 -13.04 29.96 38.46
N HIS E 145 -12.61 28.70 38.60
CA HIS E 145 -11.89 27.99 37.55
C HIS E 145 -10.56 28.65 37.18
N SER E 146 -9.96 29.25 38.20
CA SER E 146 -8.55 29.63 38.22
C SER E 146 -8.01 29.14 39.54
N ASN E 147 -6.71 28.84 39.58
CA ASN E 147 -6.02 28.53 40.83
C ASN E 147 -5.09 29.66 41.17
N LEU E 148 -5.19 30.20 42.38
CA LEU E 148 -4.36 31.34 42.75
C LEU E 148 -2.90 30.92 42.89
N ASN E 149 -2.04 31.56 42.09
CA ASN E 149 -0.61 31.27 42.07
C ASN E 149 0.02 31.66 43.40
N PRO E 150 0.63 30.69 44.09
CA PRO E 150 1.18 30.95 45.42
C PRO E 150 2.32 31.96 45.41
N VAL E 151 3.14 31.95 44.36
CA VAL E 151 4.21 32.94 44.25
C VAL E 151 3.60 34.33 44.12
N MET E 152 2.55 34.44 43.31
CA MET E 152 1.85 35.70 43.17
C MET E 152 1.29 36.19 44.51
N LEU E 153 0.70 35.27 45.28
CA LEU E 153 0.11 35.62 46.57
C LEU E 153 1.18 36.18 47.52
N LEU E 154 2.33 35.53 47.57
CA LEU E 154 3.38 36.02 48.48
C LEU E 154 4.00 37.33 48.00
N THR E 155 4.04 37.54 46.68
CA THR E 155 4.47 38.83 46.14
C THR E 155 3.54 39.93 46.66
N LEU E 156 2.23 39.69 46.54
CA LEU E 156 1.24 40.64 47.00
C LEU E 156 1.27 40.82 48.53
N ALA E 157 1.57 39.76 49.25
CA ALA E 157 1.70 39.87 50.70
C ALA E 157 2.88 40.76 51.05
N LYS E 158 4.02 40.55 50.39
CA LYS E 158 5.19 41.36 50.64
C LYS E 158 4.91 42.84 50.34
N ASP E 159 4.14 43.11 49.28
CA ASP E 159 3.79 44.48 48.91
C ASP E 159 2.71 45.08 49.79
N GLY E 160 2.16 44.29 50.72
CA GLY E 160 1.11 44.78 51.59
C GLY E 160 -0.26 44.86 50.93
N VAL E 161 -0.39 44.25 49.76
CA VAL E 161 -1.68 44.26 49.05
C VAL E 161 -2.66 43.24 49.64
N LEU E 162 -2.17 42.04 49.94
CA LEU E 162 -2.96 40.98 50.58
C LEU E 162 -2.58 40.78 52.04
N ALA E 163 -3.59 40.69 52.89
CA ALA E 163 -3.40 40.39 54.30
C ALA E 163 -3.48 38.89 54.56
N GLY E 164 -3.98 38.13 53.60
CA GLY E 164 -4.06 36.70 53.78
C GLY E 164 -4.77 35.98 52.67
N THR E 165 -5.02 34.69 52.86
CA THR E 165 -5.79 33.91 51.91
C THR E 165 -6.74 32.96 52.62
N LYS E 166 -7.92 32.80 52.02
CA LYS E 166 -8.82 31.74 52.40
CA LYS E 166 -8.82 31.73 52.41
C LYS E 166 -8.78 30.68 51.32
N ASP E 167 -8.26 29.50 51.64
CA ASP E 167 -8.08 28.48 50.61
C ASP E 167 -9.06 27.32 50.69
N SER E 168 -9.96 27.28 49.71
CA SER E 168 -10.97 26.22 49.61
C SER E 168 -10.70 25.32 48.40
N SER E 169 -9.44 25.15 48.03
CA SER E 169 -9.08 24.27 46.92
C SER E 169 -9.23 22.80 47.28
N GLY E 170 -9.20 22.48 48.57
CA GLY E 170 -9.32 21.10 49.02
C GLY E 170 -8.02 20.34 48.89
N ASN E 171 -6.96 21.06 48.54
CA ASN E 171 -5.64 20.49 48.32
C ASN E 171 -4.73 20.81 49.50
N ASP E 172 -4.66 19.93 50.48
CA ASP E 172 -3.93 20.22 51.71
C ASP E 172 -2.41 20.21 51.50
N GLY E 173 -1.94 19.41 50.56
CA GLY E 173 -0.55 19.45 50.14
C GLY E 173 -0.16 20.83 49.65
N ALA E 174 -1.03 21.43 48.84
CA ALA E 174 -0.74 22.74 48.29
C ALA E 174 -0.81 23.82 49.36
N ILE E 175 -1.80 23.74 50.25
CA ILE E 175 -1.89 24.67 51.36
C ILE E 175 -0.66 24.59 52.25
N ARG E 176 -0.21 23.38 52.53
CA ARG E 176 0.98 23.18 53.33
C ARG E 176 2.21 23.81 52.66
N SER E 177 2.36 23.58 51.36
CA SER E 177 3.47 24.17 50.62
C SER E 177 3.44 25.69 50.67
N LEU E 178 2.25 26.29 50.62
CA LEU E 178 2.13 27.74 50.69
C LEU E 178 2.55 28.28 52.06
N ILE E 179 2.14 27.58 53.12
CA ILE E 179 2.53 27.98 54.48
C ILE E 179 4.07 27.93 54.62
N GLU E 180 4.66 26.83 54.15
CA GLU E 180 6.11 26.66 54.21
C GLU E 180 6.82 27.77 53.44
N ALA E 181 6.32 28.08 52.25
CA ALA E 181 6.92 29.13 51.44
C ALA E 181 6.79 30.50 52.13
N ARG E 182 5.61 30.78 52.70
CA ARG E 182 5.40 32.02 53.44
C ARG E 182 6.39 32.17 54.59
N ASP E 183 6.53 31.10 55.36
CA ASP E 183 7.41 31.10 56.53
C ASP E 183 8.88 31.30 56.11
N ASP E 184 9.29 30.60 55.06
CA ASP E 184 10.65 30.74 54.55
C ASP E 184 10.92 32.16 54.05
N ALA E 185 9.89 32.81 53.52
CA ALA E 185 10.01 34.17 53.00
C ALA E 185 9.91 35.24 54.08
N GLY E 186 9.64 34.81 55.30
CA GLY E 186 9.54 35.71 56.44
C GLY E 186 8.25 36.52 56.44
N LEU E 187 7.19 35.92 55.91
CA LEU E 187 5.93 36.64 55.75
C LEU E 187 4.85 36.07 56.67
N THR E 188 5.28 35.34 57.70
CA THR E 188 4.39 34.66 58.63
C THR E 188 3.33 35.56 59.27
N GLU E 189 3.74 36.71 59.78
CA GLU E 189 2.81 37.62 60.45
C GLU E 189 1.97 38.43 59.47
N GLN E 190 2.56 38.72 58.30
CA GLN E 190 1.94 39.59 57.32
C GLN E 190 0.80 38.94 56.53
N PHE E 191 0.84 37.61 56.43
CA PHE E 191 -0.03 36.92 55.49
C PHE E 191 -0.72 35.72 56.15
N LYS E 192 -1.96 35.90 56.60
CA LYS E 192 -2.65 34.83 57.31
C LYS E 192 -3.16 33.78 56.34
N ILE E 193 -3.03 32.51 56.71
CA ILE E 193 -3.49 31.45 55.83
C ILE E 193 -4.61 30.65 56.52
N LEU E 194 -5.82 30.77 55.98
CA LEU E 194 -6.98 30.10 56.55
C LEU E 194 -7.44 28.99 55.61
N THR E 195 -7.73 27.81 56.13
CA THR E 195 -8.26 26.75 55.28
C THR E 195 -9.79 26.82 55.21
N GLY E 196 -10.34 26.56 54.03
CA GLY E 196 -11.78 26.44 53.89
C GLY E 196 -12.27 25.02 54.12
N SER E 197 -11.34 24.14 54.48
CA SER E 197 -11.69 22.75 54.69
C SER E 197 -12.63 22.59 55.89
N GLU E 198 -13.52 21.61 55.79
CA GLU E 198 -14.41 21.28 56.89
C GLU E 198 -13.96 19.98 57.57
N THR E 199 -13.18 19.18 56.85
CA THR E 199 -12.85 17.83 57.31
C THR E 199 -11.36 17.57 57.53
N THR E 200 -10.52 18.55 57.20
CA THR E 200 -9.07 18.42 57.42
C THR E 200 -8.49 19.66 58.08
N VAL E 201 -9.22 20.17 59.08
CA VAL E 201 -8.81 21.36 59.80
C VAL E 201 -7.61 21.07 60.72
N ASP E 202 -7.62 19.88 61.32
CA ASP E 202 -6.51 19.49 62.18
C ASP E 202 -5.22 19.41 61.35
N PHE E 203 -5.32 18.90 60.13
CA PHE E 203 -4.17 18.89 59.21
C PHE E 203 -3.61 20.30 59.01
N ALA E 204 -4.49 21.26 58.71
CA ALA E 204 -4.04 22.61 58.43
C ALA E 204 -3.34 23.22 59.64
N TYR E 205 -3.91 23.03 60.82
CA TYR E 205 -3.32 23.57 62.03
C TYR E 205 -1.95 22.94 62.33
N LEU E 206 -1.84 21.64 62.06
CA LEU E 206 -0.58 20.92 62.25
C LEU E 206 0.52 21.52 61.38
N ALA E 207 0.14 21.94 60.17
CA ALA E 207 1.08 22.57 59.24
C ALA E 207 1.29 24.05 59.54
N GLY E 208 0.55 24.56 60.52
CA GLY E 208 0.77 25.93 60.96
C GLY E 208 -0.16 26.98 60.36
N ALA E 209 -1.30 26.54 59.84
CA ALA E 209 -2.30 27.49 59.35
C ALA E 209 -2.82 28.38 60.49
N ASP E 210 -3.40 29.51 60.14
CA ASP E 210 -3.82 30.50 61.14
C ASP E 210 -5.28 30.39 61.52
N GLY E 211 -6.01 29.54 60.81
CA GLY E 211 -7.44 29.46 61.05
C GLY E 211 -8.21 28.70 60.01
N VAL E 212 -9.54 28.79 60.12
CA VAL E 212 -10.43 27.96 59.31
C VAL E 212 -11.73 28.70 59.03
N VAL E 213 -12.25 28.52 57.82
CA VAL E 213 -13.50 29.12 57.38
C VAL E 213 -14.40 27.98 56.89
N PRO E 214 -15.06 27.29 57.83
CA PRO E 214 -15.80 26.05 57.53
C PRO E 214 -17.30 26.25 57.42
N GLY E 215 -17.87 25.88 56.28
CA GLY E 215 -19.30 25.98 56.07
C GLY E 215 -20.09 25.33 57.19
N LEU E 216 -19.68 24.12 57.56
CA LEU E 216 -20.34 23.34 58.60
C LEU E 216 -20.25 24.07 59.94
N GLY E 217 -19.33 25.03 60.05
CA GLY E 217 -19.19 25.84 61.25
C GLY E 217 -20.46 26.64 61.54
N ASN E 218 -21.33 26.81 60.54
CA ASN E 218 -22.62 27.43 60.78
C ASN E 218 -23.49 26.56 61.66
N VAL E 219 -23.39 25.25 61.47
CA VAL E 219 -24.23 24.29 62.19
C VAL E 219 -23.64 24.03 63.57
N ASP E 220 -22.35 23.74 63.60
CA ASP E 220 -21.69 23.35 64.85
C ASP E 220 -20.46 24.22 65.12
N PRO E 221 -20.68 25.50 65.45
CA PRO E 221 -19.55 26.39 65.71
C PRO E 221 -18.76 25.93 66.94
N ALA E 222 -19.46 25.38 67.94
CA ALA E 222 -18.78 24.96 69.16
C ALA E 222 -17.76 23.86 68.87
N ALA E 223 -18.09 22.98 67.94
CA ALA E 223 -17.18 21.89 67.57
C ALA E 223 -15.89 22.44 66.96
N TYR E 224 -16.00 23.41 66.05
CA TYR E 224 -14.81 23.94 65.42
C TYR E 224 -14.00 24.80 66.39
N ALA E 225 -14.68 25.54 67.27
CA ALA E 225 -13.97 26.28 68.31
C ALA E 225 -13.16 25.34 69.20
N ALA E 226 -13.79 24.23 69.59
CA ALA E 226 -13.13 23.23 70.43
C ALA E 226 -11.94 22.60 69.71
N LEU E 227 -12.14 22.30 68.43
CA LEU E 227 -11.07 21.72 67.61
C LEU E 227 -9.86 22.64 67.53
N ALA E 228 -10.11 23.92 67.25
CA ALA E 228 -9.03 24.90 67.17
C ALA E 228 -8.27 24.97 68.50
N LYS E 229 -9.01 24.93 69.61
CA LYS E 229 -8.40 25.00 70.93
C LYS E 229 -7.45 23.83 71.16
N LEU E 230 -7.90 22.64 70.80
CA LEU E 230 -7.07 21.44 70.91
C LEU E 230 -5.78 21.56 70.11
N CYS E 231 -5.91 21.99 68.86
CA CYS E 231 -4.74 22.14 67.99
C CYS E 231 -3.73 23.13 68.55
N LEU E 232 -4.21 24.30 68.99
CA LEU E 232 -3.33 25.33 69.53
C LEU E 232 -2.70 24.87 70.84
N ASP E 233 -3.38 23.97 71.54
CA ASP E 233 -2.86 23.38 72.76
C ASP E 233 -1.98 22.18 72.46
N GLY E 234 -1.80 21.88 71.18
CA GLY E 234 -0.92 20.82 70.76
C GLY E 234 -1.41 19.43 71.09
N LYS E 235 -2.72 19.30 71.34
CA LYS E 235 -3.32 18.01 71.63
C LYS E 235 -3.82 17.34 70.36
N TRP E 236 -2.89 16.93 69.52
CA TRP E 236 -3.19 16.48 68.17
C TRP E 236 -4.01 15.21 68.11
N ALA E 237 -3.73 14.26 68.99
CA ALA E 237 -4.52 13.02 69.01
C ALA E 237 -6.00 13.29 69.33
N GLU E 238 -6.24 14.15 70.31
CA GLU E 238 -7.60 14.49 70.69
C GLU E 238 -8.28 15.30 69.58
N ALA E 239 -7.48 16.14 68.92
CA ALA E 239 -7.95 16.94 67.78
C ALA E 239 -8.46 16.04 66.66
N ALA E 240 -7.67 15.03 66.31
CA ALA E 240 -8.04 14.09 65.27
C ALA E 240 -9.30 13.31 65.60
N ALA E 241 -9.50 13.00 66.89
CA ALA E 241 -10.70 12.30 67.32
C ALA E 241 -11.94 13.17 67.14
N LEU E 242 -11.81 14.44 67.50
CA LEU E 242 -12.90 15.41 67.35
C LEU E 242 -13.19 15.66 65.87
N GLN E 243 -12.13 15.83 65.08
CA GLN E 243 -12.28 16.04 63.64
C GLN E 243 -13.07 14.89 63.01
N LYS E 244 -12.78 13.66 63.42
CA LYS E 244 -13.50 12.51 62.89
C LYS E 244 -15.01 12.57 63.19
N ARG E 245 -15.37 13.05 64.38
CA ARG E 245 -16.78 13.18 64.74
C ARG E 245 -17.45 14.26 63.90
N ILE E 246 -16.79 15.40 63.79
CA ILE E 246 -17.21 16.49 62.90
C ILE E 246 -17.43 15.95 61.49
N ASN E 247 -16.50 15.12 61.02
CA ASN E 247 -16.62 14.55 59.68
C ASN E 247 -17.83 13.64 59.53
N HIS E 248 -18.35 13.13 60.64
CA HIS E 248 -19.56 12.32 60.54
C HIS E 248 -20.80 13.21 60.56
N LEU E 249 -20.72 14.33 61.25
CA LEU E 249 -21.77 15.35 61.17
C LEU E 249 -21.83 15.89 59.74
N PHE E 250 -20.67 15.96 59.11
CA PHE E 250 -20.58 16.47 57.74
C PHE E 250 -21.40 15.65 56.75
N HIS E 251 -21.75 14.42 57.11
CA HIS E 251 -22.55 13.57 56.24
C HIS E 251 -23.90 14.16 55.86
N ILE E 252 -24.34 15.21 56.56
CA ILE E 252 -25.60 15.86 56.21
C ILE E 252 -25.57 16.45 54.79
N VAL E 253 -24.38 16.78 54.28
CA VAL E 253 -24.30 17.37 52.93
C VAL E 253 -24.46 16.31 51.84
N PHE E 254 -24.36 15.04 52.22
CA PHE E 254 -24.43 13.97 51.23
C PHE E 254 -25.80 13.31 51.20
N VAL E 255 -26.73 13.83 51.99
CA VAL E 255 -28.05 13.23 52.05
C VAL E 255 -28.89 13.52 50.80
N GLY E 256 -28.91 14.78 50.35
CA GLY E 256 -29.69 15.15 49.21
C GLY E 256 -29.29 14.40 47.94
N ASP E 257 -30.28 13.96 47.18
CA ASP E 257 -30.03 13.14 46.00
C ASP E 257 -29.52 14.00 44.85
N THR E 258 -28.23 13.89 44.57
CA THR E 258 -27.62 14.74 43.56
C THR E 258 -27.90 14.26 42.13
N SER E 259 -28.76 13.25 41.99
CA SER E 259 -29.24 12.87 40.68
C SER E 259 -30.27 13.88 40.18
N HIS E 260 -30.80 14.71 41.08
CA HIS E 260 -31.72 15.76 40.65
C HIS E 260 -31.56 17.10 41.39
N MET E 261 -30.40 17.32 42.03
CA MET E 261 -29.94 18.64 42.48
C MET E 261 -28.42 18.74 42.42
N SER E 262 -28.06 20.08 42.57
CA SER E 262 -26.65 20.41 42.63
C SER E 262 -26.08 20.12 44.02
N GLY E 263 -24.76 20.14 44.09
CA GLY E 263 -24.07 20.02 45.36
C GLY E 263 -24.39 21.18 46.29
N SER E 264 -24.70 22.36 45.74
CA SER E 264 -25.07 23.51 46.55
C SER E 264 -26.42 23.25 47.20
N SER E 265 -27.36 22.69 46.43
CA SER E 265 -28.67 22.34 46.97
C SER E 265 -28.53 21.32 48.10
N ALA E 266 -27.77 20.26 47.86
CA ALA E 266 -27.62 19.21 48.86
C ALA E 266 -26.85 19.71 50.09
N GLY E 267 -25.78 20.48 49.85
CA GLY E 267 -24.88 20.88 50.91
C GLY E 267 -25.40 22.03 51.76
N LEU E 268 -25.69 23.17 51.12
CA LEU E 268 -26.21 24.31 51.85
C LEU E 268 -27.60 24.01 52.35
N GLY E 269 -28.37 23.25 51.58
CA GLY E 269 -29.67 22.78 52.01
C GLY E 269 -29.55 21.91 53.26
N GLY E 270 -28.53 21.05 53.29
CA GLY E 270 -28.29 20.22 54.46
C GLY E 270 -28.01 21.09 55.67
N PHE E 271 -27.19 22.11 55.48
CA PHE E 271 -26.82 23.01 56.58
C PHE E 271 -28.06 23.74 57.12
N LYS E 272 -28.87 24.28 56.22
CA LYS E 272 -30.03 25.05 56.64
C LYS E 272 -31.06 24.15 57.29
N THR E 273 -31.18 22.94 56.79
CA THR E 273 -32.07 21.94 57.40
C THR E 273 -31.64 21.67 58.84
N ALA E 274 -30.34 21.51 59.05
CA ALA E 274 -29.80 21.35 60.40
C ALA E 274 -30.12 22.57 61.28
N LEU E 275 -29.93 23.77 60.75
CA LEU E 275 -30.15 24.98 61.54
C LEU E 275 -31.61 25.14 61.91
N ALA E 276 -32.51 24.77 61.00
CA ALA E 276 -33.93 24.83 61.30
C ALA E 276 -34.27 23.83 62.40
N HIS E 277 -33.69 22.64 62.29
CA HIS E 277 -33.92 21.57 63.27
C HIS E 277 -33.42 21.99 64.65
N LEU E 278 -32.35 22.76 64.69
CA LEU E 278 -31.80 23.24 65.96
C LEU E 278 -32.54 24.49 66.45
N GLY E 279 -33.50 24.97 65.67
CA GLY E 279 -34.29 26.13 66.05
C GLY E 279 -33.57 27.46 65.89
N ILE E 280 -32.48 27.47 65.12
CA ILE E 280 -31.70 28.69 64.96
C ILE E 280 -32.28 29.60 63.90
N ILE E 281 -32.80 29.02 62.82
CA ILE E 281 -33.44 29.79 61.76
C ILE E 281 -34.84 29.24 61.51
N GLU E 282 -35.70 30.05 60.91
CA GLU E 282 -37.11 29.72 60.76
C GLU E 282 -37.34 28.55 59.81
N SER E 283 -36.65 28.53 58.66
CA SER E 283 -36.80 27.40 57.75
C SER E 283 -35.55 27.20 56.92
N ASN E 284 -35.55 26.12 56.15
CA ASN E 284 -34.43 25.78 55.29
C ASN E 284 -34.63 26.33 53.86
N ALA E 285 -35.44 27.38 53.73
CA ALA E 285 -35.64 28.05 52.43
C ALA E 285 -34.33 28.44 51.76
N MET E 286 -34.24 28.13 50.48
CA MET E 286 -33.04 28.38 49.68
C MET E 286 -33.36 29.37 48.56
N ALA E 287 -32.33 30.01 48.00
CA ALA E 287 -32.56 30.87 46.85
C ALA E 287 -32.75 30.06 45.56
N VAL E 288 -33.59 30.56 44.66
CA VAL E 288 -33.73 30.01 43.31
C VAL E 288 -32.38 30.05 42.57
N PRO E 289 -32.02 28.98 41.84
CA PRO E 289 -32.80 27.78 41.51
C PRO E 289 -32.49 26.52 42.34
N HIS E 290 -32.10 26.68 43.60
CA HIS E 290 -31.88 25.52 44.45
C HIS E 290 -33.10 24.61 44.52
N GLN E 291 -32.85 23.31 44.62
CA GLN E 291 -33.92 22.32 44.76
C GLN E 291 -34.18 22.04 46.23
N SER E 292 -35.44 21.81 46.56
CA SER E 292 -35.81 21.50 47.92
C SER E 292 -35.45 20.06 48.30
N LEU E 293 -35.09 19.88 49.57
CA LEU E 293 -34.88 18.55 50.12
C LEU E 293 -36.23 17.93 50.47
N SER E 294 -36.32 16.61 50.32
CA SER E 294 -37.55 15.91 50.64
C SER E 294 -37.70 15.67 52.14
N ASP E 295 -38.89 15.25 52.54
CA ASP E 295 -39.15 14.93 53.94
C ASP E 295 -38.27 13.79 54.43
N GLU E 296 -38.09 12.78 53.58
CA GLU E 296 -37.20 11.67 53.90
C GLU E 296 -35.75 12.16 54.04
N GLU E 297 -35.35 13.06 53.16
CA GLU E 297 -34.01 13.62 53.25
C GLU E 297 -33.84 14.44 54.52
N THR E 298 -34.82 15.25 54.87
CA THR E 298 -34.67 16.09 56.05
C THR E 298 -34.68 15.22 57.31
N ALA E 299 -35.48 14.15 57.31
CA ALA E 299 -35.48 13.22 58.43
C ALA E 299 -34.10 12.60 58.66
N ARG E 300 -33.43 12.20 57.58
CA ARG E 300 -32.08 11.64 57.68
C ARG E 300 -31.09 12.65 58.22
N ILE E 301 -31.22 13.91 57.77
CA ILE E 301 -30.36 14.98 58.24
C ILE E 301 -30.55 15.20 59.74
N HIS E 302 -31.81 15.21 60.19
CA HIS E 302 -32.09 15.38 61.61
C HIS E 302 -31.41 14.30 62.44
N ALA E 303 -31.45 13.05 61.96
CA ALA E 303 -30.86 11.93 62.70
C ALA E 303 -29.34 12.06 62.79
N ILE E 304 -28.72 12.55 61.73
CA ILE E 304 -27.28 12.74 61.74
C ILE E 304 -26.91 13.84 62.72
N VAL E 305 -27.66 14.93 62.70
CA VAL E 305 -27.45 16.03 63.63
C VAL E 305 -27.60 15.58 65.08
N ASP E 306 -28.67 14.85 65.35
CA ASP E 306 -28.93 14.37 66.72
C ASP E 306 -27.77 13.50 67.23
N GLU E 307 -27.20 12.68 66.36
CA GLU E 307 -26.13 11.78 66.80
C GLU E 307 -24.77 12.46 66.92
N PHE E 308 -24.42 13.32 65.97
CA PHE E 308 -23.03 13.78 65.92
C PHE E 308 -22.78 15.25 66.25
N LEU E 309 -23.83 16.01 66.53
CA LEU E 309 -23.61 17.39 66.98
C LEU E 309 -22.79 17.37 68.26
N TYR E 310 -21.84 18.30 68.37
CA TYR E 310 -20.91 18.34 69.50
C TYR E 310 -21.63 18.72 70.79
N SER F 3 -41.94 39.33 19.25
CA SER F 3 -42.18 38.75 17.94
C SER F 3 -41.05 39.08 16.96
N ALA F 4 -40.00 39.74 17.45
CA ALA F 4 -38.82 39.94 16.62
C ALA F 4 -38.17 38.58 16.38
N THR F 5 -37.60 38.41 15.20
CA THR F 5 -36.98 37.16 14.82
C THR F 5 -35.47 37.34 14.77
N PHE F 6 -34.75 36.51 15.52
CA PHE F 6 -33.30 36.61 15.56
C PHE F 6 -32.64 35.49 14.77
N THR F 7 -32.47 35.75 13.47
CA THR F 7 -31.73 34.88 12.59
C THR F 7 -30.76 35.73 11.80
N GLY F 8 -29.88 35.07 11.05
CA GLY F 8 -28.91 35.80 10.25
C GLY F 8 -27.67 36.21 11.03
N VAL F 9 -27.06 37.31 10.59
CA VAL F 9 -25.78 37.77 11.14
C VAL F 9 -26.07 38.76 12.26
N ILE F 10 -25.73 38.37 13.49
CA ILE F 10 -26.07 39.14 14.68
C ILE F 10 -24.82 39.30 15.57
N PRO F 11 -24.01 40.32 15.31
CA PRO F 11 -22.78 40.42 16.09
C PRO F 11 -23.00 40.77 17.54
N PRO F 12 -22.13 40.26 18.43
CA PRO F 12 -22.11 40.68 19.83
C PRO F 12 -21.42 42.03 19.93
N VAL F 13 -22.22 43.10 19.94
CA VAL F 13 -21.68 44.46 19.87
C VAL F 13 -20.65 44.73 20.97
N MET F 14 -19.50 45.26 20.58
CA MET F 14 -18.49 45.62 21.58
C MET F 14 -18.87 46.90 22.35
N THR F 15 -18.15 47.15 23.43
CA THR F 15 -18.33 48.37 24.20
C THR F 15 -17.07 49.22 24.15
N PRO F 16 -17.08 50.26 23.29
CA PRO F 16 -15.96 51.21 23.29
C PRO F 16 -15.89 51.94 24.63
N LEU F 17 -14.67 52.24 25.08
CA LEU F 17 -14.45 52.85 26.38
C LEU F 17 -13.56 54.09 26.29
N HIS F 18 -13.73 54.99 27.26
CA HIS F 18 -12.77 56.06 27.49
C HIS F 18 -11.60 55.52 28.32
N ALA F 19 -10.55 56.31 28.47
CA ALA F 19 -9.35 55.86 29.18
C ALA F 19 -9.64 55.51 30.65
N ASP F 20 -10.66 56.14 31.24
CA ASP F 20 -10.99 55.89 32.64
C ASP F 20 -11.90 54.68 32.83
N GLY F 21 -12.18 53.97 31.74
CA GLY F 21 -13.03 52.80 31.81
C GLY F 21 -14.51 53.06 31.63
N SER F 22 -14.90 54.33 31.47
CA SER F 22 -16.31 54.65 31.28
C SER F 22 -16.74 54.36 29.84
N VAL F 23 -18.02 54.08 29.65
CA VAL F 23 -18.54 53.82 28.31
C VAL F 23 -18.37 55.06 27.42
N ASP F 24 -17.83 54.84 26.23
CA ASP F 24 -17.66 55.88 25.21
C ASP F 24 -18.87 55.82 24.29
N VAL F 25 -19.88 56.65 24.58
CA VAL F 25 -21.15 56.54 23.87
C VAL F 25 -21.06 57.02 22.42
N GLU F 26 -20.22 58.01 22.14
CA GLU F 26 -20.09 58.48 20.75
C GLU F 26 -19.53 57.37 19.89
N SER F 27 -18.48 56.71 20.39
CA SER F 27 -17.91 55.58 19.64
C SER F 27 -18.88 54.42 19.53
N LEU F 28 -19.68 54.19 20.58
CA LEU F 28 -20.65 53.10 20.53
C LEU F 28 -21.69 53.36 19.44
N ARG F 29 -22.17 54.60 19.31
CA ARG F 29 -23.10 54.92 18.23
C ARG F 29 -22.45 54.72 16.84
N LYS F 30 -21.21 55.15 16.69
CA LYS F 30 -20.50 54.90 15.42
C LYS F 30 -20.38 53.41 15.12
N LEU F 31 -20.14 52.61 16.16
CA LEU F 31 -19.99 51.17 15.97
C LEU F 31 -21.33 50.57 15.53
N VAL F 32 -22.42 51.03 16.15
CA VAL F 32 -23.76 50.59 15.76
C VAL F 32 -24.02 50.89 14.28
N ASP F 33 -23.68 52.09 13.82
CA ASP F 33 -23.89 52.40 12.40
C ASP F 33 -22.99 51.52 11.51
N HIS F 34 -21.75 51.29 11.95
CA HIS F 34 -20.81 50.43 11.21
C HIS F 34 -21.39 49.05 10.99
N LEU F 35 -22.03 48.50 12.03
CA LEU F 35 -22.59 47.16 11.91
C LEU F 35 -23.83 47.15 11.02
N ILE F 36 -24.75 48.10 11.25
CA ILE F 36 -26.00 48.14 10.51
C ILE F 36 -25.74 48.47 9.04
N ASN F 37 -24.90 49.45 8.78
CA ASN F 37 -24.57 49.76 7.39
C ASN F 37 -23.72 48.68 6.75
N GLY F 38 -23.09 47.85 7.57
CA GLY F 38 -22.34 46.72 7.07
C GLY F 38 -23.23 45.53 6.70
N GLY F 39 -24.51 45.65 6.98
CA GLY F 39 -25.47 44.66 6.52
C GLY F 39 -25.91 43.59 7.51
N VAL F 40 -25.65 43.78 8.80
CA VAL F 40 -26.07 42.76 9.76
C VAL F 40 -27.59 42.68 9.88
N ASP F 41 -28.08 41.55 10.39
CA ASP F 41 -29.51 41.31 10.50
C ASP F 41 -30.08 41.64 11.88
N GLY F 42 -29.20 41.88 12.85
CA GLY F 42 -29.62 42.16 14.21
C GLY F 42 -28.40 42.47 15.06
N LEU F 43 -28.62 42.89 16.30
CA LEU F 43 -27.50 43.18 17.20
C LEU F 43 -27.71 42.47 18.53
N PHE F 44 -26.64 41.94 19.09
CA PHE F 44 -26.65 41.32 20.40
C PHE F 44 -25.86 42.22 21.34
N ALA F 45 -26.61 42.97 22.15
CA ALA F 45 -26.03 43.87 23.13
C ALA F 45 -25.74 43.13 24.42
N LEU F 46 -24.62 43.47 25.07
CA LEU F 46 -24.26 42.94 26.40
C LEU F 46 -23.95 41.44 26.37
N GLY F 47 -23.30 41.02 25.29
CA GLY F 47 -22.72 39.70 25.24
C GLY F 47 -21.28 39.68 25.73
N SER F 48 -20.67 38.51 25.66
CA SER F 48 -19.32 38.34 26.20
C SER F 48 -18.35 39.32 25.53
N SER F 49 -18.43 39.44 24.21
CA SER F 49 -17.56 40.34 23.44
C SER F 49 -17.89 41.82 23.66
N GLY F 50 -19.04 42.09 24.25
CA GLY F 50 -19.37 43.45 24.69
C GLY F 50 -18.77 43.75 26.05
N GLU F 51 -17.91 42.86 26.55
CA GLU F 51 -17.32 43.01 27.88
C GLU F 51 -18.41 43.09 28.96
N ALA F 52 -19.51 42.38 28.76
CA ALA F 52 -20.59 42.41 29.73
C ALA F 52 -20.12 42.04 31.15
N ALA F 53 -19.18 41.09 31.23
CA ALA F 53 -18.66 40.63 32.52
C ALA F 53 -17.82 41.71 33.20
N PHE F 54 -17.49 42.75 32.45
CA PHE F 54 -16.64 43.82 32.97
C PHE F 54 -17.45 45.08 33.30
N LEU F 55 -18.58 45.26 32.64
CA LEU F 55 -19.41 46.44 32.87
C LEU F 55 -20.24 46.31 34.14
N THR F 56 -20.38 47.42 34.88
CA THR F 56 -21.32 47.44 35.98
C THR F 56 -22.74 47.41 35.46
N ARG F 57 -23.69 47.13 36.35
CA ARG F 57 -25.10 47.17 35.97
C ARG F 57 -25.49 48.53 35.38
N ALA F 58 -25.01 49.63 35.96
CA ALA F 58 -25.30 50.96 35.43
C ALA F 58 -24.69 51.16 34.03
N GLN F 59 -23.49 50.64 33.83
CA GLN F 59 -22.87 50.77 32.52
C GLN F 59 -23.57 49.92 31.48
N ARG F 60 -24.02 48.73 31.89
CA ARG F 60 -24.78 47.87 30.98
C ARG F 60 -26.05 48.58 30.53
N LYS F 61 -26.71 49.27 31.45
CA LYS F 61 -27.92 49.99 31.09
C LYS F 61 -27.62 51.10 30.09
N LEU F 62 -26.55 51.85 30.32
CA LEU F 62 -26.17 52.93 29.43
C LEU F 62 -25.84 52.39 28.03
N ALA F 63 -25.08 51.31 27.98
CA ALA F 63 -24.69 50.73 26.69
C ALA F 63 -25.92 50.21 25.95
N LEU F 64 -26.78 49.47 26.65
CA LEU F 64 -27.99 48.95 26.02
C LEU F 64 -28.90 50.07 25.48
N THR F 65 -29.14 51.08 26.30
CA THR F 65 -29.95 52.22 25.90
C THR F 65 -29.35 52.91 24.67
N THR F 66 -28.05 53.14 24.71
CA THR F 66 -27.36 53.79 23.61
C THR F 66 -27.53 52.99 22.31
N ILE F 67 -27.41 51.67 22.40
CA ILE F 67 -27.53 50.83 21.22
C ILE F 67 -28.96 50.83 20.67
N ILE F 68 -29.94 50.63 21.55
CA ILE F 68 -31.33 50.57 21.10
C ILE F 68 -31.77 51.91 20.53
N GLU F 69 -31.42 52.99 21.22
CA GLU F 69 -31.85 54.32 20.75
C GLU F 69 -31.21 54.66 19.41
N HIS F 70 -29.94 54.32 19.23
CA HIS F 70 -29.27 54.68 17.98
C HIS F 70 -29.67 53.75 16.84
N THR F 71 -29.97 52.50 17.16
CA THR F 71 -30.43 51.54 16.15
C THR F 71 -31.72 52.03 15.51
N ALA F 72 -32.60 52.61 16.32
CA ALA F 72 -33.79 53.29 15.82
C ALA F 72 -34.64 52.36 14.95
N GLY F 73 -34.76 51.11 15.37
CA GLY F 73 -35.64 50.16 14.72
C GLY F 73 -35.11 49.56 13.42
N ARG F 74 -33.88 49.88 13.04
CA ARG F 74 -33.36 49.43 11.74
C ARG F 74 -33.16 47.91 11.71
N VAL F 75 -32.69 47.35 12.82
CA VAL F 75 -32.59 45.91 13.00
C VAL F 75 -32.99 45.59 14.44
N PRO F 76 -33.41 44.34 14.74
CA PRO F 76 -33.78 44.04 16.12
C PRO F 76 -32.56 43.93 17.04
N VAL F 77 -32.77 44.25 18.30
CA VAL F 77 -31.71 44.19 19.31
C VAL F 77 -32.10 43.23 20.41
N THR F 78 -31.23 42.26 20.67
CA THR F 78 -31.41 41.36 21.80
C THR F 78 -30.39 41.69 22.89
N ALA F 79 -30.81 41.52 24.15
CA ALA F 79 -29.99 41.90 25.31
C ALA F 79 -29.50 40.72 26.11
N GLY F 80 -28.19 40.67 26.35
CA GLY F 80 -27.65 39.68 27.26
C GLY F 80 -28.10 40.02 28.67
N VAL F 81 -28.42 38.98 29.44
CA VAL F 81 -28.75 39.15 30.85
C VAL F 81 -27.87 38.20 31.67
N ILE F 82 -26.57 38.30 31.44
CA ILE F 82 -25.59 37.37 32.02
C ILE F 82 -25.28 37.74 33.47
N GLU F 83 -25.58 36.82 34.38
CA GLU F 83 -25.28 36.98 35.80
C GLU F 83 -25.28 35.59 36.44
N THR F 84 -24.78 35.50 37.65
CA THR F 84 -24.51 34.19 38.23
C THR F 84 -25.75 33.31 38.45
N THR F 85 -26.84 33.90 38.93
CA THR F 85 -28.01 33.10 39.28
C THR F 85 -29.28 33.86 38.95
N THR F 86 -30.40 33.18 39.17
CA THR F 86 -31.70 33.61 38.65
C THR F 86 -32.17 35.00 39.11
N ALA F 87 -32.11 35.26 40.42
CA ALA F 87 -32.58 36.55 40.92
C ALA F 87 -31.80 37.71 40.33
N ARG F 88 -30.49 37.53 40.19
CA ARG F 88 -29.65 38.57 39.62
C ARG F 88 -29.93 38.74 38.13
N VAL F 89 -30.21 37.63 37.45
CA VAL F 89 -30.55 37.70 36.03
C VAL F 89 -31.88 38.41 35.85
N ILE F 90 -32.84 38.13 36.72
CA ILE F 90 -34.16 38.72 36.53
C ILE F 90 -34.10 40.25 36.72
N GLU F 91 -33.20 40.74 37.58
CA GLU F 91 -32.98 42.19 37.67
C GLU F 91 -32.59 42.77 36.32
N LEU F 92 -31.73 42.05 35.61
CA LEU F 92 -31.27 42.49 34.29
C LEU F 92 -32.36 42.38 33.24
N VAL F 93 -33.24 41.38 33.39
CA VAL F 93 -34.39 41.24 32.52
C VAL F 93 -35.28 42.48 32.65
N GLU F 94 -35.52 42.88 33.90
CA GLU F 94 -36.29 44.08 34.18
C GLU F 94 -35.66 45.30 33.54
N ASP F 95 -34.32 45.42 33.63
CA ASP F 95 -33.62 46.51 32.96
C ASP F 95 -33.81 46.45 31.44
N ALA F 96 -33.71 45.26 30.87
CA ALA F 96 -33.82 45.09 29.43
C ALA F 96 -35.21 45.46 28.94
N LEU F 97 -36.24 45.06 29.70
CA LEU F 97 -37.62 45.42 29.35
C LEU F 97 -37.78 46.93 29.40
N GLU F 98 -37.20 47.56 30.42
CA GLU F 98 -37.25 49.02 30.55
C GLU F 98 -36.66 49.69 29.32
N ALA F 99 -35.54 49.15 28.82
CA ALA F 99 -34.83 49.76 27.71
C ALA F 99 -35.50 49.49 26.36
N GLY F 100 -36.42 48.54 26.33
CA GLY F 100 -37.12 48.19 25.11
C GLY F 100 -36.41 47.13 24.28
N ALA F 101 -35.68 46.25 24.96
CA ALA F 101 -35.02 45.15 24.27
C ALA F 101 -36.06 44.27 23.57
N GLU F 102 -35.66 43.64 22.46
CA GLU F 102 -36.58 42.82 21.67
C GLU F 102 -36.29 41.33 21.81
N GLY F 103 -35.27 41.00 22.59
CA GLY F 103 -34.98 39.61 22.92
C GLY F 103 -34.09 39.55 24.13
N LEU F 104 -33.91 38.35 24.68
CA LEU F 104 -33.04 38.12 25.82
C LEU F 104 -32.07 36.98 25.54
N VAL F 105 -30.87 37.09 26.08
CA VAL F 105 -29.89 36.02 25.99
C VAL F 105 -29.37 35.69 27.37
N ALA F 106 -29.55 34.45 27.79
CA ALA F 106 -29.14 33.99 29.11
C ALA F 106 -28.28 32.76 29.08
N THR F 107 -27.35 32.66 30.04
CA THR F 107 -26.56 31.45 30.24
C THR F 107 -27.13 30.62 31.39
N ALA F 108 -26.58 29.43 31.55
CA ALA F 108 -26.73 28.66 32.76
C ALA F 108 -26.24 29.44 33.98
N PRO F 109 -26.68 29.07 35.19
CA PRO F 109 -26.04 29.68 36.36
C PRO F 109 -24.54 29.39 36.38
N PHE F 110 -23.76 30.28 36.99
CA PHE F 110 -22.34 30.00 37.14
C PHE F 110 -21.88 30.53 38.49
N TYR F 111 -20.59 30.33 38.75
CA TYR F 111 -19.94 30.43 40.06
C TYR F 111 -20.46 29.32 40.97
N THR F 112 -21.74 29.36 41.30
CA THR F 112 -22.34 28.25 42.03
C THR F 112 -22.24 26.95 41.24
N ARG F 113 -22.11 25.83 41.96
CA ARG F 113 -22.32 24.52 41.36
C ARG F 113 -23.76 24.47 40.86
N THR F 114 -24.00 23.74 39.79
CA THR F 114 -25.36 23.64 39.29
C THR F 114 -25.68 22.23 38.79
N HIS F 115 -26.81 22.09 38.10
CA HIS F 115 -27.33 20.79 37.72
C HIS F 115 -28.34 21.03 36.61
N ASP F 116 -28.47 20.08 35.69
CA ASP F 116 -29.44 20.23 34.61
C ASP F 116 -30.85 20.60 35.12
N VAL F 117 -31.26 20.06 36.26
CA VAL F 117 -32.57 20.39 36.82
C VAL F 117 -32.63 21.88 37.18
N GLU F 118 -31.54 22.40 37.72
CA GLU F 118 -31.51 23.78 38.17
C GLU F 118 -31.33 24.74 37.00
N ILE F 119 -30.56 24.32 36.00
CA ILE F 119 -30.46 25.09 34.76
C ILE F 119 -31.84 25.25 34.10
N GLU F 120 -32.61 24.16 34.06
CA GLU F 120 -33.92 24.21 33.43
C GLU F 120 -34.86 25.14 34.20
N GLU F 121 -34.87 25.04 35.53
CA GLU F 121 -35.71 25.92 36.33
C GLU F 121 -35.33 27.38 36.10
N HIS F 122 -34.02 27.64 36.11
CA HIS F 122 -33.45 28.94 35.81
C HIS F 122 -34.03 29.54 34.51
N PHE F 123 -33.97 28.79 33.42
CA PHE F 123 -34.49 29.29 32.15
C PHE F 123 -36.01 29.50 32.20
N ARG F 124 -36.73 28.59 32.86
CA ARG F 124 -38.17 28.75 32.95
C ARG F 124 -38.56 29.99 33.75
N LYS F 125 -37.83 30.28 34.83
CA LYS F 125 -38.09 31.50 35.61
C LYS F 125 -37.84 32.75 34.79
N ILE F 126 -36.74 32.76 34.04
CA ILE F 126 -36.38 33.91 33.23
C ILE F 126 -37.45 34.18 32.17
N HIS F 127 -37.87 33.13 31.47
CA HIS F 127 -38.88 33.27 30.43
C HIS F 127 -40.19 33.80 31.02
N ALA F 128 -40.59 33.26 32.17
CA ALA F 128 -41.87 33.63 32.77
C ALA F 128 -41.90 35.11 33.19
N ALA F 129 -40.71 35.68 33.41
CA ALA F 129 -40.58 37.10 33.77
C ALA F 129 -40.67 38.02 32.55
N ALA F 130 -40.53 37.45 31.37
CA ALA F 130 -40.60 38.24 30.15
C ALA F 130 -41.27 37.42 29.06
N PRO F 131 -42.57 37.14 29.25
CA PRO F 131 -43.25 36.13 28.44
C PRO F 131 -43.35 36.49 26.96
N GLU F 132 -43.19 37.76 26.60
CA GLU F 132 -43.39 38.14 25.21
C GLU F 132 -42.07 38.28 24.42
N LEU F 133 -40.95 38.11 25.10
CA LEU F 133 -39.66 38.24 24.46
C LEU F 133 -39.08 36.88 24.11
N PRO F 134 -38.48 36.75 22.91
CA PRO F 134 -37.77 35.50 22.64
C PRO F 134 -36.55 35.37 23.54
N LEU F 135 -36.44 34.23 24.21
CA LEU F 135 -35.30 33.94 25.08
C LEU F 135 -34.39 32.94 24.40
N PHE F 136 -33.14 33.33 24.22
CA PHE F 136 -32.13 32.42 23.68
C PHE F 136 -31.20 31.93 24.78
N ALA F 137 -30.87 30.65 24.75
CA ALA F 137 -29.89 30.07 25.65
C ALA F 137 -28.49 30.19 25.06
N TYR F 138 -27.58 30.75 25.84
CA TYR F 138 -26.21 31.03 25.43
C TYR F 138 -25.29 29.92 25.94
N ASN F 139 -24.84 29.03 25.05
CA ASN F 139 -23.97 27.94 25.45
C ASN F 139 -22.52 28.39 25.32
N ILE F 140 -21.88 28.63 26.46
CA ILE F 140 -20.52 29.14 26.44
C ILE F 140 -19.72 28.49 27.59
N PRO F 141 -19.36 27.21 27.39
CA PRO F 141 -18.74 26.44 28.48
C PRO F 141 -17.43 27.04 28.98
N VAL F 142 -16.69 27.75 28.11
CA VAL F 142 -15.41 28.30 28.52
C VAL F 142 -15.60 29.34 29.63
N SER F 143 -16.81 29.91 29.73
CA SER F 143 -17.05 30.97 30.68
C SER F 143 -17.96 30.51 31.82
N VAL F 144 -18.90 29.59 31.55
CA VAL F 144 -19.80 29.20 32.63
C VAL F 144 -19.53 27.80 33.20
N HIS F 145 -18.76 26.99 32.48
CA HIS F 145 -18.31 25.67 32.93
C HIS F 145 -19.47 24.73 33.20
N SER F 146 -20.51 24.91 32.40
CA SER F 146 -21.53 23.90 32.18
C SER F 146 -21.71 23.81 30.67
N ASN F 147 -22.10 22.63 30.19
CA ASN F 147 -22.51 22.47 28.80
C ASN F 147 -24.02 22.33 28.79
N LEU F 148 -24.72 23.13 27.99
CA LEU F 148 -26.18 23.03 27.95
C LEU F 148 -26.60 21.72 27.32
N ASN F 149 -27.34 20.93 28.07
CA ASN F 149 -27.87 19.66 27.61
C ASN F 149 -28.80 19.84 26.39
N PRO F 150 -28.46 19.22 25.24
CA PRO F 150 -29.31 19.46 24.07
C PRO F 150 -30.72 18.89 24.20
N VAL F 151 -30.88 17.79 24.94
CA VAL F 151 -32.22 17.26 25.20
C VAL F 151 -33.05 18.23 26.03
N MET F 152 -32.43 18.82 27.05
CA MET F 152 -33.08 19.89 27.81
C MET F 152 -33.47 21.07 26.93
N LEU F 153 -32.56 21.52 26.06
CA LEU F 153 -32.87 22.64 25.20
C LEU F 153 -34.09 22.36 24.31
N LEU F 154 -34.17 21.14 23.77
CA LEU F 154 -35.28 20.85 22.88
C LEU F 154 -36.58 20.67 23.66
N THR F 155 -36.48 20.20 24.90
CA THR F 155 -37.65 20.13 25.77
C THR F 155 -38.17 21.53 26.00
N LEU F 156 -37.27 22.46 26.30
CA LEU F 156 -37.67 23.84 26.51
C LEU F 156 -38.20 24.51 25.22
N ALA F 157 -37.68 24.11 24.06
CA ALA F 157 -38.18 24.61 22.79
C ALA F 157 -39.63 24.14 22.57
N LYS F 158 -39.84 22.85 22.82
CA LYS F 158 -41.16 22.24 22.65
C LYS F 158 -42.14 22.91 23.59
N ASP F 159 -41.67 23.27 24.78
CA ASP F 159 -42.56 23.84 25.79
C ASP F 159 -42.74 25.35 25.63
N GLY F 160 -42.09 25.96 24.64
CA GLY F 160 -42.26 27.37 24.35
C GLY F 160 -41.37 28.31 25.17
N VAL F 161 -40.47 27.74 25.96
CA VAL F 161 -39.64 28.52 26.88
C VAL F 161 -38.45 29.17 26.17
N LEU F 162 -37.80 28.41 25.29
CA LEU F 162 -36.68 28.95 24.51
C LEU F 162 -37.02 29.18 23.05
N ALA F 163 -36.62 30.33 22.53
CA ALA F 163 -36.78 30.64 21.11
C ALA F 163 -35.57 30.20 20.30
N GLY F 164 -34.49 29.84 20.99
CA GLY F 164 -33.29 29.45 20.27
C GLY F 164 -32.08 29.31 21.15
N THR F 165 -30.92 29.10 20.53
CA THR F 165 -29.68 29.03 21.26
C THR F 165 -28.58 29.71 20.45
N LYS F 166 -27.66 30.34 21.17
CA LYS F 166 -26.42 30.83 20.59
CA LYS F 166 -26.40 30.81 20.59
C LYS F 166 -25.33 29.90 21.11
N ASP F 167 -24.71 29.15 20.22
CA ASP F 167 -23.77 28.14 20.69
C ASP F 167 -22.34 28.54 20.39
N SER F 168 -21.60 28.84 21.47
CA SER F 168 -20.18 29.20 21.35
C SER F 168 -19.26 28.14 21.96
N SER F 169 -19.69 26.89 21.94
CA SER F 169 -18.88 25.80 22.45
C SER F 169 -17.66 25.51 21.56
N GLY F 170 -17.73 25.92 20.29
CA GLY F 170 -16.68 25.58 19.35
C GLY F 170 -16.74 24.16 18.83
N ASN F 171 -17.81 23.44 19.19
CA ASN F 171 -17.96 22.05 18.80
C ASN F 171 -18.99 21.91 17.68
N ASP F 172 -18.50 21.87 16.45
CA ASP F 172 -19.40 21.92 15.31
C ASP F 172 -20.14 20.59 15.12
N GLY F 173 -19.52 19.50 15.54
CA GLY F 173 -20.21 18.22 15.53
C GLY F 173 -21.41 18.24 16.48
N ALA F 174 -21.23 18.84 17.64
CA ALA F 174 -22.32 18.93 18.62
C ALA F 174 -23.42 19.85 18.13
N ILE F 175 -23.04 20.98 17.53
CA ILE F 175 -24.03 21.91 16.99
C ILE F 175 -24.83 21.22 15.87
N ARG F 176 -24.13 20.50 15.01
CA ARG F 176 -24.80 19.76 13.95
C ARG F 176 -25.79 18.72 14.51
N SER F 177 -25.37 18.00 15.54
CA SER F 177 -26.24 16.99 16.15
C SER F 177 -27.50 17.66 16.73
N LEU F 178 -27.34 18.85 17.31
CA LEU F 178 -28.51 19.57 17.82
C LEU F 178 -29.47 19.99 16.71
N ILE F 179 -28.93 20.50 15.60
CA ILE F 179 -29.76 20.87 14.48
C ILE F 179 -30.55 19.66 13.97
N GLU F 180 -29.84 18.54 13.82
CA GLU F 180 -30.46 17.29 13.34
C GLU F 180 -31.57 16.86 14.30
N ALA F 181 -31.29 16.88 15.59
CA ALA F 181 -32.31 16.53 16.59
C ALA F 181 -33.52 17.47 16.55
N ARG F 182 -33.25 18.77 16.43
CA ARG F 182 -34.32 19.77 16.34
C ARG F 182 -35.23 19.46 15.16
N ASP F 183 -34.61 19.18 14.03
CA ASP F 183 -35.36 18.98 12.80
C ASP F 183 -36.17 17.69 12.90
N ASP F 184 -35.56 16.64 13.43
CA ASP F 184 -36.23 15.35 13.61
C ASP F 184 -37.41 15.48 14.56
N ALA F 185 -37.31 16.40 15.52
CA ALA F 185 -38.39 16.62 16.50
C ALA F 185 -39.46 17.58 15.99
N GLY F 186 -39.30 18.10 14.78
CA GLY F 186 -40.25 19.02 14.20
C GLY F 186 -40.23 20.42 14.80
N LEU F 187 -39.06 20.83 15.30
CA LEU F 187 -38.96 22.10 16.00
C LEU F 187 -38.14 23.13 15.25
N THR F 188 -37.98 22.93 13.94
CA THR F 188 -37.16 23.77 13.08
C THR F 188 -37.52 25.25 13.15
N GLU F 189 -38.80 25.57 13.03
CA GLU F 189 -39.23 26.97 13.03
C GLU F 189 -39.22 27.57 14.43
N GLN F 190 -39.46 26.75 15.45
CA GLN F 190 -39.64 27.23 16.81
C GLN F 190 -38.34 27.61 17.49
N PHE F 191 -37.24 26.99 17.06
CA PHE F 191 -36.01 27.03 17.82
C PHE F 191 -34.84 27.37 16.91
N LYS F 192 -34.38 28.61 16.96
CA LYS F 192 -33.30 29.05 16.06
C LYS F 192 -31.95 28.66 16.64
N ILE F 193 -31.04 28.21 15.80
CA ILE F 193 -29.73 27.79 16.26
C ILE F 193 -28.70 28.68 15.58
N LEU F 194 -28.03 29.49 16.38
CA LEU F 194 -27.02 30.42 15.91
C LEU F 194 -25.65 29.95 16.36
N THR F 195 -24.69 29.93 15.46
CA THR F 195 -23.33 29.59 15.89
C THR F 195 -22.55 30.82 16.34
N GLY F 196 -21.76 30.64 17.39
CA GLY F 196 -20.86 31.67 17.87
C GLY F 196 -19.52 31.58 17.18
N SER F 197 -19.40 30.65 16.24
CA SER F 197 -18.12 30.47 15.54
C SER F 197 -17.77 31.66 14.67
N GLU F 198 -16.49 31.98 14.62
CA GLU F 198 -16.01 32.98 13.67
C GLU F 198 -15.36 32.37 12.44
N THR F 199 -14.90 31.12 12.55
CA THR F 199 -14.12 30.54 11.48
C THR F 199 -14.76 29.32 10.80
N THR F 200 -15.94 28.89 11.29
CA THR F 200 -16.61 27.72 10.72
C THR F 200 -18.09 28.04 10.51
N VAL F 201 -18.34 29.26 10.04
CA VAL F 201 -19.69 29.72 9.79
C VAL F 201 -20.28 28.99 8.58
N ASP F 202 -19.48 28.81 7.54
CA ASP F 202 -19.94 28.08 6.37
C ASP F 202 -20.37 26.65 6.76
N PHE F 203 -19.61 25.99 7.63
CA PHE F 203 -19.98 24.66 8.12
C PHE F 203 -21.36 24.69 8.77
N ALA F 204 -21.55 25.69 9.65
CA ALA F 204 -22.83 25.79 10.34
C ALA F 204 -24.00 25.97 9.38
N TYR F 205 -23.86 26.86 8.41
CA TYR F 205 -24.93 27.04 7.42
C TYR F 205 -25.14 25.80 6.57
N LEU F 206 -24.07 25.09 6.24
CA LEU F 206 -24.22 23.88 5.43
C LEU F 206 -25.07 22.86 6.18
N ALA F 207 -24.95 22.84 7.50
CA ALA F 207 -25.72 21.92 8.36
C ALA F 207 -27.11 22.46 8.68
N GLY F 208 -27.43 23.64 8.18
CA GLY F 208 -28.74 24.25 8.35
C GLY F 208 -28.91 25.12 9.58
N ALA F 209 -27.82 25.67 10.11
CA ALA F 209 -27.97 26.67 11.17
C ALA F 209 -28.70 27.93 10.66
N ASP F 210 -29.25 28.69 11.59
CA ASP F 210 -30.06 29.85 11.23
C ASP F 210 -29.31 31.18 11.19
N GLY F 211 -28.07 31.18 11.67
CA GLY F 211 -27.31 32.40 11.70
C GLY F 211 -26.06 32.29 12.53
N VAL F 212 -25.47 33.44 12.79
CA VAL F 212 -24.14 33.50 13.38
C VAL F 212 -23.99 34.75 14.24
N VAL F 213 -23.30 34.58 15.35
CA VAL F 213 -22.99 35.65 16.30
C VAL F 213 -21.47 35.72 16.47
N PRO F 214 -20.79 36.36 15.51
CA PRO F 214 -19.32 36.33 15.45
C PRO F 214 -18.68 37.60 16.03
N GLY F 215 -17.80 37.44 17.01
CA GLY F 215 -17.11 38.59 17.58
C GLY F 215 -16.40 39.40 16.51
N LEU F 216 -15.72 38.70 15.60
CA LEU F 216 -15.00 39.37 14.52
C LEU F 216 -15.96 40.16 13.62
N GLY F 217 -17.26 39.88 13.68
CA GLY F 217 -18.24 40.63 12.93
C GLY F 217 -18.30 42.09 13.33
N ASN F 218 -17.77 42.43 14.50
CA ASN F 218 -17.63 43.83 14.88
C ASN F 218 -16.67 44.55 13.96
N VAL F 219 -15.59 43.87 13.61
CA VAL F 219 -14.55 44.45 12.78
C VAL F 219 -14.99 44.46 11.33
N ASP F 220 -15.52 43.32 10.87
CA ASP F 220 -15.86 43.15 9.46
C ASP F 220 -17.30 42.63 9.28
N PRO F 221 -18.28 43.49 9.57
CA PRO F 221 -19.67 43.05 9.40
C PRO F 221 -19.97 42.70 7.94
N ALA F 222 -19.39 43.44 6.99
CA ALA F 222 -19.67 43.16 5.58
C ALA F 222 -19.18 41.79 5.14
N ALA F 223 -18.07 41.33 5.69
CA ALA F 223 -17.55 40.00 5.34
C ALA F 223 -18.55 38.93 5.76
N TYR F 224 -19.05 39.03 6.99
CA TYR F 224 -20.01 38.05 7.46
C TYR F 224 -21.36 38.17 6.76
N ALA F 225 -21.82 39.38 6.45
CA ALA F 225 -23.04 39.54 5.65
C ALA F 225 -22.86 38.86 4.29
N ALA F 226 -21.70 39.08 3.67
CA ALA F 226 -21.45 38.48 2.36
C ALA F 226 -21.37 36.97 2.45
N LEU F 227 -20.72 36.47 3.50
CA LEU F 227 -20.63 35.03 3.70
C LEU F 227 -22.01 34.39 3.89
N ALA F 228 -22.83 34.98 4.75
CA ALA F 228 -24.17 34.43 4.99
C ALA F 228 -24.98 34.39 3.70
N LYS F 229 -24.85 35.43 2.88
CA LYS F 229 -25.60 35.49 1.63
C LYS F 229 -25.14 34.39 0.68
N LEU F 230 -23.82 34.17 0.59
CA LEU F 230 -23.33 33.06 -0.23
C LEU F 230 -23.89 31.73 0.26
N CYS F 231 -23.94 31.54 1.58
CA CYS F 231 -24.44 30.28 2.13
C CYS F 231 -25.94 30.11 1.86
N LEU F 232 -26.71 31.16 2.09
CA LEU F 232 -28.15 31.12 1.86
C LEU F 232 -28.44 30.89 0.39
N ASP F 233 -27.54 31.37 -0.45
CA ASP F 233 -27.72 31.20 -1.89
C ASP F 233 -27.23 29.84 -2.38
N GLY F 234 -26.60 29.05 -1.51
CA GLY F 234 -26.15 27.72 -1.88
C GLY F 234 -24.87 27.71 -2.69
N LYS F 235 -24.07 28.76 -2.53
CA LYS F 235 -22.81 28.88 -3.25
C LYS F 235 -21.68 28.46 -2.32
N TRP F 236 -21.60 27.16 -2.07
CA TRP F 236 -20.76 26.65 -0.99
C TRP F 236 -19.28 26.77 -1.25
N ALA F 237 -18.82 26.52 -2.47
CA ALA F 237 -17.41 26.68 -2.75
C ALA F 237 -17.00 28.14 -2.60
N GLU F 238 -17.81 29.06 -3.13
CA GLU F 238 -17.53 30.49 -2.93
C GLU F 238 -17.52 30.87 -1.45
N ALA F 239 -18.46 30.30 -0.69
CA ALA F 239 -18.52 30.58 0.74
C ALA F 239 -17.26 30.12 1.45
N ALA F 240 -16.80 28.91 1.15
CA ALA F 240 -15.59 28.42 1.80
C ALA F 240 -14.36 29.26 1.43
N ALA F 241 -14.33 29.76 0.20
CA ALA F 241 -13.22 30.61 -0.23
C ALA F 241 -13.22 31.94 0.56
N LEU F 242 -14.40 32.50 0.78
CA LEU F 242 -14.49 33.72 1.56
C LEU F 242 -14.19 33.45 3.04
N GLN F 243 -14.71 32.35 3.56
CA GLN F 243 -14.45 31.99 4.94
C GLN F 243 -12.94 31.86 5.21
N LYS F 244 -12.21 31.32 4.24
CA LYS F 244 -10.77 31.19 4.37
C LYS F 244 -10.12 32.57 4.56
N ARG F 245 -10.59 33.56 3.80
CA ARG F 245 -10.03 34.90 3.93
C ARG F 245 -10.40 35.53 5.27
N ILE F 246 -11.64 35.35 5.69
CA ILE F 246 -12.08 35.83 7.00
C ILE F 246 -11.20 35.21 8.09
N ASN F 247 -10.83 33.94 7.92
CA ASN F 247 -10.03 33.23 8.91
C ASN F 247 -8.62 33.79 9.00
N HIS F 248 -8.18 34.48 7.94
CA HIS F 248 -6.89 35.15 8.03
C HIS F 248 -7.02 36.53 8.66
N LEU F 249 -8.16 37.19 8.47
CA LEU F 249 -8.41 38.41 9.25
C LEU F 249 -8.42 38.06 10.74
N PHE F 250 -8.98 36.89 11.06
CA PHE F 250 -9.09 36.44 12.45
C PHE F 250 -7.73 36.35 13.16
N HIS F 251 -6.63 36.28 12.40
CA HIS F 251 -5.31 36.21 13.02
C HIS F 251 -5.04 37.41 13.93
N ILE F 252 -5.81 38.48 13.80
CA ILE F 252 -5.63 39.61 14.71
C ILE F 252 -5.80 39.20 16.18
N VAL F 253 -6.53 38.12 16.47
CA VAL F 253 -6.71 37.74 17.87
C VAL F 253 -5.51 36.99 18.43
N PHE F 254 -4.58 36.59 17.56
CA PHE F 254 -3.43 35.79 17.98
C PHE F 254 -2.16 36.62 18.13
N VAL F 255 -2.27 37.92 17.88
CA VAL F 255 -1.10 38.80 17.91
C VAL F 255 -0.62 39.06 19.34
N GLY F 256 -1.56 39.38 20.24
CA GLY F 256 -1.20 39.66 21.63
C GLY F 256 -0.48 38.51 22.28
N ASP F 257 0.61 38.81 22.98
CA ASP F 257 1.45 37.80 23.59
C ASP F 257 0.79 37.23 24.84
N THR F 258 0.28 36.00 24.76
CA THR F 258 -0.47 35.49 25.89
C THR F 258 0.44 34.95 27.00
N SER F 259 1.75 35.14 26.86
CA SER F 259 2.61 34.87 27.99
C SER F 259 2.40 35.95 29.07
N HIS F 260 1.79 37.08 28.71
CA HIS F 260 1.47 38.06 29.75
C HIS F 260 0.11 38.74 29.58
N MET F 261 -0.82 38.13 28.87
CA MET F 261 -2.23 38.47 28.91
C MET F 261 -3.08 37.25 28.64
N SER F 262 -4.41 37.53 28.97
CA SER F 262 -5.45 36.55 28.71
C SER F 262 -5.86 36.56 27.25
N GLY F 263 -6.58 35.53 26.85
CA GLY F 263 -7.17 35.46 25.52
C GLY F 263 -8.17 36.58 25.28
N SER F 264 -8.79 37.07 26.35
CA SER F 264 -9.74 38.19 26.21
C SER F 264 -8.98 39.47 25.87
N SER F 265 -7.89 39.72 26.59
CA SER F 265 -7.02 40.87 26.26
C SER F 265 -6.53 40.80 24.83
N ALA F 266 -6.03 39.64 24.40
CA ALA F 266 -5.50 39.54 23.04
C ALA F 266 -6.63 39.60 22.00
N GLY F 267 -7.72 38.89 22.25
CA GLY F 267 -8.79 38.83 21.27
C GLY F 267 -9.64 40.07 21.16
N LEU F 268 -10.28 40.48 22.26
CA LEU F 268 -11.10 41.69 22.23
C LEU F 268 -10.22 42.92 22.01
N GLY F 269 -9.03 42.92 22.60
CA GLY F 269 -8.07 43.98 22.32
C GLY F 269 -7.72 44.04 20.84
N GLY F 270 -7.54 42.89 20.21
CA GLY F 270 -7.29 42.86 18.78
C GLY F 270 -8.45 43.47 17.99
N PHE F 271 -9.68 43.11 18.37
CA PHE F 271 -10.84 43.67 17.70
C PHE F 271 -10.91 45.20 17.85
N LYS F 272 -10.72 45.70 19.06
CA LYS F 272 -10.82 47.15 19.28
C LYS F 272 -9.70 47.89 18.59
N THR F 273 -8.53 47.25 18.51
CA THR F 273 -7.40 47.85 17.81
C THR F 273 -7.75 48.00 16.33
N ALA F 274 -8.37 46.95 15.77
CA ALA F 274 -8.79 47.01 14.38
C ALA F 274 -9.85 48.11 14.17
N LEU F 275 -10.82 48.19 15.07
CA LEU F 275 -11.85 49.22 14.96
C LEU F 275 -11.30 50.64 15.07
N ALA F 276 -10.30 50.82 15.93
CA ALA F 276 -9.67 52.14 16.03
C ALA F 276 -8.92 52.48 14.75
N HIS F 277 -8.26 51.47 14.19
CA HIS F 277 -7.51 51.62 12.94
C HIS F 277 -8.42 52.02 11.78
N LEU F 278 -9.65 51.52 11.80
CA LEU F 278 -10.64 51.79 10.76
C LEU F 278 -11.42 53.08 11.03
N GLY F 279 -11.10 53.75 12.13
CA GLY F 279 -11.73 55.01 12.49
C GLY F 279 -13.13 54.92 13.06
N ILE F 280 -13.56 53.72 13.44
CA ILE F 280 -14.91 53.52 13.94
C ILE F 280 -15.06 53.92 15.42
N ILE F 281 -14.04 53.60 16.21
CA ILE F 281 -14.02 53.97 17.62
C ILE F 281 -12.75 54.76 17.93
N GLU F 282 -12.80 55.51 19.02
CA GLU F 282 -11.71 56.41 19.35
C GLU F 282 -10.44 55.69 19.77
N SER F 283 -10.57 54.67 20.61
CA SER F 283 -9.37 53.93 21.01
C SER F 283 -9.68 52.50 21.37
N ASN F 284 -8.60 51.73 21.60
CA ASN F 284 -8.74 50.34 21.94
C ASN F 284 -8.74 50.10 23.45
N ALA F 285 -9.09 51.14 24.20
CA ALA F 285 -9.18 51.03 25.67
C ALA F 285 -10.05 49.85 26.10
N MET F 286 -9.55 49.10 27.08
CA MET F 286 -10.20 47.89 27.58
C MET F 286 -10.56 48.03 29.06
N ALA F 287 -11.55 47.28 29.51
CA ALA F 287 -11.89 47.30 30.92
C ALA F 287 -10.84 46.59 31.77
N VAL F 288 -10.70 47.04 33.02
CA VAL F 288 -9.79 46.40 33.97
C VAL F 288 -10.29 44.99 34.28
N PRO F 289 -9.39 43.99 34.38
CA PRO F 289 -7.92 44.06 34.34
C PRO F 289 -7.28 43.65 33.02
N HIS F 290 -7.92 43.92 31.90
CA HIS F 290 -7.30 43.64 30.59
C HIS F 290 -5.93 44.30 30.46
N GLN F 291 -5.05 43.63 29.75
CA GLN F 291 -3.73 44.18 29.46
C GLN F 291 -3.74 44.91 28.13
N SER F 292 -2.88 45.92 28.01
CA SER F 292 -2.83 46.68 26.78
C SER F 292 -1.88 46.01 25.78
N LEU F 293 -2.16 46.21 24.50
CA LEU F 293 -1.31 45.72 23.44
C LEU F 293 -0.19 46.72 23.16
N SER F 294 0.98 46.21 22.80
CA SER F 294 2.14 47.05 22.53
C SER F 294 2.05 47.70 21.15
N ASP F 295 2.93 48.65 20.88
CA ASP F 295 2.91 49.28 19.56
C ASP F 295 3.31 48.27 18.48
N GLU F 296 4.17 47.32 18.81
CA GLU F 296 4.54 46.27 17.85
C GLU F 296 3.34 45.38 17.56
N GLU F 297 2.61 45.00 18.60
CA GLU F 297 1.39 44.23 18.41
C GLU F 297 0.34 45.00 17.59
N THR F 298 0.15 46.29 17.89
CA THR F 298 -0.89 47.03 17.18
C THR F 298 -0.49 47.17 15.71
N ALA F 299 0.79 47.37 15.43
CA ALA F 299 1.25 47.45 14.04
C ALA F 299 0.96 46.18 13.26
N ARG F 300 1.18 45.03 13.89
CA ARG F 300 0.91 43.75 13.27
C ARG F 300 -0.59 43.58 13.00
N ILE F 301 -1.42 43.99 13.96
CA ILE F 301 -2.86 43.94 13.75
C ILE F 301 -3.26 44.82 12.57
N HIS F 302 -2.71 46.03 12.52
CA HIS F 302 -3.02 46.92 11.40
C HIS F 302 -2.71 46.28 10.05
N ALA F 303 -1.58 45.59 9.97
CA ALA F 303 -1.15 44.99 8.71
C ALA F 303 -2.11 43.88 8.27
N ILE F 304 -2.52 43.06 9.24
CA ILE F 304 -3.52 42.01 8.95
C ILE F 304 -4.85 42.59 8.49
N VAL F 305 -5.32 43.65 9.15
CA VAL F 305 -6.57 44.27 8.75
C VAL F 305 -6.46 44.83 7.33
N ASP F 306 -5.36 45.52 7.06
CA ASP F 306 -5.16 46.08 5.72
C ASP F 306 -5.23 45.01 4.63
N GLU F 307 -4.63 43.86 4.89
CA GLU F 307 -4.60 42.80 3.89
C GLU F 307 -5.93 42.04 3.77
N PHE F 308 -6.55 41.71 4.90
CA PHE F 308 -7.66 40.74 4.84
C PHE F 308 -9.06 41.26 5.10
N LEU F 309 -9.20 42.53 5.47
CA LEU F 309 -10.54 43.11 5.57
C LEU F 309 -11.27 42.97 4.23
N TYR F 310 -12.54 42.57 4.29
CA TYR F 310 -13.35 42.38 3.10
C TYR F 310 -13.52 43.69 2.32
N THR F 311 -13.32 43.63 1.01
CA THR F 311 -13.63 44.77 0.16
C THR F 311 -14.61 44.35 -0.93
N ALA F 312 -15.36 45.31 -1.43
CA ALA F 312 -16.31 45.05 -2.50
C ALA F 312 -16.61 46.36 -3.23
N THR G 5 1.95 -9.01 54.03
CA THR G 5 1.26 -7.82 54.48
C THR G 5 2.02 -6.56 54.06
N PHE G 6 1.37 -5.72 53.25
CA PHE G 6 2.04 -4.51 52.80
C PHE G 6 1.53 -3.29 53.54
N THR G 7 2.25 -2.95 54.61
CA THR G 7 1.99 -1.76 55.40
C THR G 7 3.33 -1.10 55.69
N GLY G 8 3.29 0.11 56.22
CA GLY G 8 4.51 0.83 56.55
C GLY G 8 5.11 1.56 55.37
N VAL G 9 6.41 1.85 55.45
CA VAL G 9 7.11 2.59 54.41
C VAL G 9 7.52 1.68 53.26
N ILE G 10 6.92 1.91 52.09
CA ILE G 10 7.11 1.03 50.93
C ILE G 10 7.42 1.86 49.70
N PRO G 11 8.71 2.17 49.47
CA PRO G 11 9.06 3.05 48.35
C PRO G 11 8.80 2.42 46.99
N PRO G 12 8.44 3.24 46.00
CA PRO G 12 8.39 2.77 44.61
C PRO G 12 9.80 2.80 44.05
N VAL G 13 10.44 1.63 43.98
CA VAL G 13 11.85 1.55 43.63
C VAL G 13 12.10 2.10 42.23
N MET G 14 13.08 2.99 42.11
CA MET G 14 13.46 3.53 40.81
C MET G 14 14.26 2.51 40.00
N THR G 15 14.43 2.78 38.71
CA THR G 15 15.21 1.90 37.86
C THR G 15 16.43 2.66 37.35
N PRO G 16 17.61 2.35 37.90
CA PRO G 16 18.86 2.95 37.44
C PRO G 16 19.15 2.46 36.03
N LEU G 17 19.74 3.32 35.21
CA LEU G 17 19.98 2.99 33.81
C LEU G 17 21.43 3.27 33.41
N HIS G 18 21.92 2.52 32.43
CA HIS G 18 23.18 2.84 31.79
C HIS G 18 22.96 3.92 30.73
N ALA G 19 24.05 4.46 30.20
CA ALA G 19 23.98 5.51 29.19
C ALA G 19 23.21 5.06 27.95
N ASP G 20 23.17 3.76 27.71
CA ASP G 20 22.53 3.22 26.52
C ASP G 20 21.06 2.87 26.76
N GLY G 21 20.55 3.22 27.93
CA GLY G 21 19.14 2.99 28.22
C GLY G 21 18.83 1.65 28.85
N SER G 22 19.83 0.79 29.00
CA SER G 22 19.60 -0.52 29.60
C SER G 22 19.54 -0.43 31.12
N VAL G 23 18.89 -1.41 31.74
CA VAL G 23 18.82 -1.50 33.20
C VAL G 23 20.21 -1.69 33.83
N ASP G 24 20.55 -0.79 34.75
CA ASP G 24 21.80 -0.86 35.49
C ASP G 24 21.61 -1.76 36.69
N VAL G 25 21.81 -3.07 36.48
CA VAL G 25 21.55 -4.08 37.51
C VAL G 25 22.40 -3.86 38.77
N GLU G 26 23.67 -3.52 38.57
CA GLU G 26 24.57 -3.26 39.68
C GLU G 26 24.05 -2.12 40.57
N SER G 27 23.69 -1.00 39.94
CA SER G 27 23.16 0.14 40.69
C SER G 27 21.81 -0.18 41.30
N LEU G 28 21.05 -1.05 40.65
CA LEU G 28 19.73 -1.41 41.17
C LEU G 28 19.88 -2.14 42.50
N ARG G 29 20.81 -3.09 42.56
CA ARG G 29 21.10 -3.82 43.78
C ARG G 29 21.57 -2.89 44.89
N LYS G 30 22.44 -1.94 44.56
CA LYS G 30 22.89 -0.94 45.53
C LYS G 30 21.71 -0.12 46.05
N LEU G 31 20.75 0.17 45.17
CA LEU G 31 19.55 0.91 45.55
C LEU G 31 18.69 0.07 46.50
N VAL G 32 18.47 -1.20 46.13
CA VAL G 32 17.71 -2.12 46.96
C VAL G 32 18.30 -2.23 48.37
N ASP G 33 19.63 -2.32 48.46
CA ASP G 33 20.29 -2.32 49.76
C ASP G 33 20.14 -0.98 50.48
N HIS G 34 20.22 0.10 49.72
CA HIS G 34 20.10 1.45 50.29
C HIS G 34 18.76 1.61 50.98
N LEU G 35 17.71 1.08 50.35
CA LEU G 35 16.35 1.17 50.87
C LEU G 35 16.15 0.28 52.10
N ILE G 36 16.54 -0.98 51.98
CA ILE G 36 16.33 -1.95 53.06
C ILE G 36 17.14 -1.60 54.31
N ASN G 37 18.40 -1.22 54.11
CA ASN G 37 19.23 -0.76 55.22
C ASN G 37 18.74 0.59 55.74
N GLY G 38 18.00 1.31 54.91
CA GLY G 38 17.43 2.58 55.29
C GLY G 38 16.23 2.39 56.21
N GLY G 39 15.69 1.19 56.24
CA GLY G 39 14.68 0.82 57.22
C GLY G 39 13.26 0.63 56.70
N VAL G 40 13.09 0.58 55.38
CA VAL G 40 11.77 0.44 54.78
C VAL G 40 11.13 -0.90 55.17
N ASP G 41 9.81 -0.98 55.02
CA ASP G 41 9.06 -2.17 55.44
C ASP G 41 8.67 -3.06 54.28
N GLY G 42 8.90 -2.56 53.05
CA GLY G 42 8.56 -3.30 51.86
C GLY G 42 9.06 -2.56 50.65
N LEU G 43 8.94 -3.19 49.49
CA LEU G 43 9.37 -2.57 48.23
C LEU G 43 8.27 -2.68 47.20
N PHE G 44 8.05 -1.59 46.47
CA PHE G 44 7.13 -1.56 45.35
C PHE G 44 7.94 -1.46 44.06
N ALA G 45 8.04 -2.57 43.34
CA ALA G 45 8.78 -2.62 42.10
C ALA G 45 7.86 -2.33 40.92
N LEU G 46 8.39 -1.64 39.90
CA LEU G 46 7.65 -1.34 38.67
C LEU G 46 6.43 -0.46 38.91
N GLY G 47 6.59 0.53 39.78
CA GLY G 47 5.61 1.58 39.94
C GLY G 47 5.96 2.71 39.00
N SER G 48 5.21 3.81 39.11
CA SER G 48 5.41 4.95 38.24
C SER G 48 6.83 5.52 38.38
N SER G 49 7.29 5.65 39.63
CA SER G 49 8.62 6.19 39.91
C SER G 49 9.73 5.25 39.43
N GLY G 50 9.37 4.00 39.17
CA GLY G 50 10.30 3.04 38.63
C GLY G 50 10.41 3.13 37.12
N GLU G 51 9.79 4.17 36.57
CA GLU G 51 9.74 4.38 35.11
C GLU G 51 9.12 3.17 34.39
N ALA G 52 8.14 2.54 35.04
CA ALA G 52 7.49 1.38 34.45
C ALA G 52 6.85 1.70 33.09
N ALA G 53 6.31 2.91 32.96
CA ALA G 53 5.72 3.34 31.71
C ALA G 53 6.76 3.46 30.59
N PHE G 54 8.03 3.53 30.97
CA PHE G 54 9.13 3.78 30.04
C PHE G 54 9.90 2.51 29.70
N LEU G 55 9.69 1.46 30.50
CA LEU G 55 10.39 0.19 30.33
C LEU G 55 9.61 -0.79 29.48
N THR G 56 10.32 -1.51 28.61
CA THR G 56 9.69 -2.57 27.86
C THR G 56 9.36 -3.71 28.80
N ARG G 57 8.51 -4.63 28.36
CA ARG G 57 8.11 -5.76 29.19
C ARG G 57 9.33 -6.58 29.64
N ALA G 58 10.33 -6.70 28.77
CA ALA G 58 11.52 -7.47 29.10
C ALA G 58 12.38 -6.74 30.13
N GLN G 59 12.49 -5.43 29.97
CA GLN G 59 13.21 -4.63 30.95
C GLN G 59 12.53 -4.69 32.32
N ARG G 60 11.19 -4.69 32.32
CA ARG G 60 10.45 -4.78 33.57
C ARG G 60 10.75 -6.08 34.31
N LYS G 61 10.81 -7.17 33.57
CA LYS G 61 11.08 -8.49 34.15
C LYS G 61 12.47 -8.55 34.76
N LEU G 62 13.45 -8.01 34.07
CA LEU G 62 14.82 -7.99 34.58
C LEU G 62 14.92 -7.11 35.82
N ALA G 63 14.25 -5.96 35.80
CA ALA G 63 14.24 -5.07 36.95
C ALA G 63 13.58 -5.74 38.17
N LEU G 64 12.46 -6.41 37.93
CA LEU G 64 11.70 -7.05 38.99
C LEU G 64 12.49 -8.21 39.60
N THR G 65 13.03 -9.04 38.72
CA THR G 65 13.81 -10.20 39.15
C THR G 65 15.03 -9.76 39.94
N THR G 66 15.72 -8.72 39.47
CA THR G 66 16.88 -8.17 40.16
C THR G 66 16.52 -7.76 41.59
N ILE G 67 15.44 -7.00 41.70
CA ILE G 67 14.99 -6.50 43.00
C ILE G 67 14.62 -7.63 43.95
N ILE G 68 13.80 -8.57 43.47
CA ILE G 68 13.35 -9.68 44.29
C ILE G 68 14.52 -10.53 44.77
N GLU G 69 15.44 -10.86 43.86
CA GLU G 69 16.49 -11.79 44.21
C GLU G 69 17.55 -11.14 45.10
N HIS G 70 17.83 -9.86 44.89
CA HIS G 70 18.78 -9.18 45.76
C HIS G 70 18.17 -8.86 47.11
N THR G 71 16.84 -8.76 47.15
CA THR G 71 16.15 -8.50 48.41
C THR G 71 16.31 -9.71 49.31
N ALA G 72 16.23 -10.89 48.71
CA ALA G 72 16.46 -12.15 49.41
C ALA G 72 15.61 -12.28 50.66
N GLY G 73 14.33 -11.95 50.52
CA GLY G 73 13.36 -12.16 51.58
C GLY G 73 13.43 -11.20 52.75
N ARG G 74 14.36 -10.25 52.72
CA ARG G 74 14.52 -9.29 53.82
C ARG G 74 13.23 -8.49 54.09
N VAL G 75 12.62 -7.98 53.02
CA VAL G 75 11.32 -7.33 53.11
C VAL G 75 10.45 -7.84 51.96
N PRO G 76 9.12 -7.77 52.10
CA PRO G 76 8.28 -8.24 51.00
C PRO G 76 8.32 -7.31 49.79
N VAL G 77 8.16 -7.86 48.59
CA VAL G 77 8.17 -7.08 47.36
C VAL G 77 6.85 -7.23 46.64
N THR G 78 6.24 -6.09 46.30
CA THR G 78 5.02 -6.13 45.50
C THR G 78 5.35 -5.58 44.12
N ALA G 79 4.66 -6.10 43.11
CA ALA G 79 4.99 -5.75 41.73
C ALA G 79 3.85 -5.02 41.01
N GLY G 80 4.18 -3.90 40.39
CA GLY G 80 3.22 -3.20 39.54
C GLY G 80 2.91 -4.01 38.30
N VAL G 81 1.66 -3.97 37.87
CA VAL G 81 1.25 -4.62 36.64
C VAL G 81 0.51 -3.60 35.78
N ILE G 82 1.13 -2.45 35.61
CA ILE G 82 0.52 -1.32 34.91
C ILE G 82 0.49 -1.52 33.41
N GLU G 83 -0.73 -1.61 32.86
CA GLU G 83 -0.95 -1.67 31.42
C GLU G 83 -2.35 -1.14 31.12
N THR G 84 -2.66 -0.95 29.83
CA THR G 84 -3.89 -0.26 29.45
C THR G 84 -5.17 -1.01 29.81
N THR G 85 -5.22 -2.32 29.54
CA THR G 85 -6.44 -3.09 29.79
C THR G 85 -6.13 -4.46 30.38
N THR G 86 -7.21 -5.18 30.66
CA THR G 86 -7.17 -6.39 31.47
C THR G 86 -6.25 -7.49 30.93
N ALA G 87 -6.39 -7.83 29.65
CA ALA G 87 -5.61 -8.92 29.07
C ALA G 87 -4.10 -8.62 29.11
N ARG G 88 -3.74 -7.37 28.90
CA ARG G 88 -2.35 -6.96 28.93
C ARG G 88 -1.80 -6.92 30.36
N VAL G 89 -2.65 -6.55 31.32
CA VAL G 89 -2.25 -6.56 32.73
C VAL G 89 -2.00 -8.00 33.20
N ILE G 90 -2.85 -8.92 32.77
CA ILE G 90 -2.74 -10.31 33.20
C ILE G 90 -1.42 -10.94 32.71
N GLU G 91 -0.97 -10.58 31.50
CA GLU G 91 0.34 -11.01 31.03
C GLU G 91 1.43 -10.61 32.04
N LEU G 92 1.25 -9.44 32.64
CA LEU G 92 2.22 -8.95 33.60
C LEU G 92 2.06 -9.62 34.94
N VAL G 93 0.87 -10.13 35.20
CA VAL G 93 0.59 -10.90 36.42
C VAL G 93 1.33 -12.23 36.33
N GLU G 94 1.25 -12.86 35.17
CA GLU G 94 1.99 -14.09 34.92
C GLU G 94 3.51 -13.86 35.06
N ASP G 95 4.01 -12.74 34.56
CA ASP G 95 5.42 -12.39 34.75
C ASP G 95 5.76 -12.24 36.23
N ALA G 96 4.85 -11.64 36.98
CA ALA G 96 5.08 -11.35 38.40
C ALA G 96 5.16 -12.63 39.22
N LEU G 97 4.23 -13.55 38.97
CA LEU G 97 4.24 -14.85 39.62
C LEU G 97 5.55 -15.58 39.34
N GLU G 98 5.93 -15.62 38.07
CA GLU G 98 7.17 -16.26 37.63
C GLU G 98 8.39 -15.73 38.38
N ALA G 99 8.40 -14.43 38.69
CA ALA G 99 9.53 -13.81 39.37
C ALA G 99 9.44 -14.01 40.88
N GLY G 100 8.29 -14.49 41.34
CA GLY G 100 8.09 -14.71 42.76
C GLY G 100 7.67 -13.45 43.52
N ALA G 101 6.89 -12.60 42.86
CA ALA G 101 6.34 -11.42 43.52
C ALA G 101 5.35 -11.83 44.60
N GLU G 102 5.28 -11.04 45.66
CA GLU G 102 4.45 -11.37 46.80
C GLU G 102 3.18 -10.54 46.84
N GLY G 103 3.02 -9.67 45.84
CA GLY G 103 1.86 -8.81 45.78
C GLY G 103 1.74 -8.17 44.41
N LEU G 104 0.58 -7.56 44.15
CA LEU G 104 0.32 -6.94 42.85
C LEU G 104 -0.26 -5.54 43.03
N VAL G 105 0.14 -4.61 42.16
CA VAL G 105 -0.42 -3.27 42.14
C VAL G 105 -0.96 -2.97 40.74
N ALA G 106 -2.25 -2.70 40.64
CA ALA G 106 -2.88 -2.40 39.35
C ALA G 106 -3.66 -1.09 39.38
N THR G 107 -3.74 -0.44 38.22
CA THR G 107 -4.57 0.75 38.06
C THR G 107 -5.86 0.39 37.34
N ALA G 108 -6.77 1.36 37.25
CA ALA G 108 -7.91 1.23 36.35
C ALA G 108 -7.40 1.12 34.91
N PRO G 109 -8.26 0.65 33.99
CA PRO G 109 -7.88 0.71 32.56
C PRO G 109 -7.62 2.15 32.14
N PHE G 110 -6.73 2.34 31.17
CA PHE G 110 -6.49 3.67 30.62
C PHE G 110 -6.23 3.60 29.12
N TYR G 111 -5.98 4.78 28.52
CA TYR G 111 -6.08 5.02 27.07
C TYR G 111 -7.55 4.86 26.64
N THR G 112 -8.10 3.66 26.75
CA THR G 112 -9.52 3.48 26.46
C THR G 112 -10.41 4.28 27.43
N ARG G 113 -11.57 4.67 26.94
CA ARG G 113 -12.64 5.18 27.78
C ARG G 113 -13.03 4.05 28.73
N THR G 114 -13.44 4.38 29.94
CA THR G 114 -13.84 3.31 30.85
C THR G 114 -15.05 3.76 31.68
N HIS G 115 -15.41 2.94 32.66
CA HIS G 115 -16.63 3.15 33.45
C HIS G 115 -16.41 2.41 34.76
N ASP G 116 -17.06 2.84 35.83
CA ASP G 116 -16.93 2.17 37.13
C ASP G 116 -17.24 0.67 37.06
N VAL G 117 -18.21 0.32 36.23
CA VAL G 117 -18.60 -1.08 36.04
C VAL G 117 -17.44 -1.88 35.46
N GLU G 118 -16.77 -1.28 34.48
CA GLU G 118 -15.67 -1.94 33.79
C GLU G 118 -14.39 -1.95 34.61
N ILE G 119 -14.21 -0.91 35.42
CA ILE G 119 -13.09 -0.85 36.35
C ILE G 119 -13.21 -1.99 37.37
N GLU G 120 -14.44 -2.23 37.81
CA GLU G 120 -14.70 -3.30 38.77
C GLU G 120 -14.41 -4.66 38.16
N GLU G 121 -14.94 -4.92 36.97
CA GLU G 121 -14.66 -6.17 36.26
C GLU G 121 -13.18 -6.38 36.04
N HIS G 122 -12.51 -5.34 35.54
CA HIS G 122 -11.07 -5.27 35.43
C HIS G 122 -10.34 -5.83 36.67
N PHE G 123 -10.63 -5.28 37.85
CA PHE G 123 -9.93 -5.70 39.07
C PHE G 123 -10.30 -7.14 39.45
N ARG G 124 -11.56 -7.51 39.25
CA ARG G 124 -12.00 -8.87 39.59
C ARG G 124 -11.24 -9.90 38.77
N LYS G 125 -11.02 -9.60 37.49
CA LYS G 125 -10.37 -10.55 36.60
C LYS G 125 -8.86 -10.58 36.80
N ILE G 126 -8.29 -9.44 37.20
CA ILE G 126 -6.89 -9.41 37.58
C ILE G 126 -6.67 -10.28 38.82
N HIS G 127 -7.54 -10.13 39.80
CA HIS G 127 -7.46 -10.92 41.03
C HIS G 127 -7.59 -12.42 40.73
N ALA G 128 -8.47 -12.76 39.79
CA ALA G 128 -8.72 -14.16 39.45
C ALA G 128 -7.49 -14.82 38.80
N ALA G 129 -6.59 -14.01 38.25
CA ALA G 129 -5.38 -14.52 37.61
C ALA G 129 -4.30 -14.90 38.64
N ALA G 130 -4.44 -14.38 39.85
CA ALA G 130 -3.52 -14.73 40.93
C ALA G 130 -4.21 -14.56 42.28
N PRO G 131 -5.20 -15.41 42.57
CA PRO G 131 -6.14 -15.23 43.68
C PRO G 131 -5.50 -15.25 45.07
N GLU G 132 -4.23 -15.60 45.18
CA GLU G 132 -3.61 -15.73 46.49
C GLU G 132 -2.54 -14.68 46.77
N LEU G 133 -2.36 -13.74 45.83
CA LEU G 133 -1.52 -12.57 46.09
C LEU G 133 -2.42 -11.40 46.47
N PRO G 134 -1.98 -10.59 47.44
CA PRO G 134 -2.67 -9.34 47.77
C PRO G 134 -2.65 -8.37 46.58
N LEU G 135 -3.83 -7.94 46.15
CA LEU G 135 -3.94 -7.01 45.03
C LEU G 135 -4.26 -5.61 45.53
N PHE G 136 -3.42 -4.65 45.20
CA PHE G 136 -3.63 -3.27 45.61
C PHE G 136 -4.09 -2.42 44.43
N ALA G 137 -5.13 -1.63 44.64
CA ALA G 137 -5.59 -0.71 43.61
C ALA G 137 -4.82 0.60 43.70
N TYR G 138 -4.26 1.00 42.56
CA TYR G 138 -3.39 2.15 42.44
C TYR G 138 -4.22 3.32 41.92
N ASN G 139 -4.61 4.23 42.80
CA ASN G 139 -5.37 5.40 42.40
C ASN G 139 -4.42 6.52 42.01
N ILE G 140 -4.28 6.73 40.70
CA ILE G 140 -3.36 7.76 40.20
C ILE G 140 -3.99 8.49 39.00
N PRO G 141 -4.95 9.38 39.30
CA PRO G 141 -5.72 10.06 38.25
C PRO G 141 -4.86 10.86 37.27
N VAL G 142 -3.72 11.38 37.71
CA VAL G 142 -2.87 12.20 36.84
C VAL G 142 -2.37 11.39 35.65
N SER G 143 -2.28 10.07 35.82
CA SER G 143 -1.77 9.19 34.78
C SER G 143 -2.88 8.39 34.09
N VAL G 144 -3.93 8.06 34.83
CA VAL G 144 -4.98 7.17 34.35
C VAL G 144 -6.26 7.90 33.94
N HIS G 145 -6.48 9.07 34.52
CA HIS G 145 -7.63 9.91 34.20
C HIS G 145 -8.96 9.21 34.47
N SER G 146 -8.92 8.39 35.50
CA SER G 146 -10.10 7.92 36.20
C SER G 146 -9.82 8.10 37.67
N ASN G 147 -10.87 8.32 38.46
CA ASN G 147 -10.77 8.28 39.91
C ASN G 147 -11.40 7.00 40.40
N LEU G 148 -10.68 6.25 41.24
CA LEU G 148 -11.26 5.01 41.75
C LEU G 148 -12.36 5.31 42.74
N ASN G 149 -13.55 4.81 42.43
CA ASN G 149 -14.71 5.00 43.28
C ASN G 149 -14.51 4.31 44.62
N PRO G 150 -14.56 5.07 45.72
CA PRO G 150 -14.30 4.50 47.05
C PRO G 150 -15.33 3.46 47.46
N VAL G 151 -16.56 3.61 46.97
CA VAL G 151 -17.60 2.62 47.25
C VAL G 151 -17.26 1.30 46.58
N MET G 152 -16.83 1.37 45.32
CA MET G 152 -16.40 0.20 44.58
C MET G 152 -15.22 -0.49 45.27
N LEU G 153 -14.30 0.32 45.77
CA LEU G 153 -13.10 -0.19 46.43
C LEU G 153 -13.44 -1.03 47.66
N LEU G 154 -14.39 -0.55 48.45
CA LEU G 154 -14.79 -1.26 49.68
C LEU G 154 -15.63 -2.49 49.35
N THR G 155 -16.45 -2.40 48.30
CA THR G 155 -17.17 -3.56 47.80
C THR G 155 -16.19 -4.67 47.40
N LEU G 156 -15.14 -4.30 46.70
CA LEU G 156 -14.11 -5.25 46.29
C LEU G 156 -13.30 -5.78 47.48
N ALA G 157 -13.09 -4.91 48.48
CA ALA G 157 -12.39 -5.32 49.70
C ALA G 157 -13.21 -6.37 50.43
N LYS G 158 -14.51 -6.11 50.52
CA LYS G 158 -15.42 -7.02 51.21
C LYS G 158 -15.49 -8.37 50.52
N ASP G 159 -15.28 -8.37 49.20
CA ASP G 159 -15.35 -9.59 48.41
C ASP G 159 -14.01 -10.33 48.38
N GLY G 160 -12.99 -9.75 49.00
CA GLY G 160 -11.67 -10.35 49.04
C GLY G 160 -10.84 -10.12 47.79
N VAL G 161 -11.34 -9.26 46.91
CA VAL G 161 -10.67 -9.00 45.63
C VAL G 161 -9.50 -8.04 45.79
N LEU G 162 -9.69 -6.99 46.59
CA LEU G 162 -8.63 -6.03 46.87
C LEU G 162 -8.13 -6.14 48.30
N ALA G 163 -6.81 -6.16 48.46
CA ALA G 163 -6.18 -6.18 49.77
C ALA G 163 -5.88 -4.77 50.25
N GLY G 164 -6.05 -3.79 49.37
CA GLY G 164 -5.79 -2.42 49.73
C GLY G 164 -5.69 -1.48 48.55
N THR G 165 -5.26 -0.25 48.83
CA THR G 165 -5.11 0.75 47.79
C THR G 165 -3.87 1.60 48.04
N LYS G 166 -3.18 1.98 46.98
CA LYS G 166 -2.19 3.03 47.05
C LYS G 166 -2.80 4.25 46.41
N ASP G 167 -2.95 5.33 47.19
CA ASP G 167 -3.64 6.50 46.67
C ASP G 167 -2.71 7.68 46.44
N SER G 168 -2.49 7.98 45.16
CA SER G 168 -1.61 9.07 44.77
C SER G 168 -2.40 10.21 44.16
N SER G 169 -3.65 10.36 44.60
CA SER G 169 -4.52 11.39 44.04
C SER G 169 -4.18 12.79 44.57
N GLY G 170 -3.46 12.85 45.68
CA GLY G 170 -3.08 14.11 46.28
C GLY G 170 -4.20 14.77 47.07
N ASN G 171 -5.32 14.07 47.21
CA ASN G 171 -6.48 14.61 47.91
C ASN G 171 -6.61 13.95 49.28
N ASP G 172 -6.03 14.59 50.29
CA ASP G 172 -5.99 13.99 51.62
C ASP G 172 -7.36 13.93 52.27
N GLY G 173 -8.23 14.88 51.93
CA GLY G 173 -9.60 14.81 52.42
C GLY G 173 -10.30 13.58 51.91
N ALA G 174 -10.03 13.22 50.66
CA ALA G 174 -10.67 12.06 50.06
C ALA G 174 -10.11 10.77 50.63
N ILE G 175 -8.80 10.75 50.84
CA ILE G 175 -8.15 9.59 51.45
C ILE G 175 -8.72 9.38 52.85
N ARG G 176 -8.79 10.47 53.61
CA ARG G 176 -9.36 10.43 54.96
C ARG G 176 -10.80 9.89 54.96
N SER G 177 -11.62 10.38 54.04
CA SER G 177 -12.99 9.91 53.92
C SER G 177 -13.06 8.40 53.63
N LEU G 178 -12.09 7.91 52.85
CA LEU G 178 -12.03 6.49 52.53
C LEU G 178 -11.66 5.69 53.76
N ILE G 179 -10.68 6.17 54.51
CA ILE G 179 -10.26 5.51 55.75
C ILE G 179 -11.44 5.43 56.71
N GLU G 180 -12.16 6.54 56.85
CA GLU G 180 -13.30 6.61 57.74
C GLU G 180 -14.40 5.64 57.29
N ALA G 181 -14.66 5.59 55.99
CA ALA G 181 -15.66 4.69 55.44
C ALA G 181 -15.26 3.22 55.63
N ARG G 182 -13.98 2.93 55.41
CA ARG G 182 -13.46 1.58 55.63
C ARG G 182 -13.69 1.13 57.05
N ASP G 183 -13.29 1.98 57.99
CA ASP G 183 -13.40 1.65 59.41
C ASP G 183 -14.86 1.48 59.82
N ASP G 184 -15.74 2.35 59.31
CA ASP G 184 -17.16 2.26 59.65
C ASP G 184 -17.79 0.99 59.07
N ALA G 185 -17.18 0.46 58.01
CA ALA G 185 -17.69 -0.74 57.35
C ALA G 185 -17.11 -2.01 57.96
N GLY G 186 -16.23 -1.83 58.93
CA GLY G 186 -15.56 -2.97 59.56
C GLY G 186 -14.63 -3.70 58.61
N LEU G 187 -13.92 -2.95 57.77
CA LEU G 187 -13.00 -3.56 56.79
C LEU G 187 -11.55 -3.15 57.06
N THR G 188 -11.29 -2.69 58.28
CA THR G 188 -10.00 -2.13 58.64
C THR G 188 -8.81 -3.06 58.38
N GLU G 189 -8.95 -4.33 58.74
CA GLU G 189 -7.87 -5.29 58.57
C GLU G 189 -7.83 -5.87 57.17
N GLN G 190 -8.97 -5.82 56.48
CA GLN G 190 -9.12 -6.46 55.18
C GLN G 190 -8.70 -5.57 54.01
N PHE G 191 -8.32 -4.32 54.30
CA PHE G 191 -8.10 -3.33 53.24
C PHE G 191 -7.13 -2.24 53.68
N LYS G 192 -5.86 -2.39 53.29
CA LYS G 192 -4.83 -1.47 53.72
C LYS G 192 -4.87 -0.20 52.89
N ILE G 193 -4.67 0.94 53.53
CA ILE G 193 -4.69 2.20 52.80
C ILE G 193 -3.35 2.91 52.91
N LEU G 194 -2.65 2.94 51.78
CA LEU G 194 -1.33 3.55 51.74
C LEU G 194 -1.42 4.84 50.95
N THR G 195 -0.80 5.90 51.45
CA THR G 195 -0.79 7.15 50.72
C THR G 195 0.44 7.21 49.81
N GLY G 196 0.26 7.73 48.61
CA GLY G 196 1.36 7.96 47.69
C GLY G 196 2.00 9.30 47.93
N SER G 197 1.46 10.05 48.89
CA SER G 197 1.95 11.38 49.21
C SER G 197 3.39 11.38 49.73
N GLU G 198 4.14 12.43 49.42
CA GLU G 198 5.51 12.56 49.89
C GLU G 198 5.63 13.66 50.94
N THR G 199 4.63 14.53 50.99
CA THR G 199 4.71 15.75 51.79
C THR G 199 3.61 15.88 52.84
N THR G 200 2.67 14.96 52.83
CA THR G 200 1.60 14.95 53.83
C THR G 200 1.44 13.55 54.42
N VAL G 201 2.57 12.92 54.72
CA VAL G 201 2.58 11.58 55.30
C VAL G 201 2.08 11.60 56.75
N ASP G 202 2.50 12.60 57.51
CA ASP G 202 2.00 12.74 58.88
C ASP G 202 0.48 12.89 58.89
N PHE G 203 -0.07 13.66 57.96
CA PHE G 203 -1.52 13.81 57.88
C PHE G 203 -2.17 12.45 57.75
N ALA G 204 -1.65 11.64 56.83
CA ALA G 204 -2.24 10.35 56.52
C ALA G 204 -2.22 9.44 57.74
N TYR G 205 -1.10 9.37 58.44
CA TYR G 205 -0.97 8.54 59.63
C TYR G 205 -1.90 9.03 60.75
N LEU G 206 -2.03 10.35 60.89
CA LEU G 206 -2.92 10.94 61.88
C LEU G 206 -4.36 10.51 61.63
N ALA G 207 -4.71 10.40 60.35
CA ALA G 207 -6.04 9.95 59.96
C ALA G 207 -6.18 8.43 59.99
N GLY G 208 -5.10 7.72 60.28
CA GLY G 208 -5.16 6.28 60.44
C GLY G 208 -4.79 5.45 59.22
N ALA G 209 -4.00 6.02 58.31
CA ALA G 209 -3.52 5.27 57.16
C ALA G 209 -2.55 4.19 57.62
N ASP G 210 -2.37 3.16 56.79
CA ASP G 210 -1.51 2.02 57.13
C ASP G 210 -0.07 2.19 56.67
N GLY G 211 0.18 3.08 55.73
CA GLY G 211 1.53 3.25 55.24
C GLY G 211 1.71 4.33 54.20
N VAL G 212 2.88 4.34 53.60
CA VAL G 212 3.22 5.37 52.63
C VAL G 212 4.08 4.79 51.51
N VAL G 213 3.80 5.22 50.29
CA VAL G 213 4.58 4.81 49.12
C VAL G 213 5.15 6.06 48.47
N PRO G 214 6.23 6.61 49.06
CA PRO G 214 6.79 7.90 48.65
C PRO G 214 7.93 7.77 47.65
N GLY G 215 7.83 8.47 46.51
CA GLY G 215 8.91 8.45 45.55
C GLY G 215 10.21 8.95 46.15
N LEU G 216 10.12 10.02 46.93
CA LEU G 216 11.29 10.62 47.58
C LEU G 216 11.94 9.64 48.56
N GLY G 217 11.19 8.60 48.93
CA GLY G 217 11.70 7.56 49.80
C GLY G 217 12.91 6.83 49.24
N ASN G 218 13.07 6.90 47.92
CA ASN G 218 14.27 6.37 47.27
C ASN G 218 15.52 7.12 47.70
N VAL G 219 15.39 8.44 47.86
CA VAL G 219 16.52 9.30 48.18
C VAL G 219 16.83 9.25 49.66
N ASP G 220 15.78 9.34 50.47
CA ASP G 220 15.93 9.39 51.91
C ASP G 220 15.00 8.39 52.61
N PRO G 221 15.27 7.08 52.44
CA PRO G 221 14.43 6.07 53.09
C PRO G 221 14.46 6.20 54.61
N ALA G 222 15.58 6.66 55.15
CA ALA G 222 15.73 6.77 56.61
C ALA G 222 14.80 7.83 57.19
N ALA G 223 14.56 8.89 56.42
CA ALA G 223 13.69 9.98 56.87
C ALA G 223 12.25 9.52 57.00
N TYR G 224 11.78 8.73 56.04
CA TYR G 224 10.41 8.24 56.06
C TYR G 224 10.25 7.13 57.10
N ALA G 225 11.31 6.35 57.30
CA ALA G 225 11.30 5.37 58.36
C ALA G 225 11.18 6.07 59.72
N ALA G 226 11.93 7.14 59.89
CA ALA G 226 11.92 7.88 61.15
C ALA G 226 10.58 8.58 61.35
N LEU G 227 10.04 9.10 60.26
CA LEU G 227 8.75 9.77 60.30
C LEU G 227 7.64 8.81 60.73
N ALA G 228 7.59 7.65 60.08
CA ALA G 228 6.56 6.66 60.36
C ALA G 228 6.57 6.23 61.83
N LYS G 229 7.77 6.02 62.38
CA LYS G 229 7.86 5.59 63.78
C LYS G 229 7.35 6.68 64.71
N LEU G 230 7.72 7.93 64.41
CA LEU G 230 7.22 9.06 65.18
C LEU G 230 5.70 9.08 65.20
N CYS G 231 5.09 8.84 64.04
CA CYS G 231 3.64 8.82 63.93
C CYS G 231 3.02 7.64 64.68
N LEU G 232 3.64 6.47 64.56
CA LEU G 232 3.16 5.30 65.28
C LEU G 232 3.25 5.47 66.80
N ASP G 233 4.23 6.26 67.24
CA ASP G 233 4.43 6.50 68.67
C ASP G 233 3.61 7.70 69.15
N GLY G 234 2.85 8.32 68.25
CA GLY G 234 1.98 9.42 68.62
C GLY G 234 2.70 10.73 68.88
N LYS G 235 3.93 10.83 68.41
CA LYS G 235 4.67 12.07 68.53
C LYS G 235 4.40 12.95 67.31
N TRP G 236 3.23 13.56 67.30
CA TRP G 236 2.75 14.26 66.11
C TRP G 236 3.49 15.58 65.85
N ALA G 237 3.77 16.33 66.90
CA ALA G 237 4.49 17.58 66.75
C ALA G 237 5.89 17.32 66.20
N GLU G 238 6.51 16.24 66.64
CA GLU G 238 7.85 15.90 66.19
C GLU G 238 7.80 15.39 64.74
N ALA G 239 6.77 14.61 64.44
CA ALA G 239 6.58 14.08 63.10
C ALA G 239 6.37 15.20 62.09
N ALA G 240 5.57 16.19 62.46
CA ALA G 240 5.30 17.32 61.58
C ALA G 240 6.58 18.12 61.31
N ALA G 241 7.44 18.21 62.32
CA ALA G 241 8.70 18.92 62.15
C ALA G 241 9.63 18.17 61.19
N LEU G 242 9.62 16.84 61.27
CA LEU G 242 10.42 16.03 60.36
C LEU G 242 9.81 16.05 58.94
N GLN G 243 8.49 16.06 58.88
CA GLN G 243 7.80 16.14 57.59
C GLN G 243 8.16 17.43 56.87
N LYS G 244 8.24 18.52 57.62
CA LYS G 244 8.63 19.81 57.06
C LYS G 244 10.06 19.78 56.50
N ARG G 245 10.97 19.08 57.19
CA ARG G 245 12.32 18.94 56.69
C ARG G 245 12.35 18.15 55.39
N ILE G 246 11.66 17.02 55.39
CA ILE G 246 11.48 16.18 54.22
C ILE G 246 10.91 17.00 53.05
N ASN G 247 9.99 17.91 53.38
CA ASN G 247 9.36 18.74 52.36
C ASN G 247 10.31 19.77 51.75
N HIS G 248 11.39 20.08 52.45
CA HIS G 248 12.42 20.94 51.88
C HIS G 248 13.40 20.11 51.05
N LEU G 249 13.57 18.85 51.41
CA LEU G 249 14.35 17.93 50.58
C LEU G 249 13.61 17.72 49.25
N PHE G 250 12.29 17.69 49.33
CA PHE G 250 11.42 17.45 48.17
C PHE G 250 11.61 18.51 47.08
N HIS G 251 12.18 19.66 47.45
CA HIS G 251 12.42 20.75 46.51
C HIS G 251 13.29 20.34 45.33
N ILE G 252 13.97 19.20 45.43
CA ILE G 252 14.82 18.73 44.34
C ILE G 252 13.98 18.46 43.08
N VAL G 253 12.69 18.21 43.24
CA VAL G 253 11.85 17.92 42.06
C VAL G 253 11.44 19.17 41.32
N PHE G 254 11.67 20.33 41.92
CA PHE G 254 11.26 21.58 41.31
C PHE G 254 12.42 22.36 40.72
N VAL G 255 13.58 21.71 40.64
CA VAL G 255 14.76 22.37 40.11
C VAL G 255 14.74 22.40 38.59
N GLY G 256 14.38 21.26 37.99
CA GLY G 256 14.36 21.14 36.54
C GLY G 256 13.41 22.15 35.91
N ASP G 257 13.88 22.82 34.86
CA ASP G 257 13.09 23.87 34.21
C ASP G 257 11.98 23.24 33.38
N THR G 258 10.76 23.26 33.90
CA THR G 258 9.63 22.60 33.23
C THR G 258 9.12 23.41 32.02
N SER G 259 9.82 24.49 31.68
CA SER G 259 9.50 25.21 30.45
C SER G 259 9.98 24.39 29.25
N HIS G 260 10.89 23.44 29.48
CA HIS G 260 11.34 22.57 28.41
C HIS G 260 11.54 21.12 28.84
N MET G 261 10.87 20.60 29.88
CA MET G 261 10.70 19.19 30.23
C MET G 261 9.41 18.98 31.00
N SER G 262 9.06 17.72 31.04
CA SER G 262 7.90 17.26 31.81
C SER G 262 8.21 17.18 33.30
N GLY G 263 7.17 17.03 34.10
CA GLY G 263 7.33 16.86 35.55
C GLY G 263 8.06 15.57 35.88
N SER G 264 7.92 14.57 35.01
CA SER G 264 8.63 13.30 35.17
C SER G 264 10.13 13.49 35.01
N SER G 265 10.53 14.27 34.00
CA SER G 265 11.93 14.58 33.79
C SER G 265 12.52 15.31 35.00
N ALA G 266 11.83 16.34 35.47
CA ALA G 266 12.34 17.13 36.58
C ALA G 266 12.29 16.37 37.90
N GLY G 267 11.21 15.62 38.10
CA GLY G 267 10.98 14.95 39.36
C GLY G 267 11.83 13.70 39.54
N LEU G 268 11.66 12.75 38.63
CA LEU G 268 12.43 11.51 38.69
C LEU G 268 13.91 11.78 38.41
N GLY G 269 14.18 12.66 37.46
CA GLY G 269 15.55 13.11 37.20
C GLY G 269 16.17 13.71 38.44
N GLY G 270 15.38 14.44 39.21
CA GLY G 270 15.83 15.01 40.46
C GLY G 270 16.19 13.93 41.48
N PHE G 271 15.34 12.92 41.58
CA PHE G 271 15.60 11.80 42.47
C PHE G 271 16.88 11.07 42.07
N LYS G 272 17.05 10.79 40.77
CA LYS G 272 18.22 10.05 40.30
C LYS G 272 19.51 10.85 40.46
N THR G 273 19.42 12.16 40.24
CA THR G 273 20.55 13.05 40.49
C THR G 273 20.99 12.96 41.94
N ALA G 274 20.02 12.99 42.85
CA ALA G 274 20.29 12.86 44.27
C ALA G 274 20.98 11.54 44.57
N LEU G 275 20.44 10.45 44.03
CA LEU G 275 21.00 9.12 44.29
C LEU G 275 22.42 9.00 43.75
N ALA G 276 22.68 9.62 42.60
CA ALA G 276 24.02 9.61 42.03
C ALA G 276 24.97 10.40 42.92
N HIS G 277 24.49 11.55 43.41
CA HIS G 277 25.30 12.40 44.28
C HIS G 277 25.65 11.70 45.57
N LEU G 278 24.76 10.83 46.05
CA LEU G 278 24.98 10.08 47.27
C LEU G 278 25.75 8.79 47.00
N GLY G 279 26.11 8.59 45.73
CA GLY G 279 26.91 7.45 45.32
C GLY G 279 26.17 6.12 45.33
N ILE G 280 24.84 6.18 45.35
CA ILE G 280 24.02 4.97 45.39
C ILE G 280 23.84 4.34 44.01
N ILE G 281 23.75 5.18 42.99
CA ILE G 281 23.65 4.69 41.62
C ILE G 281 24.70 5.33 40.74
N GLU G 282 25.01 4.67 39.63
CA GLU G 282 26.08 5.11 38.75
C GLU G 282 25.83 6.52 38.19
N SER G 283 24.64 6.74 37.62
CA SER G 283 24.32 8.05 37.07
C SER G 283 22.82 8.33 37.08
N ASN G 284 22.46 9.56 36.69
CA ASN G 284 21.06 9.95 36.62
C ASN G 284 20.44 9.72 35.26
N ALA G 285 20.97 8.75 34.51
CA ALA G 285 20.44 8.47 33.17
C ALA G 285 18.94 8.15 33.23
N MET G 286 18.19 8.73 32.31
CA MET G 286 16.74 8.55 32.25
C MET G 286 16.32 7.87 30.95
N ALA G 287 15.16 7.22 30.97
CA ALA G 287 14.61 6.60 29.78
C ALA G 287 14.06 7.64 28.80
N VAL G 288 14.07 7.32 27.51
CA VAL G 288 13.52 8.16 26.45
C VAL G 288 11.99 8.25 26.58
N PRO G 289 11.40 9.44 26.39
CA PRO G 289 11.96 10.72 25.95
C PRO G 289 12.24 11.74 27.06
N HIS G 290 12.67 11.30 28.24
CA HIS G 290 13.02 12.24 29.31
C HIS G 290 14.10 13.22 28.88
N GLN G 291 13.99 14.44 29.37
CA GLN G 291 15.02 15.45 29.14
C GLN G 291 16.05 15.40 30.24
N SER G 292 17.30 15.73 29.89
CA SER G 292 18.38 15.70 30.85
C SER G 292 18.45 17.02 31.64
N LEU G 293 18.89 16.93 32.89
CA LEU G 293 19.09 18.11 33.70
C LEU G 293 20.46 18.72 33.44
N SER G 294 20.52 20.04 33.40
CA SER G 294 21.76 20.76 33.16
C SER G 294 22.72 20.62 34.34
N ASP G 295 23.95 21.09 34.16
CA ASP G 295 24.95 21.03 35.21
C ASP G 295 24.58 21.97 36.35
N GLU G 296 24.01 23.12 36.00
CA GLU G 296 23.53 24.07 37.00
C GLU G 296 22.41 23.44 37.82
N GLU G 297 21.54 22.72 37.14
CA GLU G 297 20.41 22.10 37.80
C GLU G 297 20.85 20.97 38.74
N THR G 298 21.78 20.14 38.29
CA THR G 298 22.25 19.05 39.15
C THR G 298 22.98 19.64 40.36
N ALA G 299 23.68 20.76 40.16
CA ALA G 299 24.40 21.43 41.24
C ALA G 299 23.43 21.94 42.31
N ARG G 300 22.31 22.50 41.87
CA ARG G 300 21.29 22.99 42.79
C ARG G 300 20.69 21.84 43.58
N ILE G 301 20.48 20.72 42.90
CA ILE G 301 19.93 19.52 43.52
C ILE G 301 20.88 18.97 44.58
N HIS G 302 22.17 18.91 44.25
CA HIS G 302 23.19 18.49 45.22
C HIS G 302 23.12 19.32 46.49
N ALA G 303 23.01 20.64 46.33
CA ALA G 303 23.03 21.56 47.46
C ALA G 303 21.81 21.36 48.36
N ILE G 304 20.66 21.10 47.75
CA ILE G 304 19.45 20.82 48.51
C ILE G 304 19.58 19.51 49.27
N VAL G 305 20.14 18.49 48.61
CA VAL G 305 20.33 17.20 49.26
C VAL G 305 21.30 17.33 50.43
N ASP G 306 22.39 18.04 50.20
CA ASP G 306 23.40 18.25 51.23
C ASP G 306 22.82 18.91 52.48
N GLU G 307 21.91 19.86 52.27
CA GLU G 307 21.37 20.62 53.40
C GLU G 307 20.27 19.88 54.15
N PHE G 308 19.42 19.14 53.45
CA PHE G 308 18.20 18.62 54.08
C PHE G 308 18.09 17.11 54.22
N LEU G 309 19.08 16.36 53.72
CA LEU G 309 19.06 14.91 53.91
C LEU G 309 19.01 14.60 55.40
N TYR G 310 18.26 13.56 55.77
CA TYR G 310 18.05 13.21 57.17
C TYR G 310 19.33 12.68 57.81
N THR G 311 19.58 13.11 59.05
CA THR G 311 20.78 12.77 59.82
C THR G 311 21.21 11.30 59.72
N SER H 3 5.05 11.40 -3.59
CA SER H 3 3.59 11.38 -3.69
C SER H 3 3.01 10.58 -2.53
N ALA H 4 2.00 11.16 -1.86
CA ALA H 4 1.46 10.57 -0.65
C ALA H 4 0.84 9.21 -0.88
N THR H 5 0.88 8.37 0.15
CA THR H 5 0.31 7.03 0.09
C THR H 5 -1.07 6.99 0.75
N PHE H 6 -1.18 7.66 1.88
CA PHE H 6 -2.39 7.57 2.69
C PHE H 6 -3.27 8.81 2.62
N THR H 7 -4.18 8.79 1.65
CA THR H 7 -5.21 9.81 1.51
C THR H 7 -6.54 9.11 1.32
N GLY H 8 -7.63 9.87 1.31
CA GLY H 8 -8.94 9.32 1.07
C GLY H 8 -9.56 8.65 2.30
N VAL H 9 -10.43 7.67 2.05
CA VAL H 9 -11.19 6.99 3.10
C VAL H 9 -10.38 5.81 3.63
N ILE H 10 -10.01 5.88 4.91
CA ILE H 10 -9.11 4.90 5.51
C ILE H 10 -9.65 4.48 6.87
N PRO H 11 -10.55 3.48 6.89
CA PRO H 11 -11.15 3.14 8.19
C PRO H 11 -10.18 2.48 9.16
N PRO H 12 -10.39 2.71 10.45
CA PRO H 12 -9.63 1.98 11.47
C PRO H 12 -10.26 0.61 11.64
N VAL H 13 -9.65 -0.40 11.02
CA VAL H 13 -10.24 -1.72 10.98
C VAL H 13 -10.50 -2.25 12.38
N MET H 14 -11.70 -2.79 12.59
CA MET H 14 -12.01 -3.41 13.87
C MET H 14 -11.36 -4.79 13.97
N THR H 15 -11.33 -5.32 15.18
CA THR H 15 -10.83 -6.68 15.43
C THR H 15 -11.97 -7.58 15.90
N PRO H 16 -12.55 -8.36 14.97
CA PRO H 16 -13.54 -9.35 15.38
C PRO H 16 -12.91 -10.36 16.33
N LEU H 17 -13.68 -10.83 17.31
CA LEU H 17 -13.15 -11.73 18.33
C LEU H 17 -14.03 -12.97 18.49
N HIS H 18 -13.44 -14.00 19.09
CA HIS H 18 -14.21 -15.15 19.54
C HIS H 18 -14.72 -14.87 20.95
N ALA H 19 -15.65 -15.70 21.44
CA ALA H 19 -16.20 -15.50 22.77
C ALA H 19 -15.13 -15.54 23.85
N ASP H 20 -14.05 -16.28 23.62
CA ASP H 20 -12.97 -16.39 24.59
C ASP H 20 -11.94 -15.27 24.45
N GLY H 21 -12.24 -14.31 23.59
CA GLY H 21 -11.39 -13.12 23.45
C GLY H 21 -10.26 -13.24 22.46
N SER H 22 -10.12 -14.40 21.82
CA SER H 22 -9.07 -14.57 20.83
C SER H 22 -9.48 -13.91 19.51
N VAL H 23 -8.51 -13.55 18.69
CA VAL H 23 -8.79 -12.91 17.40
C VAL H 23 -9.51 -13.87 16.46
N ASP H 24 -10.65 -13.41 15.92
CA ASP H 24 -11.41 -14.18 14.94
C ASP H 24 -10.88 -13.89 13.53
N VAL H 25 -9.91 -14.69 13.08
CA VAL H 25 -9.20 -14.39 11.85
C VAL H 25 -10.08 -14.53 10.62
N GLU H 26 -11.04 -15.47 10.65
CA GLU H 26 -11.93 -15.69 9.53
C GLU H 26 -12.86 -14.50 9.35
N SER H 27 -13.32 -13.94 10.46
CA SER H 27 -14.18 -12.75 10.39
C SER H 27 -13.38 -11.52 10.02
N LEU H 28 -12.15 -11.44 10.51
CA LEU H 28 -11.27 -10.32 10.20
C LEU H 28 -10.98 -10.27 8.69
N ARG H 29 -10.81 -11.43 8.05
CA ARG H 29 -10.64 -11.45 6.60
C ARG H 29 -11.90 -10.98 5.89
N LYS H 30 -13.05 -11.46 6.32
CA LYS H 30 -14.32 -11.05 5.76
C LYS H 30 -14.53 -9.53 5.92
N LEU H 31 -14.12 -8.99 7.07
CA LEU H 31 -14.24 -7.55 7.30
C LEU H 31 -13.33 -6.78 6.35
N VAL H 32 -12.11 -7.28 6.16
CA VAL H 32 -11.15 -6.65 5.24
C VAL H 32 -11.73 -6.60 3.84
N ASP H 33 -12.33 -7.71 3.38
CA ASP H 33 -12.98 -7.73 2.07
C ASP H 33 -14.17 -6.77 2.00
N HIS H 34 -14.94 -6.70 3.09
CA HIS H 34 -16.07 -5.78 3.19
C HIS H 34 -15.64 -4.34 2.95
N LEU H 35 -14.53 -3.96 3.59
CA LEU H 35 -14.03 -2.59 3.51
C LEU H 35 -13.47 -2.28 2.12
N ILE H 36 -12.63 -3.18 1.62
CA ILE H 36 -12.02 -2.99 0.31
C ILE H 36 -13.05 -2.99 -0.83
N ASN H 37 -13.98 -3.93 -0.82
CA ASN H 37 -15.03 -3.96 -1.83
C ASN H 37 -16.02 -2.81 -1.65
N GLY H 38 -15.99 -2.19 -0.47
CA GLY H 38 -16.83 -1.03 -0.20
C GLY H 38 -16.23 0.24 -0.78
N GLY H 39 -15.00 0.15 -1.27
CA GLY H 39 -14.38 1.27 -1.97
C GLY H 39 -13.42 2.13 -1.17
N VAL H 40 -12.93 1.64 -0.04
CA VAL H 40 -11.99 2.41 0.78
C VAL H 40 -10.66 2.55 0.04
N ASP H 41 -9.90 3.56 0.44
CA ASP H 41 -8.62 3.87 -0.22
C ASP H 41 -7.41 3.31 0.52
N GLY H 42 -7.64 2.82 1.74
CA GLY H 42 -6.56 2.36 2.59
C GLY H 42 -7.16 1.74 3.84
N LEU H 43 -6.33 1.08 4.64
CA LEU H 43 -6.75 0.50 5.91
C LEU H 43 -5.80 0.90 7.02
N PHE H 44 -6.38 1.28 8.16
CA PHE H 44 -5.63 1.60 9.37
C PHE H 44 -5.79 0.44 10.35
N ALA H 45 -4.74 -0.37 10.46
CA ALA H 45 -4.76 -1.51 11.37
C ALA H 45 -4.26 -1.12 12.76
N LEU H 46 -4.87 -1.70 13.79
CA LEU H 46 -4.43 -1.52 15.18
C LEU H 46 -4.59 -0.07 15.64
N GLY H 47 -5.73 0.51 15.27
CA GLY H 47 -6.08 1.83 15.76
C GLY H 47 -6.96 1.68 16.99
N SER H 48 -7.52 2.78 17.47
CA SER H 48 -8.39 2.73 18.63
C SER H 48 -9.61 1.82 18.40
N SER H 49 -10.27 1.97 17.26
CA SER H 49 -11.49 1.22 16.95
C SER H 49 -11.21 -0.25 16.69
N GLY H 50 -9.93 -0.57 16.50
CA GLY H 50 -9.50 -1.95 16.36
C GLY H 50 -9.22 -2.59 17.71
N GLU H 51 -9.52 -1.86 18.79
CA GLU H 51 -9.30 -2.34 20.15
C GLU H 51 -7.83 -2.64 20.44
N ALA H 52 -6.95 -1.84 19.84
CA ALA H 52 -5.51 -2.01 20.05
C ALA H 52 -5.12 -1.92 21.54
N ALA H 53 -5.83 -1.09 22.31
CA ALA H 53 -5.51 -0.97 23.73
C ALA H 53 -5.92 -2.21 24.51
N PHE H 54 -6.76 -3.05 23.91
CA PHE H 54 -7.28 -4.25 24.56
C PHE H 54 -6.53 -5.52 24.15
N LEU H 55 -5.86 -5.46 23.01
CA LEU H 55 -5.15 -6.62 22.46
C LEU H 55 -3.73 -6.70 23.00
N THR H 56 -3.24 -7.93 23.20
CA THR H 56 -1.87 -8.12 23.62
C THR H 56 -0.97 -7.90 22.42
N ARG H 57 0.32 -7.74 22.66
CA ARG H 57 1.27 -7.56 21.57
C ARG H 57 1.18 -8.71 20.57
N ALA H 58 1.01 -9.93 21.07
CA ALA H 58 0.90 -11.10 20.21
C ALA H 58 -0.35 -11.04 19.35
N GLN H 59 -1.47 -10.62 19.95
CA GLN H 59 -2.74 -10.53 19.25
C GLN H 59 -2.71 -9.42 18.20
N ARG H 60 -2.01 -8.33 18.51
CA ARG H 60 -1.85 -7.23 17.56
C ARG H 60 -1.11 -7.71 16.33
N LYS H 61 -0.05 -8.48 16.56
CA LYS H 61 0.74 -9.03 15.47
C LYS H 61 -0.11 -9.94 14.59
N LEU H 62 -0.94 -10.77 15.21
CA LEU H 62 -1.82 -11.67 14.46
C LEU H 62 -2.85 -10.90 13.65
N ALA H 63 -3.45 -9.89 14.28
CA ALA H 63 -4.43 -9.06 13.60
C ALA H 63 -3.80 -8.33 12.42
N LEU H 64 -2.65 -7.72 12.64
CA LEU H 64 -1.96 -6.95 11.61
C LEU H 64 -1.57 -7.82 10.42
N THR H 65 -1.00 -8.98 10.71
CA THR H 65 -0.57 -9.91 9.66
C THR H 65 -1.77 -10.43 8.87
N THR H 66 -2.86 -10.73 9.56
CA THR H 66 -4.08 -11.17 8.89
C THR H 66 -4.58 -10.12 7.91
N ILE H 67 -4.58 -8.87 8.34
CA ILE H 67 -5.06 -7.78 7.50
C ILE H 67 -4.18 -7.59 6.27
N ILE H 68 -2.88 -7.46 6.49
CA ILE H 68 -1.93 -7.23 5.39
C ILE H 68 -1.95 -8.36 4.38
N GLU H 69 -1.91 -9.61 4.87
CA GLU H 69 -1.91 -10.77 3.99
C GLU H 69 -3.18 -10.86 3.16
N HIS H 70 -4.35 -10.66 3.79
CA HIS H 70 -5.60 -10.81 3.06
C HIS H 70 -5.85 -9.66 2.09
N THR H 71 -5.37 -8.46 2.45
CA THR H 71 -5.52 -7.28 1.60
C THR H 71 -4.82 -7.52 0.25
N ALA H 72 -3.68 -8.17 0.30
CA ALA H 72 -2.97 -8.61 -0.90
C ALA H 72 -2.64 -7.46 -1.83
N GLY H 73 -2.25 -6.33 -1.25
CA GLY H 73 -1.84 -5.17 -2.02
C GLY H 73 -2.94 -4.36 -2.69
N ARG H 74 -4.20 -4.72 -2.44
CA ARG H 74 -5.33 -4.03 -3.09
C ARG H 74 -5.42 -2.57 -2.67
N VAL H 75 -5.07 -2.29 -1.41
CA VAL H 75 -4.96 -0.94 -0.87
C VAL H 75 -3.80 -0.92 0.14
N PRO H 76 -3.22 0.26 0.40
CA PRO H 76 -2.17 0.30 1.41
C PRO H 76 -2.68 0.13 2.85
N VAL H 77 -1.85 -0.45 3.70
CA VAL H 77 -2.20 -0.67 5.11
C VAL H 77 -1.20 0.05 6.01
N THR H 78 -1.71 0.89 6.90
CA THR H 78 -0.84 1.52 7.88
C THR H 78 -1.10 0.89 9.25
N ALA H 79 -0.06 0.84 10.08
CA ALA H 79 -0.11 0.13 11.35
C ALA H 79 -0.01 1.05 12.57
N GLY H 80 -0.97 0.93 13.48
CA GLY H 80 -0.87 1.61 14.76
C GLY H 80 0.26 1.05 15.60
N VAL H 81 0.96 1.93 16.30
CA VAL H 81 2.03 1.52 17.21
C VAL H 81 1.79 2.21 18.55
N ILE H 82 0.57 2.05 19.04
CA ILE H 82 0.12 2.74 20.23
C ILE H 82 0.68 2.09 21.48
N GLU H 83 1.45 2.86 22.24
CA GLU H 83 1.99 2.40 23.53
C GLU H 83 2.41 3.63 24.32
N THR H 84 2.75 3.44 25.58
CA THR H 84 2.93 4.57 26.48
C THR H 84 4.14 5.47 26.18
N THR H 85 5.28 4.88 25.85
CA THR H 85 6.49 5.66 25.65
C THR H 85 7.32 5.09 24.51
N THR H 86 8.39 5.80 24.17
CA THR H 86 9.15 5.59 22.95
C THR H 86 9.68 4.17 22.77
N ALA H 87 10.37 3.64 23.78
CA ALA H 87 10.95 2.30 23.70
C ALA H 87 9.90 1.25 23.41
N ARG H 88 8.78 1.34 24.12
CA ARG H 88 7.68 0.42 23.90
C ARG H 88 7.05 0.60 22.51
N VAL H 89 7.01 1.83 22.01
CA VAL H 89 6.47 2.05 20.67
C VAL H 89 7.41 1.46 19.61
N ILE H 90 8.71 1.64 19.80
CA ILE H 90 9.69 1.17 18.82
C ILE H 90 9.65 -0.36 18.71
N GLU H 91 9.38 -1.05 19.81
CA GLU H 91 9.15 -2.49 19.76
C GLU H 91 8.05 -2.82 18.76
N LEU H 92 6.99 -2.02 18.78
CA LEU H 92 5.86 -2.23 17.89
C LEU H 92 6.16 -1.82 16.45
N VAL H 93 7.10 -0.89 16.28
CA VAL H 93 7.54 -0.49 14.96
C VAL H 93 8.25 -1.67 14.31
N GLU H 94 9.08 -2.32 15.11
CA GLU H 94 9.78 -3.51 14.64
C GLU H 94 8.80 -4.60 14.23
N ASP H 95 7.75 -4.79 15.02
CA ASP H 95 6.68 -5.73 14.66
C ASP H 95 6.03 -5.36 13.34
N ALA H 96 5.72 -4.08 13.15
CA ALA H 96 5.06 -3.62 11.94
C ALA H 96 5.93 -3.84 10.71
N LEU H 97 7.21 -3.52 10.83
CA LEU H 97 8.18 -3.74 9.76
C LEU H 97 8.23 -5.20 9.36
N GLU H 98 8.29 -6.07 10.37
CA GLU H 98 8.32 -7.51 10.17
C GLU H 98 7.10 -7.98 9.38
N ALA H 99 5.94 -7.39 9.67
CA ALA H 99 4.68 -7.80 9.03
C ALA H 99 4.47 -7.16 7.65
N GLY H 100 5.31 -6.20 7.29
CA GLY H 100 5.20 -5.54 6.00
C GLY H 100 4.23 -4.37 5.94
N ALA H 101 4.02 -3.70 7.08
CA ALA H 101 3.20 -2.50 7.14
C ALA H 101 3.73 -1.43 6.17
N GLU H 102 2.83 -0.62 5.62
CA GLU H 102 3.21 0.42 4.67
C GLU H 102 3.18 1.83 5.26
N GLY H 103 2.80 1.91 6.52
CA GLY H 103 2.79 3.18 7.21
C GLY H 103 2.74 2.94 8.70
N LEU H 104 2.94 4.00 9.48
CA LEU H 104 2.92 3.92 10.94
C LEU H 104 2.01 5.02 11.48
N VAL H 105 1.31 4.71 12.57
CA VAL H 105 0.50 5.70 13.27
C VAL H 105 0.83 5.70 14.77
N ALA H 106 1.29 6.84 15.28
CA ALA H 106 1.72 6.93 16.68
C ALA H 106 1.10 8.13 17.39
N THR H 107 0.86 7.98 18.69
CA THR H 107 0.37 9.08 19.52
C THR H 107 1.50 9.67 20.32
N ALA H 108 1.22 10.78 21.02
CA ALA H 108 2.12 11.31 22.03
C ALA H 108 2.29 10.29 23.14
N PRO H 109 3.34 10.44 23.96
CA PRO H 109 3.43 9.54 25.12
C PRO H 109 2.22 9.69 26.03
N PHE H 110 1.82 8.63 26.70
CA PHE H 110 0.77 8.75 27.70
C PHE H 110 1.08 7.90 28.93
N TYR H 111 0.13 7.94 29.86
CA TYR H 111 0.31 7.55 31.27
C TYR H 111 1.30 8.48 31.96
N THR H 112 2.56 8.47 31.53
CA THR H 112 3.53 9.43 32.03
C THR H 112 3.11 10.86 31.72
N ARG H 113 3.51 11.78 32.59
CA ARG H 113 3.39 13.19 32.30
C ARG H 113 4.30 13.47 31.11
N THR H 114 3.96 14.46 30.31
CA THR H 114 4.82 14.74 29.18
C THR H 114 4.86 16.24 28.89
N HIS H 115 5.48 16.58 27.76
CA HIS H 115 5.77 17.97 27.40
C HIS H 115 5.96 18.01 25.90
N ASP H 116 5.66 19.15 25.26
CA ASP H 116 5.86 19.28 23.81
C ASP H 116 7.28 18.90 23.36
N VAL H 117 8.27 19.24 24.17
CA VAL H 117 9.66 18.91 23.86
C VAL H 117 9.86 17.40 23.84
N GLU H 118 9.24 16.71 24.78
CA GLU H 118 9.35 15.27 24.88
C GLU H 118 8.50 14.57 23.82
N ILE H 119 7.35 15.14 23.49
CA ILE H 119 6.53 14.64 22.38
C ILE H 119 7.28 14.73 21.06
N GLU H 120 7.99 15.83 20.85
CA GLU H 120 8.73 16.00 19.61
C GLU H 120 9.87 14.98 19.51
N GLU H 121 10.62 14.81 20.59
CA GLU H 121 11.69 13.82 20.61
C GLU H 121 11.15 12.42 20.33
N HIS H 122 10.03 12.10 20.98
CA HIS H 122 9.30 10.86 20.79
C HIS H 122 9.05 10.56 19.30
N PHE H 123 8.44 11.50 18.59
CA PHE H 123 8.15 11.29 17.17
C PHE H 123 9.42 11.17 16.32
N ARG H 124 10.44 11.98 16.61
CA ARG H 124 11.69 11.89 15.87
C ARG H 124 12.34 10.51 16.03
N LYS H 125 12.32 9.98 17.26
CA LYS H 125 12.91 8.67 17.53
C LYS H 125 12.14 7.54 16.86
N ILE H 126 10.82 7.65 16.86
CA ILE H 126 9.99 6.64 16.21
C ILE H 126 10.27 6.63 14.71
N HIS H 127 10.36 7.81 14.12
CA HIS H 127 10.66 7.93 12.71
C HIS H 127 12.01 7.27 12.39
N ALA H 128 12.99 7.51 13.24
CA ALA H 128 14.34 6.99 13.04
C ALA H 128 14.35 5.45 13.00
N ALA H 129 13.38 4.84 13.66
CA ALA H 129 13.31 3.37 13.75
C ALA H 129 12.80 2.76 12.45
N ALA H 130 12.16 3.58 11.63
CA ALA H 130 11.65 3.14 10.33
C ALA H 130 11.53 4.33 9.38
N PRO H 131 12.69 4.90 8.99
CA PRO H 131 12.73 6.16 8.24
C PRO H 131 12.09 6.11 6.87
N GLU H 132 11.82 4.91 6.35
CA GLU H 132 11.25 4.82 5.01
C GLU H 132 9.75 4.61 5.02
N LEU H 133 9.15 4.54 6.20
CA LEU H 133 7.70 4.44 6.30
C LEU H 133 7.10 5.80 6.62
N PRO H 134 5.96 6.13 5.98
CA PRO H 134 5.23 7.35 6.38
C PRO H 134 4.75 7.24 7.82
N LEU H 135 5.06 8.25 8.63
CA LEU H 135 4.64 8.27 10.02
C LEU H 135 3.57 9.33 10.22
N PHE H 136 2.42 8.90 10.69
CA PHE H 136 1.30 9.80 10.96
C PHE H 136 1.15 10.01 12.46
N ALA H 137 1.02 11.27 12.86
CA ALA H 137 0.75 11.62 14.26
C ALA H 137 -0.75 11.50 14.52
N TYR H 138 -1.10 10.76 15.56
CA TYR H 138 -2.50 10.47 15.90
C TYR H 138 -2.91 11.39 17.05
N ASN H 139 -3.70 12.43 16.76
CA ASN H 139 -4.17 13.36 17.78
C ASN H 139 -5.47 12.86 18.35
N ILE H 140 -5.42 12.34 19.58
CA ILE H 140 -6.60 11.76 20.19
C ILE H 140 -6.59 12.08 21.69
N PRO H 141 -6.89 13.35 22.02
CA PRO H 141 -6.79 13.82 23.41
C PRO H 141 -7.64 13.02 24.40
N VAL H 142 -8.77 12.46 23.97
CA VAL H 142 -9.66 11.73 24.87
C VAL H 142 -8.96 10.52 25.46
N SER H 143 -7.93 10.03 24.78
CA SER H 143 -7.24 8.82 25.20
C SER H 143 -5.84 9.07 25.73
N VAL H 144 -5.14 10.06 25.19
CA VAL H 144 -3.76 10.28 25.63
C VAL H 144 -3.61 11.53 26.48
N HIS H 145 -4.62 12.39 26.46
CA HIS H 145 -4.68 13.57 27.33
C HIS H 145 -3.52 14.54 27.14
N SER H 146 -3.07 14.59 25.89
CA SER H 146 -2.24 15.69 25.39
C SER H 146 -2.91 16.14 24.10
N ASN H 147 -2.71 17.41 23.73
CA ASN H 147 -3.12 17.89 22.42
C ASN H 147 -1.88 18.14 21.59
N LEU H 148 -1.78 17.52 20.42
CA LEU H 148 -0.61 17.71 19.59
C LEU H 148 -0.53 19.15 19.09
N ASN H 149 0.59 19.80 19.40
CA ASN H 149 0.86 21.19 19.00
C ASN H 149 0.97 21.31 17.49
N PRO H 150 0.10 22.10 16.86
CA PRO H 150 0.13 22.15 15.39
C PRO H 150 1.42 22.75 14.85
N VAL H 151 2.01 23.68 15.59
CA VAL H 151 3.29 24.25 15.18
C VAL H 151 4.36 23.16 15.16
N MET H 152 4.36 22.33 16.21
CA MET H 152 5.28 21.20 16.28
C MET H 152 5.06 20.22 15.12
N LEU H 153 3.80 19.86 14.83
CA LEU H 153 3.52 18.96 13.73
C LEU H 153 4.10 19.48 12.41
N LEU H 154 3.93 20.79 12.16
CA LEU H 154 4.40 21.36 10.90
C LEU H 154 5.94 21.44 10.88
N THR H 155 6.55 21.67 12.04
CA THR H 155 8.02 21.62 12.14
C THR H 155 8.52 20.24 11.75
N LEU H 156 7.87 19.21 12.29
CA LEU H 156 8.22 17.83 11.98
C LEU H 156 7.93 17.47 10.52
N ALA H 157 6.87 18.03 9.94
CA ALA H 157 6.56 17.79 8.52
C ALA H 157 7.67 18.35 7.63
N LYS H 158 8.10 19.56 7.95
CA LYS H 158 9.15 20.23 7.18
C LYS H 158 10.48 19.46 7.28
N ASP H 159 10.74 18.86 8.43
CA ASP H 159 11.93 18.04 8.63
C ASP H 159 11.80 16.63 8.06
N GLY H 160 10.63 16.28 7.54
CA GLY H 160 10.43 14.97 6.94
C GLY H 160 10.13 13.85 7.91
N VAL H 161 9.89 14.19 9.17
CA VAL H 161 9.64 13.22 10.22
C VAL H 161 8.20 12.70 10.18
N LEU H 162 7.26 13.61 9.99
CA LEU H 162 5.85 13.24 9.89
C LEU H 162 5.31 13.37 8.45
N ALA H 163 4.56 12.36 8.02
CA ALA H 163 3.95 12.36 6.70
C ALA H 163 2.51 12.86 6.76
N GLY H 164 1.99 13.00 7.98
CA GLY H 164 0.65 13.52 8.15
C GLY H 164 0.14 13.41 9.56
N THR H 165 -1.14 13.72 9.74
CA THR H 165 -1.78 13.53 11.03
C THR H 165 -3.18 12.97 10.82
N LYS H 166 -3.59 12.12 11.77
CA LYS H 166 -4.97 11.73 11.89
CA LYS H 166 -4.97 11.71 11.87
C LYS H 166 -5.54 12.43 13.10
N ASP H 167 -6.50 13.32 12.89
CA ASP H 167 -6.95 14.15 14.00
C ASP H 167 -8.33 13.74 14.47
N SER H 168 -8.38 13.18 15.67
CA SER H 168 -9.63 12.71 16.27
C SER H 168 -10.04 13.57 17.45
N SER H 169 -9.63 14.84 17.44
CA SER H 169 -9.92 15.75 18.54
C SER H 169 -11.37 16.20 18.56
N GLY H 170 -12.06 16.05 17.44
CA GLY H 170 -13.45 16.48 17.33
C GLY H 170 -13.58 17.98 17.19
N ASN H 171 -12.45 18.67 17.04
CA ASN H 171 -12.42 20.13 16.91
C ASN H 171 -12.20 20.55 15.46
N ASP H 172 -13.28 20.81 14.74
CA ASP H 172 -13.17 21.09 13.31
C ASP H 172 -12.56 22.46 13.03
N GLY H 173 -12.78 23.41 13.93
CA GLY H 173 -12.12 24.70 13.80
C GLY H 173 -10.60 24.54 13.89
N ALA H 174 -10.15 23.70 14.81
CA ALA H 174 -8.72 23.50 15.00
C ALA H 174 -8.13 22.74 13.80
N ILE H 175 -8.86 21.76 13.30
CA ILE H 175 -8.41 21.03 12.11
C ILE H 175 -8.29 21.99 10.91
N ARG H 176 -9.30 22.82 10.72
CA ARG H 176 -9.28 23.80 9.64
C ARG H 176 -8.09 24.74 9.76
N SER H 177 -7.81 25.17 10.98
CA SER H 177 -6.69 26.08 11.21
C SER H 177 -5.35 25.42 10.87
N LEU H 178 -5.23 24.15 11.19
CA LEU H 178 -4.04 23.38 10.87
C LEU H 178 -3.88 23.25 9.34
N ILE H 179 -5.00 22.99 8.65
CA ILE H 179 -4.94 22.90 7.19
C ILE H 179 -4.48 24.24 6.59
N GLU H 180 -5.06 25.33 7.08
CA GLU H 180 -4.72 26.65 6.58
C GLU H 180 -3.24 26.96 6.84
N ALA H 181 -2.76 26.61 8.03
CA ALA H 181 -1.36 26.83 8.40
C ALA H 181 -0.44 25.98 7.55
N ARG H 182 -0.82 24.73 7.33
CA ARG H 182 -0.05 23.85 6.45
C ARG H 182 0.09 24.46 5.06
N ASP H 183 -1.04 24.87 4.48
CA ASP H 183 -1.05 25.39 3.12
C ASP H 183 -0.23 26.67 3.02
N ASP H 184 -0.38 27.55 4.02
CA ASP H 184 0.35 28.81 4.03
C ASP H 184 1.87 28.57 4.16
N ALA H 185 2.25 27.47 4.81
CA ALA H 185 3.67 27.09 4.97
C ALA H 185 4.21 26.32 3.78
N GLY H 186 3.37 26.12 2.78
CA GLY H 186 3.75 25.38 1.58
C GLY H 186 4.01 23.89 1.81
N LEU H 187 3.31 23.31 2.77
CA LEU H 187 3.52 21.90 3.11
C LEU H 187 2.35 20.99 2.68
N THR H 188 1.53 21.48 1.75
CA THR H 188 0.31 20.79 1.33
C THR H 188 0.57 19.37 0.82
N GLU H 189 1.57 19.23 -0.05
CA GLU H 189 1.94 17.95 -0.62
C GLU H 189 2.56 17.01 0.40
N GLN H 190 3.35 17.58 1.31
CA GLN H 190 4.18 16.82 2.23
C GLN H 190 3.45 16.24 3.42
N PHE H 191 2.34 16.86 3.81
CA PHE H 191 1.74 16.58 5.11
C PHE H 191 0.24 16.37 4.96
N LYS H 192 -0.20 15.12 5.03
CA LYS H 192 -1.60 14.80 4.81
C LYS H 192 -2.40 14.97 6.10
N ILE H 193 -3.57 15.58 5.99
CA ILE H 193 -4.41 15.81 7.16
C ILE H 193 -5.71 15.04 7.01
N LEU H 194 -5.88 14.04 7.87
CA LEU H 194 -7.03 13.15 7.81
C LEU H 194 -7.90 13.40 9.03
N THR H 195 -9.19 13.57 8.85
CA THR H 195 -10.07 13.75 10.01
C THR H 195 -10.54 12.40 10.56
N GLY H 196 -10.58 12.29 11.89
CA GLY H 196 -11.16 11.12 12.55
C GLY H 196 -12.67 11.28 12.75
N SER H 197 -13.22 12.38 12.26
CA SER H 197 -14.64 12.65 12.44
C SER H 197 -15.50 11.66 11.68
N GLU H 198 -16.60 11.26 12.27
CA GLU H 198 -17.56 10.44 11.55
C GLU H 198 -18.73 11.25 11.02
N THR H 199 -18.95 12.43 11.60
CA THR H 199 -20.17 13.18 11.33
C THR H 199 -19.94 14.55 10.70
N THR H 200 -18.67 14.93 10.54
CA THR H 200 -18.33 16.22 9.95
C THR H 200 -17.23 16.06 8.90
N VAL H 201 -17.36 14.99 8.12
CA VAL H 201 -16.43 14.69 7.04
C VAL H 201 -16.57 15.68 5.88
N ASP H 202 -17.80 16.03 5.55
CA ASP H 202 -18.03 17.02 4.51
C ASP H 202 -17.37 18.36 4.89
N PHE H 203 -17.46 18.76 6.16
CA PHE H 203 -16.76 19.94 6.66
C PHE H 203 -15.26 19.85 6.37
N ALA H 204 -14.66 18.73 6.75
CA ALA H 204 -13.22 18.56 6.61
C ALA H 204 -12.82 18.67 5.13
N TYR H 205 -13.60 18.06 4.24
CA TYR H 205 -13.28 18.13 2.81
C TYR H 205 -13.49 19.53 2.25
N LEU H 206 -14.50 20.25 2.73
CA LEU H 206 -14.74 21.61 2.28
C LEU H 206 -13.55 22.51 2.62
N ALA H 207 -12.91 22.23 3.75
CA ALA H 207 -11.74 22.98 4.17
C ALA H 207 -10.45 22.45 3.52
N GLY H 208 -10.54 21.37 2.77
CA GLY H 208 -9.39 20.86 2.04
C GLY H 208 -8.60 19.75 2.70
N ALA H 209 -9.22 19.03 3.63
CA ALA H 209 -8.58 17.85 4.20
C ALA H 209 -8.31 16.80 3.13
N ASP H 210 -7.40 15.91 3.42
CA ASP H 210 -6.99 14.89 2.46
C ASP H 210 -7.75 13.58 2.58
N GLY H 211 -8.50 13.40 3.66
CA GLY H 211 -9.21 12.15 3.83
C GLY H 211 -9.81 12.03 5.21
N VAL H 212 -10.21 10.81 5.52
CA VAL H 212 -11.02 10.57 6.71
C VAL H 212 -10.76 9.15 7.24
N VAL H 213 -10.69 9.04 8.56
CA VAL H 213 -10.48 7.77 9.24
C VAL H 213 -11.66 7.56 10.20
N PRO H 214 -12.79 7.08 9.66
CA PRO H 214 -14.04 7.01 10.43
C PRO H 214 -14.34 5.62 10.96
N GLY H 215 -14.50 5.49 12.27
CA GLY H 215 -14.87 4.19 12.86
C GLY H 215 -16.10 3.59 12.21
N LEU H 216 -17.13 4.41 12.00
CA LEU H 216 -18.37 3.98 11.38
C LEU H 216 -18.17 3.47 9.93
N GLY H 217 -17.02 3.80 9.35
CA GLY H 217 -16.69 3.30 8.02
C GLY H 217 -16.49 1.79 8.00
N ASN H 218 -16.27 1.19 9.16
CA ASN H 218 -16.28 -0.28 9.25
C ASN H 218 -17.64 -0.85 8.89
N VAL H 219 -18.69 -0.14 9.32
CA VAL H 219 -20.05 -0.61 9.08
C VAL H 219 -20.49 -0.26 7.68
N ASP H 220 -20.25 0.99 7.28
CA ASP H 220 -20.73 1.49 5.99
C ASP H 220 -19.60 2.13 5.16
N PRO H 221 -18.66 1.32 4.67
CA PRO H 221 -17.57 1.90 3.88
C PRO H 221 -18.09 2.56 2.60
N ALA H 222 -19.14 2.01 2.00
CA ALA H 222 -19.66 2.57 0.76
C ALA H 222 -20.24 3.98 0.94
N ALA H 223 -20.81 4.26 2.11
CA ALA H 223 -21.35 5.60 2.34
C ALA H 223 -20.23 6.62 2.37
N TYR H 224 -19.14 6.29 3.06
CA TYR H 224 -18.02 7.22 3.17
C TYR H 224 -17.28 7.34 1.85
N ALA H 225 -17.19 6.26 1.09
CA ALA H 225 -16.59 6.34 -0.24
C ALA H 225 -17.41 7.26 -1.14
N ALA H 226 -18.73 7.12 -1.09
CA ALA H 226 -19.63 7.93 -1.88
C ALA H 226 -19.56 9.39 -1.44
N LEU H 227 -19.43 9.61 -0.14
CA LEU H 227 -19.31 10.96 0.40
C LEU H 227 -18.04 11.64 -0.10
N ALA H 228 -16.91 10.92 -0.04
CA ALA H 228 -15.64 11.48 -0.49
C ALA H 228 -15.74 11.89 -1.95
N LYS H 229 -16.42 11.07 -2.75
CA LYS H 229 -16.52 11.33 -4.19
C LYS H 229 -17.34 12.59 -4.46
N LEU H 230 -18.44 12.75 -3.73
CA LEU H 230 -19.27 13.95 -3.84
C LEU H 230 -18.46 15.19 -3.50
N CYS H 231 -17.69 15.10 -2.42
CA CYS H 231 -16.91 16.25 -1.95
C CYS H 231 -15.83 16.61 -2.96
N LEU H 232 -15.16 15.59 -3.52
CA LEU H 232 -14.10 15.84 -4.49
C LEU H 232 -14.66 16.44 -5.78
N ASP H 233 -15.92 16.15 -6.10
CA ASP H 233 -16.57 16.69 -7.28
C ASP H 233 -17.26 18.02 -6.99
N GLY H 234 -17.08 18.53 -5.77
CA GLY H 234 -17.66 19.81 -5.40
C GLY H 234 -19.17 19.83 -5.28
N LYS H 235 -19.78 18.67 -5.06
CA LYS H 235 -21.23 18.60 -4.90
C LYS H 235 -21.57 18.71 -3.42
N TRP H 236 -21.44 19.92 -2.88
CA TRP H 236 -21.50 20.09 -1.44
C TRP H 236 -22.90 19.91 -0.85
N ALA H 237 -23.94 20.38 -1.54
CA ALA H 237 -25.30 20.17 -1.05
C ALA H 237 -25.62 18.67 -0.99
N GLU H 238 -25.28 17.94 -2.05
CA GLU H 238 -25.48 16.50 -2.07
CA GLU H 238 -25.50 16.50 -2.05
C GLU H 238 -24.64 15.81 -0.98
N ALA H 239 -23.43 16.30 -0.79
CA ALA H 239 -22.55 15.75 0.23
C ALA H 239 -23.17 15.91 1.61
N ALA H 240 -23.70 17.11 1.88
CA ALA H 240 -24.28 17.39 3.19
C ALA H 240 -25.52 16.52 3.44
N ALA H 241 -26.29 16.25 2.40
CA ALA H 241 -27.45 15.36 2.51
C ALA H 241 -27.00 13.94 2.85
N LEU H 242 -25.94 13.45 2.19
CA LEU H 242 -25.45 12.12 2.50
C LEU H 242 -24.84 12.05 3.90
N GLN H 243 -24.08 13.07 4.27
CA GLN H 243 -23.51 13.13 5.62
C GLN H 243 -24.64 13.07 6.66
N LYS H 244 -25.75 13.74 6.38
CA LYS H 244 -26.87 13.72 7.33
C LYS H 244 -27.40 12.29 7.51
N ARG H 245 -27.49 11.54 6.43
CA ARG H 245 -27.95 10.15 6.51
CA ARG H 245 -27.93 10.14 6.49
C ARG H 245 -26.96 9.29 7.30
N ILE H 246 -25.67 9.46 7.01
CA ILE H 246 -24.62 8.79 7.76
C ILE H 246 -24.72 9.10 9.27
N ASN H 247 -25.04 10.35 9.59
CA ASN H 247 -25.17 10.79 10.97
C ASN H 247 -26.34 10.13 11.68
N HIS H 248 -27.32 9.68 10.91
CA HIS H 248 -28.41 8.92 11.51
C HIS H 248 -28.05 7.45 11.70
N LEU H 249 -27.26 6.87 10.78
CA LEU H 249 -26.73 5.55 11.03
C LEU H 249 -25.84 5.58 12.27
N PHE H 250 -25.16 6.70 12.47
CA PHE H 250 -24.25 6.85 13.59
C PHE H 250 -24.96 6.72 14.96
N HIS H 251 -26.29 6.87 14.96
CA HIS H 251 -27.04 6.73 16.20
C HIS H 251 -26.84 5.35 16.85
N ILE H 252 -26.31 4.38 16.10
CA ILE H 252 -26.06 3.07 16.71
C ILE H 252 -25.08 3.17 17.88
N VAL H 253 -24.23 4.19 17.92
CA VAL H 253 -23.27 4.30 19.01
C VAL H 253 -23.88 4.86 20.30
N PHE H 254 -25.11 5.35 20.22
CA PHE H 254 -25.75 5.96 21.40
C PHE H 254 -26.83 5.05 21.98
N VAL H 255 -26.92 3.84 21.44
CA VAL H 255 -27.94 2.91 21.91
C VAL H 255 -27.60 2.33 23.27
N GLY H 256 -26.38 1.80 23.40
CA GLY H 256 -25.90 1.29 24.67
C GLY H 256 -26.06 2.28 25.81
N ASP H 257 -26.61 1.79 26.94
CA ASP H 257 -26.84 2.62 28.12
C ASP H 257 -25.55 2.90 28.88
N THR H 258 -25.03 4.11 28.74
CA THR H 258 -23.74 4.44 29.33
C THR H 258 -23.84 4.71 30.83
N SER H 259 -25.01 4.48 31.42
CA SER H 259 -25.11 4.54 32.87
C SER H 259 -24.42 3.31 33.48
N HIS H 260 -24.20 2.29 32.67
CA HIS H 260 -23.51 1.09 33.16
C HIS H 260 -22.58 0.47 32.12
N MET H 261 -22.09 1.21 31.10
CA MET H 261 -20.91 0.87 30.28
C MET H 261 -20.21 2.15 29.84
N SER H 262 -18.95 1.90 29.39
CA SER H 262 -18.17 2.98 28.79
C SER H 262 -18.65 3.37 27.40
N GLY H 263 -18.12 4.47 26.89
CA GLY H 263 -18.43 4.89 25.53
C GLY H 263 -17.87 3.91 24.53
N SER H 264 -16.79 3.24 24.91
CA SER H 264 -16.18 2.23 24.04
C SER H 264 -17.10 1.04 23.91
N SER H 265 -17.64 0.57 25.03
CA SER H 265 -18.58 -0.54 25.02
C SER H 265 -19.78 -0.24 24.14
N ALA H 266 -20.32 0.96 24.26
CA ALA H 266 -21.50 1.34 23.50
C ALA H 266 -21.16 1.59 22.02
N GLY H 267 -20.05 2.27 21.79
CA GLY H 267 -19.68 2.67 20.44
C GLY H 267 -19.14 1.52 19.62
N LEU H 268 -18.04 0.93 20.09
CA LEU H 268 -17.44 -0.20 19.37
C LEU H 268 -18.37 -1.40 19.40
N GLY H 269 -19.07 -1.58 20.52
CA GLY H 269 -20.11 -2.58 20.59
C GLY H 269 -21.20 -2.37 19.54
N GLY H 270 -21.62 -1.12 19.34
CA GLY H 270 -22.61 -0.82 18.33
C GLY H 270 -22.15 -1.15 16.92
N PHE H 271 -20.89 -0.86 16.62
CA PHE H 271 -20.30 -1.20 15.32
C PHE H 271 -20.29 -2.72 15.08
N LYS H 272 -19.80 -3.47 16.06
CA LYS H 272 -19.70 -4.92 15.91
C LYS H 272 -21.08 -5.55 15.83
N THR H 273 -22.03 -5.01 16.58
CA THR H 273 -23.40 -5.47 16.50
C THR H 273 -23.94 -5.27 15.10
N ALA H 274 -23.64 -4.12 14.51
CA ALA H 274 -24.07 -3.84 13.16
C ALA H 274 -23.39 -4.81 12.18
N LEU H 275 -22.11 -5.06 12.41
CA LEU H 275 -21.35 -5.93 11.50
C LEU H 275 -21.85 -7.36 11.55
N ALA H 276 -22.21 -7.83 12.74
CA ALA H 276 -22.73 -9.18 12.89
C ALA H 276 -24.10 -9.29 12.23
N HIS H 277 -24.90 -8.22 12.34
CA HIS H 277 -26.22 -8.17 11.74
C HIS H 277 -26.13 -8.18 10.21
N LEU H 278 -25.04 -7.63 9.67
CA LEU H 278 -24.82 -7.61 8.23
C LEU H 278 -24.14 -8.89 7.75
N GLY H 279 -23.83 -9.78 8.68
CA GLY H 279 -23.23 -11.07 8.35
C GLY H 279 -21.76 -11.00 8.00
N ILE H 280 -21.14 -9.87 8.32
CA ILE H 280 -19.73 -9.68 8.00
C ILE H 280 -18.82 -10.36 9.02
N ILE H 281 -19.22 -10.34 10.30
CA ILE H 281 -18.41 -11.01 11.32
C ILE H 281 -19.30 -11.98 12.09
N GLU H 282 -18.67 -12.89 12.81
CA GLU H 282 -19.38 -13.96 13.50
C GLU H 282 -20.29 -13.42 14.61
N SER H 283 -19.73 -12.60 15.50
CA SER H 283 -20.47 -12.08 16.65
C SER H 283 -19.96 -10.70 17.05
N ASN H 284 -20.65 -10.08 18.01
CA ASN H 284 -20.22 -8.77 18.50
C ASN H 284 -19.37 -8.88 19.75
N ALA H 285 -18.75 -10.04 19.94
CA ALA H 285 -17.85 -10.26 21.06
C ALA H 285 -16.82 -9.14 21.20
N MET H 286 -16.67 -8.64 22.42
CA MET H 286 -15.77 -7.54 22.73
C MET H 286 -14.67 -7.99 23.70
N ALA H 287 -13.56 -7.26 23.72
CA ALA H 287 -12.49 -7.59 24.65
C ALA H 287 -12.81 -7.14 26.07
N VAL H 288 -12.31 -7.89 27.05
CA VAL H 288 -12.44 -7.53 28.46
C VAL H 288 -11.69 -6.21 28.72
N PRO H 289 -12.28 -5.30 29.51
CA PRO H 289 -13.55 -5.45 30.25
C PRO H 289 -14.78 -4.78 29.64
N HIS H 290 -14.93 -4.77 28.32
CA HIS H 290 -16.13 -4.23 27.70
C HIS H 290 -17.40 -4.90 28.23
N GLN H 291 -18.48 -4.13 28.31
CA GLN H 291 -19.78 -4.68 28.69
C GLN H 291 -20.56 -5.08 27.45
N SER H 292 -21.38 -6.13 27.58
CA SER H 292 -22.16 -6.58 26.44
C SER H 292 -23.43 -5.75 26.31
N LEU H 293 -23.84 -5.53 25.06
CA LEU H 293 -25.11 -4.87 24.80
C LEU H 293 -26.25 -5.84 25.03
N SER H 294 -27.34 -5.33 25.58
CA SER H 294 -28.51 -6.16 25.83
C SER H 294 -29.21 -6.54 24.53
N ASP H 295 -30.15 -7.48 24.60
CA ASP H 295 -30.92 -7.86 23.42
C ASP H 295 -31.79 -6.72 22.91
N GLU H 296 -32.28 -5.90 23.82
CA GLU H 296 -33.12 -4.77 23.46
C GLU H 296 -32.27 -3.71 22.77
N GLU H 297 -31.05 -3.54 23.27
CA GLU H 297 -30.11 -2.61 22.64
C GLU H 297 -29.71 -3.11 21.24
N THR H 298 -29.45 -4.41 21.09
CA THR H 298 -29.05 -4.90 19.77
C THR H 298 -30.20 -4.81 18.77
N ALA H 299 -31.44 -4.98 19.24
CA ALA H 299 -32.58 -4.87 18.34
C ALA H 299 -32.75 -3.44 17.80
N ARG H 300 -32.51 -2.46 18.68
CA ARG H 300 -32.58 -1.06 18.27
C ARG H 300 -31.49 -0.73 17.26
N ILE H 301 -30.32 -1.32 17.45
CA ILE H 301 -29.19 -1.14 16.53
C ILE H 301 -29.52 -1.73 15.16
N HIS H 302 -30.11 -2.93 15.14
CA HIS H 302 -30.51 -3.54 13.88
C HIS H 302 -31.48 -2.66 13.10
N ALA H 303 -32.41 -2.04 13.81
CA ALA H 303 -33.42 -1.20 13.17
C ALA H 303 -32.82 0.07 12.57
N ILE H 304 -31.82 0.63 13.26
CA ILE H 304 -31.14 1.83 12.77
C ILE H 304 -30.34 1.47 11.51
N VAL H 305 -29.66 0.34 11.56
CA VAL H 305 -28.90 -0.14 10.40
C VAL H 305 -29.82 -0.41 9.22
N ASP H 306 -30.94 -1.08 9.47
CA ASP H 306 -31.89 -1.36 8.39
C ASP H 306 -32.37 -0.09 7.71
N GLU H 307 -32.58 0.98 8.48
CA GLU H 307 -33.14 2.19 7.92
C GLU H 307 -32.11 3.08 7.21
N PHE H 308 -30.89 3.17 7.74
CA PHE H 308 -29.98 4.21 7.28
C PHE H 308 -28.69 3.75 6.58
N LEU H 309 -28.45 2.45 6.55
CA LEU H 309 -27.31 1.93 5.80
C LEU H 309 -27.42 2.40 4.35
N TYR H 310 -26.29 2.80 3.79
CA TYR H 310 -26.27 3.33 2.44
C TYR H 310 -26.54 2.19 1.46
N THR H 311 -27.44 2.42 0.53
CA THR H 311 -27.64 1.45 -0.55
C THR H 311 -27.28 2.12 -1.88
N ALA H 312 -26.14 1.72 -2.43
CA ALA H 312 -25.54 2.37 -3.61
C ALA H 312 -26.51 2.46 -4.79
C1 GOL I . -2.58 -35.94 -30.35
O1 GOL I . -3.90 -36.14 -30.81
C2 GOL I . -2.67 -35.43 -28.93
O2 GOL I . -3.10 -34.08 -28.98
C3 GOL I . -1.30 -35.64 -28.27
O3 GOL I . -1.23 -34.88 -27.09
C1 GOL J . 26.67 -25.81 -45.02
O1 GOL J . 25.55 -24.95 -45.06
C2 GOL J . 27.65 -25.32 -43.96
O2 GOL J . 28.39 -26.39 -43.41
C3 GOL J . 26.90 -24.62 -42.85
O3 GOL J . 27.57 -23.42 -42.60
C1 GOL K . 29.15 -21.76 -39.95
O1 GOL K . 29.42 -22.93 -39.17
C2 GOL K . 28.86 -20.55 -39.08
O2 GOL K . 28.52 -19.48 -39.93
C3 GOL K . 30.15 -20.12 -38.42
O3 GOL K . 30.66 -21.19 -37.75
C1 GOL L . 22.27 -9.84 -16.82
O1 GOL L . 20.93 -10.23 -16.66
C2 GOL L . 22.50 -9.73 -18.32
O2 GOL L . 23.63 -10.50 -18.71
C3 GOL L . 22.68 -8.25 -18.64
O3 GOL L . 23.95 -7.83 -18.19
C1 GOL M . -5.55 -7.18 -39.38
O1 GOL M . -5.45 -8.19 -38.39
C2 GOL M . -5.50 -5.82 -38.69
O2 GOL M . -6.35 -5.85 -37.56
C3 GOL M . -4.07 -5.50 -38.31
O3 GOL M . -3.30 -5.58 -39.48
C1 GOL N . -6.74 -11.32 -36.00
O1 GOL N . -7.84 -11.06 -36.85
C2 GOL N . -6.87 -11.07 -34.55
O2 GOL N . -6.58 -12.33 -33.83
C3 GOL N . -5.88 -9.97 -34.22
O3 GOL N . -6.12 -8.75 -34.90
C1 GOL O . -21.19 22.59 51.59
O1 GOL O . -21.77 22.46 50.32
C2 GOL O . -19.93 23.46 51.53
O2 GOL O . -19.59 23.90 52.82
C3 GOL O . -18.78 22.62 50.99
O3 GOL O . -18.67 21.47 51.79
C1 GOL P . -12.75 37.16 21.06
O1 GOL P . -11.67 36.56 21.73
C2 GOL P . -13.55 36.07 20.35
O2 GOL P . -14.65 36.61 19.65
C3 GOL P . -12.58 35.42 19.38
O3 GOL P . -12.83 34.04 19.37
C1 GOL Q . 7.88 12.76 41.73
O1 GOL Q . 7.72 13.23 40.41
C2 GOL Q . 6.73 11.84 42.09
O2 GOL Q . 7.13 10.93 43.10
C3 GOL Q . 5.57 12.69 42.61
O3 GOL Q . 6.09 13.78 43.33
C1 GOL R . -16.43 7.05 18.23
O1 GOL R . -17.36 7.75 17.45
C2 GOL R . -16.43 5.61 17.75
O2 GOL R . -15.54 5.50 16.66
C3 GOL R . -16.00 4.70 18.88
O3 GOL R . -16.90 4.86 19.95
#